data_3K8U
# 
_entry.id   3K8U 
# 
_audit_conform.dict_name       mmcif_pdbx.dic 
_audit_conform.dict_version    5.388 
_audit_conform.dict_location   http://mmcif.pdb.org/dictionaries/ascii/mmcif_pdbx.dic 
# 
loop_
_database_2.database_id 
_database_2.database_code 
_database_2.pdbx_database_accession 
_database_2.pdbx_DOI 
PDB   3K8U         pdb_00003k8u 10.2210/pdb3k8u/pdb 
RCSB  RCSB055691   ?            ?                   
WWPDB D_1000055691 ?            ?                   
# 
loop_
_pdbx_audit_revision_history.ordinal 
_pdbx_audit_revision_history.data_content_type 
_pdbx_audit_revision_history.major_revision 
_pdbx_audit_revision_history.minor_revision 
_pdbx_audit_revision_history.revision_date 
1 'Structure model' 1 0 2010-02-23 
2 'Structure model' 1 1 2011-07-13 
3 'Structure model' 1 2 2014-02-26 
4 'Structure model' 1 3 2024-03-20 
# 
_pdbx_audit_revision_details.ordinal             1 
_pdbx_audit_revision_details.revision_ordinal    1 
_pdbx_audit_revision_details.data_content_type   'Structure model' 
_pdbx_audit_revision_details.provider            repository 
_pdbx_audit_revision_details.type                'Initial release' 
_pdbx_audit_revision_details.description         ? 
_pdbx_audit_revision_details.details             ? 
# 
loop_
_pdbx_audit_revision_group.ordinal 
_pdbx_audit_revision_group.revision_ordinal 
_pdbx_audit_revision_group.data_content_type 
_pdbx_audit_revision_group.group 
1 2 'Structure model' 'Version format compliance' 
2 3 'Structure model' 'Database references'       
3 4 'Structure model' 'Data collection'           
4 4 'Structure model' 'Database references'       
# 
loop_
_pdbx_audit_revision_category.ordinal 
_pdbx_audit_revision_category.revision_ordinal 
_pdbx_audit_revision_category.data_content_type 
_pdbx_audit_revision_category.category 
1 4 'Structure model' chem_comp_atom     
2 4 'Structure model' chem_comp_bond     
3 4 'Structure model' database_2         
4 4 'Structure model' struct_ref_seq_dif 
# 
loop_
_pdbx_audit_revision_item.ordinal 
_pdbx_audit_revision_item.revision_ordinal 
_pdbx_audit_revision_item.data_content_type 
_pdbx_audit_revision_item.item 
1 4 'Structure model' '_database_2.pdbx_DOI'                
2 4 'Structure model' '_database_2.pdbx_database_accession' 
3 4 'Structure model' '_struct_ref_seq_dif.details'         
# 
_pdbx_database_status.status_code                     REL 
_pdbx_database_status.entry_id                        3K8U 
_pdbx_database_status.recvd_initial_deposition_date   2009-10-14 
_pdbx_database_status.deposit_site                    RCSB 
_pdbx_database_status.process_site                    PDBJ 
_pdbx_database_status.status_code_sf                  REL 
_pdbx_database_status.status_code_mr                  ? 
_pdbx_database_status.SG_entry                        ? 
_pdbx_database_status.status_code_cs                  ? 
_pdbx_database_status.pdb_format_compatible           Y 
_pdbx_database_status.status_code_nmr_data            ? 
_pdbx_database_status.methods_development_category    ? 
# 
loop_
_audit_author.name 
_audit_author.pdbx_ordinal 
'Ishii, S.'   1 
'Yano, T.'    2 
'Ebihara, A.' 3 
'Okamoto, A.' 4 
'Manzoku, M.' 5 
'Hayashi, H.' 6 
# 
_citation.id                        primary 
_citation.title                     
;Crystal structure of the peptidase domain of Streptococcus ComA, a bifunctional ATP-binding cassette transporter involved in the quorum-sensing pathway
;
_citation.journal_abbrev            J.Biol.Chem. 
_citation.journal_volume            285 
_citation.page_first                10777 
_citation.page_last                 10785 
_citation.year                      2010 
_citation.journal_id_ASTM           JBCHA3 
_citation.country                   US 
_citation.journal_id_ISSN           0021-9258 
_citation.journal_id_CSD            0071 
_citation.book_publisher            ? 
_citation.pdbx_database_id_PubMed   20100826 
_citation.pdbx_database_id_DOI      10.1074/jbc.M109.093781 
# 
loop_
_citation_author.citation_id 
_citation_author.name 
_citation_author.ordinal 
_citation_author.identifier_ORCID 
primary 'Ishii, S.'   1 ? 
primary 'Yano, T.'    2 ? 
primary 'Ebihara, A.' 3 ? 
primary 'Okamoto, A.' 4 ? 
primary 'Manzoku, M.' 5 ? 
primary 'Hayashi, H.' 6 ? 
# 
loop_
_entity.id 
_entity.type 
_entity.src_method 
_entity.pdbx_description 
_entity.formula_weight 
_entity.pdbx_number_of_molecules 
_entity.pdbx_ec 
_entity.pdbx_mutation 
_entity.pdbx_fragment 
_entity.details 
1 polymer man 'Putative ABC transporter, ATP-binding protein ComA' 17992.570 1  ? ? 'peptidase domain, residues 45-194' ? 
2 water   nat water                                                18.015    95 ? ? ?                                   ? 
# 
_entity_poly.entity_id                      1 
_entity_poly.type                           'polypeptide(L)' 
_entity_poly.nstd_linkage                   no 
_entity_poly.nstd_monomer                   no 
_entity_poly.pdbx_seq_one_letter_code       
;MWRRHYKLVPQIDTRDCGPAVLASVAKHYGSNYSIAYLRELSKTNKQGTTALGIVEAAKKLGFETRSIKADMTLFDYNDL
TYPFIVHVIKGKRLQHYYVVYGSQNNQLIIGDPDPSVKVTRMSKERFQSEWTGLAIFLAPQPNYKPHKGEHHHHHH
;
_entity_poly.pdbx_seq_one_letter_code_can   
;MWRRHYKLVPQIDTRDCGPAVLASVAKHYGSNYSIAYLRELSKTNKQGTTALGIVEAAKKLGFETRSIKADMTLFDYNDL
TYPFIVHVIKGKRLQHYYVVYGSQNNQLIIGDPDPSVKVTRMSKERFQSEWTGLAIFLAPQPNYKPHKGEHHHHHH
;
_entity_poly.pdbx_strand_id                 A 
_entity_poly.pdbx_target_identifier         ? 
# 
_pdbx_entity_nonpoly.entity_id   2 
_pdbx_entity_nonpoly.name        water 
_pdbx_entity_nonpoly.comp_id     HOH 
# 
loop_
_entity_poly_seq.entity_id 
_entity_poly_seq.num 
_entity_poly_seq.mon_id 
_entity_poly_seq.hetero 
1 1   MET n 
1 2   TRP n 
1 3   ARG n 
1 4   ARG n 
1 5   HIS n 
1 6   TYR n 
1 7   LYS n 
1 8   LEU n 
1 9   VAL n 
1 10  PRO n 
1 11  GLN n 
1 12  ILE n 
1 13  ASP n 
1 14  THR n 
1 15  ARG n 
1 16  ASP n 
1 17  CYS n 
1 18  GLY n 
1 19  PRO n 
1 20  ALA n 
1 21  VAL n 
1 22  LEU n 
1 23  ALA n 
1 24  SER n 
1 25  VAL n 
1 26  ALA n 
1 27  LYS n 
1 28  HIS n 
1 29  TYR n 
1 30  GLY n 
1 31  SER n 
1 32  ASN n 
1 33  TYR n 
1 34  SER n 
1 35  ILE n 
1 36  ALA n 
1 37  TYR n 
1 38  LEU n 
1 39  ARG n 
1 40  GLU n 
1 41  LEU n 
1 42  SER n 
1 43  LYS n 
1 44  THR n 
1 45  ASN n 
1 46  LYS n 
1 47  GLN n 
1 48  GLY n 
1 49  THR n 
1 50  THR n 
1 51  ALA n 
1 52  LEU n 
1 53  GLY n 
1 54  ILE n 
1 55  VAL n 
1 56  GLU n 
1 57  ALA n 
1 58  ALA n 
1 59  LYS n 
1 60  LYS n 
1 61  LEU n 
1 62  GLY n 
1 63  PHE n 
1 64  GLU n 
1 65  THR n 
1 66  ARG n 
1 67  SER n 
1 68  ILE n 
1 69  LYS n 
1 70  ALA n 
1 71  ASP n 
1 72  MET n 
1 73  THR n 
1 74  LEU n 
1 75  PHE n 
1 76  ASP n 
1 77  TYR n 
1 78  ASN n 
1 79  ASP n 
1 80  LEU n 
1 81  THR n 
1 82  TYR n 
1 83  PRO n 
1 84  PHE n 
1 85  ILE n 
1 86  VAL n 
1 87  HIS n 
1 88  VAL n 
1 89  ILE n 
1 90  LYS n 
1 91  GLY n 
1 92  LYS n 
1 93  ARG n 
1 94  LEU n 
1 95  GLN n 
1 96  HIS n 
1 97  TYR n 
1 98  TYR n 
1 99  VAL n 
1 100 VAL n 
1 101 TYR n 
1 102 GLY n 
1 103 SER n 
1 104 GLN n 
1 105 ASN n 
1 106 ASN n 
1 107 GLN n 
1 108 LEU n 
1 109 ILE n 
1 110 ILE n 
1 111 GLY n 
1 112 ASP n 
1 113 PRO n 
1 114 ASP n 
1 115 PRO n 
1 116 SER n 
1 117 VAL n 
1 118 LYS n 
1 119 VAL n 
1 120 THR n 
1 121 ARG n 
1 122 MET n 
1 123 SER n 
1 124 LYS n 
1 125 GLU n 
1 126 ARG n 
1 127 PHE n 
1 128 GLN n 
1 129 SER n 
1 130 GLU n 
1 131 TRP n 
1 132 THR n 
1 133 GLY n 
1 134 LEU n 
1 135 ALA n 
1 136 ILE n 
1 137 PHE n 
1 138 LEU n 
1 139 ALA n 
1 140 PRO n 
1 141 GLN n 
1 142 PRO n 
1 143 ASN n 
1 144 TYR n 
1 145 LYS n 
1 146 PRO n 
1 147 HIS n 
1 148 LYS n 
1 149 GLY n 
1 150 GLU n 
1 151 HIS n 
1 152 HIS n 
1 153 HIS n 
1 154 HIS n 
1 155 HIS n 
1 156 HIS n 
# 
_entity_src_gen.entity_id                          1 
_entity_src_gen.pdbx_src_id                        1 
_entity_src_gen.pdbx_alt_source_flag               sample 
_entity_src_gen.pdbx_seq_type                      ? 
_entity_src_gen.pdbx_beg_seq_num                   ? 
_entity_src_gen.pdbx_end_seq_num                   ? 
_entity_src_gen.gene_src_common_name               ? 
_entity_src_gen.gene_src_genus                     ? 
_entity_src_gen.pdbx_gene_src_gene                 ? 
_entity_src_gen.gene_src_species                   ? 
_entity_src_gen.gene_src_strain                    ? 
_entity_src_gen.gene_src_tissue                    ? 
_entity_src_gen.gene_src_tissue_fraction           ? 
_entity_src_gen.gene_src_details                   ? 
_entity_src_gen.pdbx_gene_src_fragment             ? 
_entity_src_gen.pdbx_gene_src_scientific_name      'Streptococcus mutans' 
_entity_src_gen.pdbx_gene_src_ncbi_taxonomy_id     1309 
_entity_src_gen.pdbx_gene_src_variant              ? 
_entity_src_gen.pdbx_gene_src_cell_line            ? 
_entity_src_gen.pdbx_gene_src_atcc                 ? 
_entity_src_gen.pdbx_gene_src_organ                ? 
_entity_src_gen.pdbx_gene_src_organelle            ? 
_entity_src_gen.pdbx_gene_src_cell                 ? 
_entity_src_gen.pdbx_gene_src_cellular_location    ? 
_entity_src_gen.host_org_common_name               ? 
_entity_src_gen.pdbx_host_org_scientific_name      'Escherichia coli' 
_entity_src_gen.pdbx_host_org_ncbi_taxonomy_id     562 
_entity_src_gen.host_org_genus                     ? 
_entity_src_gen.pdbx_host_org_gene                 ? 
_entity_src_gen.pdbx_host_org_organ                ? 
_entity_src_gen.host_org_species                   ? 
_entity_src_gen.pdbx_host_org_tissue               ? 
_entity_src_gen.pdbx_host_org_tissue_fraction      ? 
_entity_src_gen.pdbx_host_org_strain               'B834(DE3)' 
_entity_src_gen.pdbx_host_org_variant              ? 
_entity_src_gen.pdbx_host_org_cell_line            ? 
_entity_src_gen.pdbx_host_org_atcc                 ? 
_entity_src_gen.pdbx_host_org_culture_collection   ? 
_entity_src_gen.pdbx_host_org_cell                 ? 
_entity_src_gen.pdbx_host_org_organelle            ? 
_entity_src_gen.pdbx_host_org_cellular_location    ? 
_entity_src_gen.pdbx_host_org_vector_type          plasmid 
_entity_src_gen.pdbx_host_org_vector               ? 
_entity_src_gen.host_org_details                   ? 
_entity_src_gen.expression_system_id               ? 
_entity_src_gen.plasmid_name                       pET-21b 
_entity_src_gen.plasmid_details                    ? 
_entity_src_gen.pdbx_description                   ? 
# 
loop_
_chem_comp.id 
_chem_comp.type 
_chem_comp.mon_nstd_flag 
_chem_comp.name 
_chem_comp.pdbx_synonyms 
_chem_comp.formula 
_chem_comp.formula_weight 
ALA 'L-peptide linking' y ALANINE         ? 'C3 H7 N O2'     89.093  
ARG 'L-peptide linking' y ARGININE        ? 'C6 H15 N4 O2 1' 175.209 
ASN 'L-peptide linking' y ASPARAGINE      ? 'C4 H8 N2 O3'    132.118 
ASP 'L-peptide linking' y 'ASPARTIC ACID' ? 'C4 H7 N O4'     133.103 
CYS 'L-peptide linking' y CYSTEINE        ? 'C3 H7 N O2 S'   121.158 
GLN 'L-peptide linking' y GLUTAMINE       ? 'C5 H10 N2 O3'   146.144 
GLU 'L-peptide linking' y 'GLUTAMIC ACID' ? 'C5 H9 N O4'     147.129 
GLY 'peptide linking'   y GLYCINE         ? 'C2 H5 N O2'     75.067  
HIS 'L-peptide linking' y HISTIDINE       ? 'C6 H10 N3 O2 1' 156.162 
HOH non-polymer         . WATER           ? 'H2 O'           18.015  
ILE 'L-peptide linking' y ISOLEUCINE      ? 'C6 H13 N O2'    131.173 
LEU 'L-peptide linking' y LEUCINE         ? 'C6 H13 N O2'    131.173 
LYS 'L-peptide linking' y LYSINE          ? 'C6 H15 N2 O2 1' 147.195 
MET 'L-peptide linking' y METHIONINE      ? 'C5 H11 N O2 S'  149.211 
PHE 'L-peptide linking' y PHENYLALANINE   ? 'C9 H11 N O2'    165.189 
PRO 'L-peptide linking' y PROLINE         ? 'C5 H9 N O2'     115.130 
SER 'L-peptide linking' y SERINE          ? 'C3 H7 N O3'     105.093 
THR 'L-peptide linking' y THREONINE       ? 'C4 H9 N O3'     119.119 
TRP 'L-peptide linking' y TRYPTOPHAN      ? 'C11 H12 N2 O2'  204.225 
TYR 'L-peptide linking' y TYROSINE        ? 'C9 H11 N O3'    181.189 
VAL 'L-peptide linking' y VALINE          ? 'C5 H11 N O2'    117.146 
# 
loop_
_pdbx_poly_seq_scheme.asym_id 
_pdbx_poly_seq_scheme.entity_id 
_pdbx_poly_seq_scheme.seq_id 
_pdbx_poly_seq_scheme.mon_id 
_pdbx_poly_seq_scheme.ndb_seq_num 
_pdbx_poly_seq_scheme.pdb_seq_num 
_pdbx_poly_seq_scheme.auth_seq_num 
_pdbx_poly_seq_scheme.pdb_mon_id 
_pdbx_poly_seq_scheme.auth_mon_id 
_pdbx_poly_seq_scheme.pdb_strand_id 
_pdbx_poly_seq_scheme.pdb_ins_code 
_pdbx_poly_seq_scheme.hetero 
A 1 1   MET 1   1   ?   ?   ?   A . n 
A 1 2   TRP 2   2   ?   ?   ?   A . n 
A 1 3   ARG 3   3   ?   ?   ?   A . n 
A 1 4   ARG 4   4   ?   ?   ?   A . n 
A 1 5   HIS 5   5   5   HIS HIS A . n 
A 1 6   TYR 6   6   6   TYR TYR A . n 
A 1 7   LYS 7   7   7   LYS LYS A . n 
A 1 8   LEU 8   8   8   LEU LEU A . n 
A 1 9   VAL 9   9   9   VAL VAL A . n 
A 1 10  PRO 10  10  10  PRO PRO A . n 
A 1 11  GLN 11  11  11  GLN GLN A . n 
A 1 12  ILE 12  12  12  ILE ILE A . n 
A 1 13  ASP 13  13  13  ASP ASP A . n 
A 1 14  THR 14  14  14  THR THR A . n 
A 1 15  ARG 15  15  15  ARG ARG A . n 
A 1 16  ASP 16  16  16  ASP ASP A . n 
A 1 17  CYS 17  17  17  CYS CYS A . n 
A 1 18  GLY 18  18  18  GLY GLY A . n 
A 1 19  PRO 19  19  19  PRO PRO A . n 
A 1 20  ALA 20  20  20  ALA ALA A . n 
A 1 21  VAL 21  21  21  VAL VAL A . n 
A 1 22  LEU 22  22  22  LEU LEU A . n 
A 1 23  ALA 23  23  23  ALA ALA A . n 
A 1 24  SER 24  24  24  SER SER A . n 
A 1 25  VAL 25  25  25  VAL VAL A . n 
A 1 26  ALA 26  26  26  ALA ALA A . n 
A 1 27  LYS 27  27  27  LYS LYS A . n 
A 1 28  HIS 28  28  28  HIS HIS A . n 
A 1 29  TYR 29  29  29  TYR TYR A . n 
A 1 30  GLY 30  30  30  GLY GLY A . n 
A 1 31  SER 31  31  31  SER SER A . n 
A 1 32  ASN 32  32  32  ASN ASN A . n 
A 1 33  TYR 33  33  33  TYR TYR A . n 
A 1 34  SER 34  34  34  SER SER A . n 
A 1 35  ILE 35  35  35  ILE ILE A . n 
A 1 36  ALA 36  36  36  ALA ALA A . n 
A 1 37  TYR 37  37  37  TYR TYR A . n 
A 1 38  LEU 38  38  38  LEU LEU A . n 
A 1 39  ARG 39  39  39  ARG ARG A . n 
A 1 40  GLU 40  40  40  GLU GLU A . n 
A 1 41  LEU 41  41  41  LEU LEU A . n 
A 1 42  SER 42  42  42  SER SER A . n 
A 1 43  LYS 43  43  43  LYS LYS A . n 
A 1 44  THR 44  44  44  THR THR A . n 
A 1 45  ASN 45  45  45  ASN ASN A . n 
A 1 46  LYS 46  46  46  LYS LYS A . n 
A 1 47  GLN 47  47  47  GLN GLN A . n 
A 1 48  GLY 48  48  48  GLY GLY A . n 
A 1 49  THR 49  49  49  THR THR A . n 
A 1 50  THR 50  50  50  THR THR A . n 
A 1 51  ALA 51  51  51  ALA ALA A . n 
A 1 52  LEU 52  52  52  LEU LEU A . n 
A 1 53  GLY 53  53  53  GLY GLY A . n 
A 1 54  ILE 54  54  54  ILE ILE A . n 
A 1 55  VAL 55  55  55  VAL VAL A . n 
A 1 56  GLU 56  56  56  GLU GLU A . n 
A 1 57  ALA 57  57  57  ALA ALA A . n 
A 1 58  ALA 58  58  58  ALA ALA A . n 
A 1 59  LYS 59  59  59  LYS LYS A . n 
A 1 60  LYS 60  60  60  LYS LYS A . n 
A 1 61  LEU 61  61  61  LEU LEU A . n 
A 1 62  GLY 62  62  62  GLY GLY A . n 
A 1 63  PHE 63  63  63  PHE PHE A . n 
A 1 64  GLU 64  64  64  GLU GLU A . n 
A 1 65  THR 65  65  65  THR THR A . n 
A 1 66  ARG 66  66  66  ARG ARG A . n 
A 1 67  SER 67  67  67  SER SER A . n 
A 1 68  ILE 68  68  68  ILE ILE A . n 
A 1 69  LYS 69  69  69  LYS LYS A . n 
A 1 70  ALA 70  70  70  ALA ALA A . n 
A 1 71  ASP 71  71  71  ASP ASP A . n 
A 1 72  MET 72  72  72  MET MET A . n 
A 1 73  THR 73  73  73  THR THR A . n 
A 1 74  LEU 74  74  74  LEU LEU A . n 
A 1 75  PHE 75  75  75  PHE PHE A . n 
A 1 76  ASP 76  76  76  ASP ASP A . n 
A 1 77  TYR 77  77  77  TYR TYR A . n 
A 1 78  ASN 78  78  78  ASN ASN A . n 
A 1 79  ASP 79  79  79  ASP ASP A . n 
A 1 80  LEU 80  80  80  LEU LEU A . n 
A 1 81  THR 81  81  81  THR THR A . n 
A 1 82  TYR 82  82  82  TYR TYR A . n 
A 1 83  PRO 83  83  83  PRO PRO A . n 
A 1 84  PHE 84  84  84  PHE PHE A . n 
A 1 85  ILE 85  85  85  ILE ILE A . n 
A 1 86  VAL 86  86  86  VAL VAL A . n 
A 1 87  HIS 87  87  87  HIS HIS A . n 
A 1 88  VAL 88  88  88  VAL VAL A . n 
A 1 89  ILE 89  89  89  ILE ILE A . n 
A 1 90  LYS 90  90  90  LYS LYS A . n 
A 1 91  GLY 91  91  91  GLY GLY A . n 
A 1 92  LYS 92  92  92  LYS LYS A . n 
A 1 93  ARG 93  93  93  ARG ARG A . n 
A 1 94  LEU 94  94  94  LEU LEU A . n 
A 1 95  GLN 95  95  95  GLN GLN A . n 
A 1 96  HIS 96  96  96  HIS HIS A . n 
A 1 97  TYR 97  97  97  TYR TYR A . n 
A 1 98  TYR 98  98  98  TYR TYR A . n 
A 1 99  VAL 99  99  99  VAL VAL A . n 
A 1 100 VAL 100 100 100 VAL VAL A . n 
A 1 101 TYR 101 101 101 TYR TYR A . n 
A 1 102 GLY 102 102 102 GLY GLY A . n 
A 1 103 SER 103 103 103 SER SER A . n 
A 1 104 GLN 104 104 104 GLN GLN A . n 
A 1 105 ASN 105 105 105 ASN ASN A . n 
A 1 106 ASN 106 106 106 ASN ASN A . n 
A 1 107 GLN 107 107 107 GLN GLN A . n 
A 1 108 LEU 108 108 108 LEU LEU A . n 
A 1 109 ILE 109 109 109 ILE ILE A . n 
A 1 110 ILE 110 110 110 ILE ILE A . n 
A 1 111 GLY 111 111 111 GLY GLY A . n 
A 1 112 ASP 112 112 112 ASP ASP A . n 
A 1 113 PRO 113 113 113 PRO PRO A . n 
A 1 114 ASP 114 114 114 ASP ASP A . n 
A 1 115 PRO 115 115 115 PRO PRO A . n 
A 1 116 SER 116 116 116 SER SER A . n 
A 1 117 VAL 117 117 117 VAL VAL A . n 
A 1 118 LYS 118 118 118 LYS LYS A . n 
A 1 119 VAL 119 119 119 VAL VAL A . n 
A 1 120 THR 120 120 120 THR THR A . n 
A 1 121 ARG 121 121 121 ARG ARG A . n 
A 1 122 MET 122 122 122 MET MET A . n 
A 1 123 SER 123 123 123 SER SER A . n 
A 1 124 LYS 124 124 124 LYS LYS A . n 
A 1 125 GLU 125 125 125 GLU GLU A . n 
A 1 126 ARG 126 126 126 ARG ARG A . n 
A 1 127 PHE 127 127 127 PHE PHE A . n 
A 1 128 GLN 128 128 128 GLN GLN A . n 
A 1 129 SER 129 129 129 SER SER A . n 
A 1 130 GLU 130 130 130 GLU GLU A . n 
A 1 131 TRP 131 131 131 TRP TRP A . n 
A 1 132 THR 132 132 132 THR THR A . n 
A 1 133 GLY 133 133 133 GLY GLY A . n 
A 1 134 LEU 134 134 134 LEU LEU A . n 
A 1 135 ALA 135 135 135 ALA ALA A . n 
A 1 136 ILE 136 136 136 ILE ILE A . n 
A 1 137 PHE 137 137 137 PHE PHE A . n 
A 1 138 LEU 138 138 138 LEU LEU A . n 
A 1 139 ALA 139 139 139 ALA ALA A . n 
A 1 140 PRO 140 140 140 PRO PRO A . n 
A 1 141 GLN 141 141 141 GLN GLN A . n 
A 1 142 PRO 142 142 ?   ?   ?   A . n 
A 1 143 ASN 143 143 ?   ?   ?   A . n 
A 1 144 TYR 144 144 ?   ?   ?   A . n 
A 1 145 LYS 145 145 ?   ?   ?   A . n 
A 1 146 PRO 146 146 ?   ?   ?   A . n 
A 1 147 HIS 147 147 ?   ?   ?   A . n 
A 1 148 LYS 148 148 ?   ?   ?   A . n 
A 1 149 GLY 149 149 ?   ?   ?   A . n 
A 1 150 GLU 150 150 ?   ?   ?   A . n 
A 1 151 HIS 151 151 ?   ?   ?   A . n 
A 1 152 HIS 152 152 ?   ?   ?   A . n 
A 1 153 HIS 153 153 ?   ?   ?   A . n 
A 1 154 HIS 154 154 ?   ?   ?   A . n 
A 1 155 HIS 155 155 ?   ?   ?   A . n 
A 1 156 HIS 156 156 ?   ?   ?   A . n 
# 
loop_
_pdbx_nonpoly_scheme.asym_id 
_pdbx_nonpoly_scheme.entity_id 
_pdbx_nonpoly_scheme.mon_id 
_pdbx_nonpoly_scheme.ndb_seq_num 
_pdbx_nonpoly_scheme.pdb_seq_num 
_pdbx_nonpoly_scheme.auth_seq_num 
_pdbx_nonpoly_scheme.pdb_mon_id 
_pdbx_nonpoly_scheme.auth_mon_id 
_pdbx_nonpoly_scheme.pdb_strand_id 
_pdbx_nonpoly_scheme.pdb_ins_code 
B 2 HOH 1  157 1  HOH HOH A . 
B 2 HOH 2  158 2  HOH HOH A . 
B 2 HOH 3  159 3  HOH HOH A . 
B 2 HOH 4  160 4  HOH HOH A . 
B 2 HOH 5  161 5  HOH HOH A . 
B 2 HOH 6  162 6  HOH HOH A . 
B 2 HOH 7  163 7  HOH HOH A . 
B 2 HOH 8  164 8  HOH HOH A . 
B 2 HOH 9  165 9  HOH HOH A . 
B 2 HOH 10 166 10 HOH HOH A . 
B 2 HOH 11 167 11 HOH HOH A . 
B 2 HOH 12 168 12 HOH HOH A . 
B 2 HOH 13 169 13 HOH HOH A . 
B 2 HOH 14 170 14 HOH HOH A . 
B 2 HOH 15 171 15 HOH HOH A . 
B 2 HOH 16 172 16 HOH HOH A . 
B 2 HOH 17 173 17 HOH HOH A . 
B 2 HOH 18 174 18 HOH HOH A . 
B 2 HOH 19 175 19 HOH HOH A . 
B 2 HOH 20 176 20 HOH HOH A . 
B 2 HOH 21 177 21 HOH HOH A . 
B 2 HOH 22 178 22 HOH HOH A . 
B 2 HOH 23 179 23 HOH HOH A . 
B 2 HOH 24 180 24 HOH HOH A . 
B 2 HOH 25 181 25 HOH HOH A . 
B 2 HOH 26 182 26 HOH HOH A . 
B 2 HOH 27 183 27 HOH HOH A . 
B 2 HOH 28 184 28 HOH HOH A . 
B 2 HOH 29 185 29 HOH HOH A . 
B 2 HOH 30 186 30 HOH HOH A . 
B 2 HOH 31 187 31 HOH HOH A . 
B 2 HOH 32 188 32 HOH HOH A . 
B 2 HOH 33 189 33 HOH HOH A . 
B 2 HOH 34 190 34 HOH HOH A . 
B 2 HOH 35 191 35 HOH HOH A . 
B 2 HOH 36 192 36 HOH HOH A . 
B 2 HOH 37 193 37 HOH HOH A . 
B 2 HOH 38 194 38 HOH HOH A . 
B 2 HOH 39 195 39 HOH HOH A . 
B 2 HOH 40 196 40 HOH HOH A . 
B 2 HOH 41 197 41 HOH HOH A . 
B 2 HOH 42 198 42 HOH HOH A . 
B 2 HOH 43 199 43 HOH HOH A . 
B 2 HOH 44 200 44 HOH HOH A . 
B 2 HOH 45 201 45 HOH HOH A . 
B 2 HOH 46 202 46 HOH HOH A . 
B 2 HOH 47 203 47 HOH HOH A . 
B 2 HOH 48 204 48 HOH HOH A . 
B 2 HOH 49 205 49 HOH HOH A . 
B 2 HOH 50 206 50 HOH HOH A . 
B 2 HOH 51 207 51 HOH HOH A . 
B 2 HOH 52 208 52 HOH HOH A . 
B 2 HOH 53 209 53 HOH HOH A . 
B 2 HOH 54 210 54 HOH HOH A . 
B 2 HOH 55 211 55 HOH HOH A . 
B 2 HOH 56 212 56 HOH HOH A . 
B 2 HOH 57 213 57 HOH HOH A . 
B 2 HOH 58 214 58 HOH HOH A . 
B 2 HOH 59 215 59 HOH HOH A . 
B 2 HOH 60 216 60 HOH HOH A . 
B 2 HOH 61 217 61 HOH HOH A . 
B 2 HOH 62 218 62 HOH HOH A . 
B 2 HOH 63 219 63 HOH HOH A . 
B 2 HOH 64 220 64 HOH HOH A . 
B 2 HOH 65 221 65 HOH HOH A . 
B 2 HOH 66 222 66 HOH HOH A . 
B 2 HOH 67 223 67 HOH HOH A . 
B 2 HOH 68 224 68 HOH HOH A . 
B 2 HOH 69 225 69 HOH HOH A . 
B 2 HOH 70 226 70 HOH HOH A . 
B 2 HOH 71 227 71 HOH HOH A . 
B 2 HOH 72 228 72 HOH HOH A . 
B 2 HOH 73 229 73 HOH HOH A . 
B 2 HOH 74 230 74 HOH HOH A . 
B 2 HOH 75 231 75 HOH HOH A . 
B 2 HOH 76 232 76 HOH HOH A . 
B 2 HOH 77 233 77 HOH HOH A . 
B 2 HOH 78 234 78 HOH HOH A . 
B 2 HOH 79 235 79 HOH HOH A . 
B 2 HOH 80 236 80 HOH HOH A . 
B 2 HOH 81 237 81 HOH HOH A . 
B 2 HOH 82 238 82 HOH HOH A . 
B 2 HOH 83 239 83 HOH HOH A . 
B 2 HOH 84 240 84 HOH HOH A . 
B 2 HOH 85 241 85 HOH HOH A . 
B 2 HOH 86 242 86 HOH HOH A . 
B 2 HOH 87 243 87 HOH HOH A . 
B 2 HOH 88 244 88 HOH HOH A . 
B 2 HOH 89 245 89 HOH HOH A . 
B 2 HOH 90 246 90 HOH HOH A . 
B 2 HOH 91 247 91 HOH HOH A . 
B 2 HOH 92 248 92 HOH HOH A . 
B 2 HOH 93 249 93 HOH HOH A . 
B 2 HOH 94 250 94 HOH HOH A . 
B 2 HOH 95 251 95 HOH HOH A . 
# 
loop_
_software.name 
_software.classification 
_software.version 
_software.citation_id 
_software.pdbx_ordinal 
HKL-2000 'data collection' .   ? 1 
SHELXS   phasing           .   ? 2 
CNS      refinement        1.1 ? 3 
HKL-2000 'data reduction'  .   ? 4 
HKL-2000 'data scaling'    .   ? 5 
# 
_cell.entry_id           3K8U 
_cell.length_a           58.610 
_cell.length_b           58.610 
_cell.length_c           112.050 
_cell.angle_alpha        90.00 
_cell.angle_beta         90.00 
_cell.angle_gamma        90.00 
_cell.Z_PDB              8 
_cell.pdbx_unique_axis   ? 
_cell.length_a_esd       ? 
_cell.length_b_esd       ? 
_cell.length_c_esd       ? 
_cell.angle_alpha_esd    ? 
_cell.angle_beta_esd     ? 
_cell.angle_gamma_esd    ? 
# 
_symmetry.entry_id                         3K8U 
_symmetry.space_group_name_H-M             'P 43 21 2' 
_symmetry.pdbx_full_space_group_name_H-M   ? 
_symmetry.cell_setting                     ? 
_symmetry.Int_Tables_number                96 
_symmetry.space_group_name_Hall            ? 
# 
_exptl.entry_id          3K8U 
_exptl.method            'X-RAY DIFFRACTION' 
_exptl.crystals_number   1 
# 
_exptl_crystal.id                    1 
_exptl_crystal.density_meas          ? 
_exptl_crystal.density_Matthews      2.67 
_exptl_crystal.density_percent_sol   54.00 
_exptl_crystal.description           ? 
_exptl_crystal.F_000                 ? 
_exptl_crystal.preparation           ? 
# 
_exptl_crystal_grow.crystal_id      1 
_exptl_crystal_grow.method          'VAPOR DIFFUSION, SITTING DROP' 
_exptl_crystal_grow.temp            293 
_exptl_crystal_grow.temp_details    ? 
_exptl_crystal_grow.pH              5 
_exptl_crystal_grow.pdbx_details    
'16% polyethylene glycol 3350, 0.16M di-ammonium hydrogen citrate, VAPOR DIFFUSION, SITTING DROP, temperature 293K' 
_exptl_crystal_grow.pdbx_pH_range   . 
# 
loop_
_diffrn.id 
_diffrn.ambient_temp 
_diffrn.ambient_temp_details 
_diffrn.crystal_id 
1 100 ? 1 
2 100 ? 1 
# 
loop_
_diffrn_detector.diffrn_id 
_diffrn_detector.detector 
_diffrn_detector.type 
_diffrn_detector.pdbx_collection_date 
_diffrn_detector.details 
1 CCD 'MARMOSAIC 225 mm CCD' 2007-10-06 ? 
2 CCD 'MARMOSAIC 225 mm CCD' 2007-11-27 ? 
# 
loop_
_diffrn_radiation.diffrn_id 
_diffrn_radiation.wavelength_id 
_diffrn_radiation.pdbx_monochromatic_or_laue_m_l 
_diffrn_radiation.monochromator 
_diffrn_radiation.pdbx_diffrn_protocol 
_diffrn_radiation.pdbx_scattering_type 
1 1 M 'SI Double-Crystal' MAD                 x-ray 
2 1 M 'SI Double-Crystal' 'SINGLE WAVELENGTH' x-ray 
# 
loop_
_diffrn_radiation_wavelength.id 
_diffrn_radiation_wavelength.wavelength 
_diffrn_radiation_wavelength.wt 
1 0.9789 1.0 
2 0.9000 1.0 
3 0.9795 1.0 
4 1.000  1.0 
# 
loop_
_diffrn_source.diffrn_id 
_diffrn_source.source 
_diffrn_source.type 
_diffrn_source.pdbx_synchrotron_site 
_diffrn_source.pdbx_synchrotron_beamline 
_diffrn_source.pdbx_wavelength 
_diffrn_source.pdbx_wavelength_list 
1 SYNCHROTRON 'SPRING-8 BEAMLINE BL26B2' SPring-8 BL26B2 ? '0.9789, 0.9000, 0.9795' 
2 SYNCHROTRON 'SPRING-8 BEAMLINE BL26B2' SPring-8 BL26B2 ? 1.000                    
# 
_reflns.entry_id                     3K8U 
_reflns.observed_criterion_sigma_I   ? 
_reflns.observed_criterion_sigma_F   ? 
_reflns.d_resolution_low             50 
_reflns.d_resolution_high            1.9 
_reflns.number_obs                   16136 
_reflns.number_all                   ? 
_reflns.percent_possible_obs         100.0 
_reflns.pdbx_Rmerge_I_obs            0.064 
_reflns.pdbx_Rsym_value              ? 
_reflns.pdbx_netI_over_sigmaI        45.0 
_reflns.B_iso_Wilson_estimate        20.1 
_reflns.pdbx_redundancy              13.3 
_reflns.R_free_details               ? 
_reflns.limit_h_max                  ? 
_reflns.limit_h_min                  ? 
_reflns.limit_k_max                  ? 
_reflns.limit_k_min                  ? 
_reflns.limit_l_max                  ? 
_reflns.limit_l_min                  ? 
_reflns.observed_criterion_F_max     ? 
_reflns.observed_criterion_F_min     ? 
_reflns.pdbx_chi_squared             ? 
_reflns.pdbx_scaling_rejects         ? 
_reflns.pdbx_ordinal                 1 
_reflns.pdbx_diffrn_id               1,2 
# 
_reflns_shell.d_res_high             1.90 
_reflns_shell.d_res_low              1.97 
_reflns_shell.percent_possible_all   100.0 
_reflns_shell.Rmerge_I_obs           0.299 
_reflns_shell.pdbx_Rsym_value        ? 
_reflns_shell.meanI_over_sigI_obs    10.2 
_reflns_shell.pdbx_redundancy        13.7 
_reflns_shell.percent_possible_obs   ? 
_reflns_shell.number_unique_all      ? 
_reflns_shell.number_measured_all    ? 
_reflns_shell.number_measured_obs    ? 
_reflns_shell.number_unique_obs      ? 
_reflns_shell.pdbx_chi_squared       ? 
_reflns_shell.pdbx_ordinal           1 
_reflns_shell.pdbx_diffrn_id         1,2 
# 
_refine.entry_id                                 3K8U 
_refine.ls_number_reflns_obs                     16053 
_refine.ls_number_reflns_all                     ? 
_refine.pdbx_ls_sigma_I                          ? 
_refine.pdbx_ls_sigma_F                          0.0 
_refine.pdbx_data_cutoff_high_absF               1517854.94 
_refine.pdbx_data_cutoff_low_absF                0.000000 
_refine.pdbx_data_cutoff_high_rms_absF           ? 
_refine.ls_d_res_low                             41.44 
_refine.ls_d_res_high                            1.90 
_refine.ls_percent_reflns_obs                    99.8 
_refine.ls_R_factor_obs                          0.212 
_refine.ls_R_factor_all                          ? 
_refine.ls_R_factor_R_work                       0.212 
_refine.ls_R_factor_R_free                       0.234 
_refine.ls_R_factor_R_free_error                 0.006 
_refine.ls_R_factor_R_free_error_details         ? 
_refine.ls_percent_reflns_R_free                 10.1 
_refine.ls_number_reflns_R_free                  1614 
_refine.ls_number_parameters                     ? 
_refine.ls_number_restraints                     ? 
_refine.occupancy_min                            ? 
_refine.occupancy_max                            ? 
_refine.correlation_coeff_Fo_to_Fc               ? 
_refine.correlation_coeff_Fo_to_Fc_free          ? 
_refine.B_iso_mean                               25.6 
_refine.aniso_B[1][1]                            2.39 
_refine.aniso_B[2][2]                            2.39 
_refine.aniso_B[3][3]                            -4.77 
_refine.aniso_B[1][2]                            0.00 
_refine.aniso_B[1][3]                            0.00 
_refine.aniso_B[2][3]                            0.00 
_refine.solvent_model_details                    'FLAT MODEL' 
_refine.solvent_model_param_ksol                 0.370146 
_refine.solvent_model_param_bsol                 23.2418 
_refine.pdbx_solvent_vdw_probe_radii             ? 
_refine.pdbx_solvent_ion_probe_radii             ? 
_refine.pdbx_solvent_shrinkage_radii             ? 
_refine.pdbx_ls_cross_valid_method               THROUGHOUT 
_refine.details                                  ? 
_refine.pdbx_starting_model                      ? 
_refine.pdbx_method_to_determine_struct          MAD 
_refine.pdbx_isotropic_thermal_model             RESTRAINED 
_refine.pdbx_stereochemistry_target_values       'Engh & Huber' 
_refine.pdbx_stereochem_target_val_spec_case     ? 
_refine.pdbx_R_Free_selection_details            RANDOM 
_refine.pdbx_overall_ESU_R                       ? 
_refine.pdbx_overall_ESU_R_Free                  ? 
_refine.overall_SU_ML                            ? 
_refine.overall_SU_B                             ? 
_refine.ls_redundancy_reflns_obs                 ? 
_refine.B_iso_min                                ? 
_refine.B_iso_max                                ? 
_refine.overall_SU_R_Cruickshank_DPI             ? 
_refine.overall_SU_R_free                        ? 
_refine.ls_wR_factor_R_free                      ? 
_refine.ls_wR_factor_R_work                      ? 
_refine.overall_FOM_free_R_set                   ? 
_refine.overall_FOM_work_R_set                   ? 
_refine.pdbx_refine_id                           'X-RAY DIFFRACTION' 
_refine.pdbx_overall_phase_error                 ? 
_refine.pdbx_diffrn_id                           1,2 
_refine.pdbx_TLS_residual_ADP_flag               ? 
_refine.pdbx_overall_SU_R_free_Cruickshank_DPI   ? 
_refine.pdbx_overall_SU_R_Blow_DPI               ? 
_refine.pdbx_overall_SU_R_free_Blow_DPI          ? 
# 
_refine_analyze.entry_id                        3K8U 
_refine_analyze.Luzzati_coordinate_error_obs    0.22 
_refine_analyze.Luzzati_sigma_a_obs             0.07 
_refine_analyze.Luzzati_d_res_low_obs           5.00 
_refine_analyze.Luzzati_coordinate_error_free   0.24 
_refine_analyze.Luzzati_sigma_a_free            0.14 
_refine_analyze.Luzzati_d_res_low_free          ? 
_refine_analyze.number_disordered_residues      ? 
_refine_analyze.occupancy_sum_hydrogen          ? 
_refine_analyze.occupancy_sum_non_hydrogen      ? 
_refine_analyze.pdbx_Luzzati_d_res_high_obs     ? 
_refine_analyze.pdbx_refine_id                  'X-RAY DIFFRACTION' 
# 
_refine_hist.pdbx_refine_id                   'X-RAY DIFFRACTION' 
_refine_hist.cycle_id                         LAST 
_refine_hist.pdbx_number_atoms_protein        1091 
_refine_hist.pdbx_number_atoms_nucleic_acid   0 
_refine_hist.pdbx_number_atoms_ligand         0 
_refine_hist.number_atoms_solvent             95 
_refine_hist.number_atoms_total               1186 
_refine_hist.d_res_high                       1.90 
_refine_hist.d_res_low                        41.44 
# 
loop_
_refine_ls_restr.type 
_refine_ls_restr.dev_ideal 
_refine_ls_restr.dev_ideal_target 
_refine_ls_restr.weight 
_refine_ls_restr.number 
_refine_ls_restr.pdbx_refine_id 
_refine_ls_restr.pdbx_restraint_function 
c_bond_d                0.005 ?    ? ? 'X-RAY DIFFRACTION' ? 
c_bond_d_na             ?     ?    ? ? 'X-RAY DIFFRACTION' ? 
c_bond_d_prot           ?     ?    ? ? 'X-RAY DIFFRACTION' ? 
c_angle_d               ?     ?    ? ? 'X-RAY DIFFRACTION' ? 
c_angle_d_na            ?     ?    ? ? 'X-RAY DIFFRACTION' ? 
c_angle_d_prot          ?     ?    ? ? 'X-RAY DIFFRACTION' ? 
c_angle_deg             1.2   ?    ? ? 'X-RAY DIFFRACTION' ? 
c_angle_deg_na          ?     ?    ? ? 'X-RAY DIFFRACTION' ? 
c_angle_deg_prot        ?     ?    ? ? 'X-RAY DIFFRACTION' ? 
c_dihedral_angle_d      25.1  ?    ? ? 'X-RAY DIFFRACTION' ? 
c_dihedral_angle_d_na   ?     ?    ? ? 'X-RAY DIFFRACTION' ? 
c_dihedral_angle_d_prot ?     ?    ? ? 'X-RAY DIFFRACTION' ? 
c_improper_angle_d      1.08  ?    ? ? 'X-RAY DIFFRACTION' ? 
c_improper_angle_d_na   ?     ?    ? ? 'X-RAY DIFFRACTION' ? 
c_improper_angle_d_prot ?     ?    ? ? 'X-RAY DIFFRACTION' ? 
c_mcbond_it             1.67  1.50 ? ? 'X-RAY DIFFRACTION' ? 
c_mcangle_it            2.76  2.00 ? ? 'X-RAY DIFFRACTION' ? 
c_scbond_it             2.24  2.00 ? ? 'X-RAY DIFFRACTION' ? 
c_scangle_it            3.56  2.50 ? ? 'X-RAY DIFFRACTION' ? 
# 
_refine_ls_shell.pdbx_total_number_of_bins_used   6 
_refine_ls_shell.d_res_high                       1.90 
_refine_ls_shell.d_res_low                        2.02 
_refine_ls_shell.number_reflns_R_work             2340 
_refine_ls_shell.R_factor_R_work                  0.230 
_refine_ls_shell.percent_reflns_obs               99.9 
_refine_ls_shell.R_factor_R_free                  0.275 
_refine_ls_shell.R_factor_R_free_error            0.017 
_refine_ls_shell.percent_reflns_R_free            10.0 
_refine_ls_shell.number_reflns_R_free             259 
_refine_ls_shell.number_reflns_all                ? 
_refine_ls_shell.R_factor_all                     ? 
_refine_ls_shell.number_reflns_obs                ? 
_refine_ls_shell.redundancy_reflns_obs            ? 
_refine_ls_shell.pdbx_refine_id                   'X-RAY DIFFRACTION' 
# 
loop_
_pdbx_xplor_file.pdbx_refine_id 
_pdbx_xplor_file.serial_no 
_pdbx_xplor_file.param_file 
_pdbx_xplor_file.topol_file 
'X-RAY DIFFRACTION' 1 protein.param protein.top 
'X-RAY DIFFRACTION' 2 water.param   water.top   
# 
_struct.entry_id                  3K8U 
_struct.title                     
'Crystal Structure of the Peptidase Domain of Streptococcus ComA, a Bi-functional ABC Transporter Involved in Quorum Sensing Pathway' 
_struct.pdbx_model_details        ? 
_struct.pdbx_CASP_flag            ? 
_struct.pdbx_model_type_details   ? 
# 
_struct_keywords.entry_id        3K8U 
_struct_keywords.pdbx_keywords   HYDROLASE 
_struct_keywords.text            'ABC Transporter, ComA, Cysteine Protease, Quorum-sensing, Streptococcus, Hydrolase' 
# 
loop_
_struct_asym.id 
_struct_asym.pdbx_blank_PDB_chainid_flag 
_struct_asym.pdbx_modified 
_struct_asym.entity_id 
_struct_asym.details 
A N N 1 ? 
B N N 2 ? 
# 
_struct_ref.id                         1 
_struct_ref.db_name                    UNP 
_struct_ref.db_code                    Q8DW05_STRMU 
_struct_ref.pdbx_db_accession          Q8DW05 
_struct_ref.entity_id                  1 
_struct_ref.pdbx_seq_one_letter_code   
;WRRHYKLVPQIDTRDCGPAVLASVAKHYGSNYSIAYLRELSKTNKQGTTALGIVEAAKKLGFETRSIKADMTLFDYNDLT
YPFIVHVIKGKRLQHYYVVYGSQNNQLIIGDPDPSVKVTRMSKERFQSEWTGLAIFLAPQPNYKPHKGE
;
_struct_ref.pdbx_align_begin           46 
_struct_ref.pdbx_db_isoform            ? 
# 
_struct_ref_seq.align_id                      1 
_struct_ref_seq.ref_id                        1 
_struct_ref_seq.pdbx_PDB_id_code              3K8U 
_struct_ref_seq.pdbx_strand_id                A 
_struct_ref_seq.seq_align_beg                 2 
_struct_ref_seq.pdbx_seq_align_beg_ins_code   ? 
_struct_ref_seq.seq_align_end                 150 
_struct_ref_seq.pdbx_seq_align_end_ins_code   ? 
_struct_ref_seq.pdbx_db_accession             Q8DW05 
_struct_ref_seq.db_align_beg                  46 
_struct_ref_seq.pdbx_db_align_beg_ins_code    ? 
_struct_ref_seq.db_align_end                  194 
_struct_ref_seq.pdbx_db_align_end_ins_code    ? 
_struct_ref_seq.pdbx_auth_seq_align_beg       2 
_struct_ref_seq.pdbx_auth_seq_align_end       150 
# 
loop_
_struct_ref_seq_dif.align_id 
_struct_ref_seq_dif.pdbx_pdb_id_code 
_struct_ref_seq_dif.mon_id 
_struct_ref_seq_dif.pdbx_pdb_strand_id 
_struct_ref_seq_dif.seq_num 
_struct_ref_seq_dif.pdbx_pdb_ins_code 
_struct_ref_seq_dif.pdbx_seq_db_name 
_struct_ref_seq_dif.pdbx_seq_db_accession_code 
_struct_ref_seq_dif.db_mon_id 
_struct_ref_seq_dif.pdbx_seq_db_seq_num 
_struct_ref_seq_dif.details 
_struct_ref_seq_dif.pdbx_auth_seq_num 
_struct_ref_seq_dif.pdbx_ordinal 
1 3K8U MET A 1   ? UNP Q8DW05 ? ? 'initiating methionine' 1   1 
1 3K8U HIS A 151 ? UNP Q8DW05 ? ? 'expression tag'        151 2 
1 3K8U HIS A 152 ? UNP Q8DW05 ? ? 'expression tag'        152 3 
1 3K8U HIS A 153 ? UNP Q8DW05 ? ? 'expression tag'        153 4 
1 3K8U HIS A 154 ? UNP Q8DW05 ? ? 'expression tag'        154 5 
1 3K8U HIS A 155 ? UNP Q8DW05 ? ? 'expression tag'        155 6 
1 3K8U HIS A 156 ? UNP Q8DW05 ? ? 'expression tag'        156 7 
# 
_pdbx_struct_assembly.id                   1 
_pdbx_struct_assembly.details              author_and_software_defined_assembly 
_pdbx_struct_assembly.method_details       PISA 
_pdbx_struct_assembly.oligomeric_details   monomeric 
_pdbx_struct_assembly.oligomeric_count     1 
# 
_pdbx_struct_assembly_gen.assembly_id       1 
_pdbx_struct_assembly_gen.oper_expression   1 
_pdbx_struct_assembly_gen.asym_id_list      A,B 
# 
_pdbx_struct_oper_list.id                   1 
_pdbx_struct_oper_list.type                 'identity operation' 
_pdbx_struct_oper_list.name                 1_555 
_pdbx_struct_oper_list.symmetry_operation   x,y,z 
_pdbx_struct_oper_list.matrix[1][1]         1.0000000000 
_pdbx_struct_oper_list.matrix[1][2]         0.0000000000 
_pdbx_struct_oper_list.matrix[1][3]         0.0000000000 
_pdbx_struct_oper_list.vector[1]            0.0000000000 
_pdbx_struct_oper_list.matrix[2][1]         0.0000000000 
_pdbx_struct_oper_list.matrix[2][2]         1.0000000000 
_pdbx_struct_oper_list.matrix[2][3]         0.0000000000 
_pdbx_struct_oper_list.vector[2]            0.0000000000 
_pdbx_struct_oper_list.matrix[3][1]         0.0000000000 
_pdbx_struct_oper_list.matrix[3][2]         0.0000000000 
_pdbx_struct_oper_list.matrix[3][3]         1.0000000000 
_pdbx_struct_oper_list.vector[3]            0.0000000000 
# 
_struct_biol.id        1 
_struct_biol.details   ? 
# 
loop_
_struct_conf.conf_type_id 
_struct_conf.id 
_struct_conf.pdbx_PDB_helix_id 
_struct_conf.beg_label_comp_id 
_struct_conf.beg_label_asym_id 
_struct_conf.beg_label_seq_id 
_struct_conf.pdbx_beg_PDB_ins_code 
_struct_conf.end_label_comp_id 
_struct_conf.end_label_asym_id 
_struct_conf.end_label_seq_id 
_struct_conf.pdbx_end_PDB_ins_code 
_struct_conf.beg_auth_comp_id 
_struct_conf.beg_auth_asym_id 
_struct_conf.beg_auth_seq_id 
_struct_conf.end_auth_comp_id 
_struct_conf.end_auth_asym_id 
_struct_conf.end_auth_seq_id 
_struct_conf.pdbx_PDB_helix_class 
_struct_conf.details 
_struct_conf.pdbx_PDB_helix_length 
HELX_P HELX_P1 1 ASP A 16  ? TYR A 29  ? ASP A 16  TYR A 29  1 ? 14 
HELX_P HELX_P2 2 SER A 34  ? SER A 42  ? SER A 34  SER A 42  1 ? 9  
HELX_P HELX_P3 3 THR A 50  ? LEU A 61  ? THR A 50  LEU A 61  1 ? 12 
HELX_P HELX_P4 4 ASP A 71  ? TYR A 77  ? ASP A 71  TYR A 77  5 ? 7  
HELX_P HELX_P5 5 LYS A 124 ? GLU A 130 ? LYS A 124 GLU A 130 1 ? 7  
# 
_struct_conf_type.id          HELX_P 
_struct_conf_type.criteria    ? 
_struct_conf_type.reference   ? 
# 
_struct_mon_prot_cis.pdbx_id                1 
_struct_mon_prot_cis.label_comp_id          TYR 
_struct_mon_prot_cis.label_seq_id           82 
_struct_mon_prot_cis.label_asym_id          A 
_struct_mon_prot_cis.label_alt_id           . 
_struct_mon_prot_cis.pdbx_PDB_ins_code      ? 
_struct_mon_prot_cis.auth_comp_id           TYR 
_struct_mon_prot_cis.auth_seq_id            82 
_struct_mon_prot_cis.auth_asym_id           A 
_struct_mon_prot_cis.pdbx_label_comp_id_2   PRO 
_struct_mon_prot_cis.pdbx_label_seq_id_2    83 
_struct_mon_prot_cis.pdbx_label_asym_id_2   A 
_struct_mon_prot_cis.pdbx_PDB_ins_code_2    ? 
_struct_mon_prot_cis.pdbx_auth_comp_id_2    PRO 
_struct_mon_prot_cis.pdbx_auth_seq_id_2     83 
_struct_mon_prot_cis.pdbx_auth_asym_id_2    A 
_struct_mon_prot_cis.pdbx_PDB_model_num     1 
_struct_mon_prot_cis.pdbx_omega_angle       -0.07 
# 
_struct_sheet.id               A 
_struct_sheet.type             ? 
_struct_sheet.number_strands   6 
_struct_sheet.details          ? 
# 
loop_
_struct_sheet_order.sheet_id 
_struct_sheet_order.range_id_1 
_struct_sheet_order.range_id_2 
_struct_sheet_order.offset 
_struct_sheet_order.sense 
A 1 2 ? anti-parallel 
A 2 3 ? anti-parallel 
A 3 4 ? anti-parallel 
A 4 5 ? anti-parallel 
A 5 6 ? anti-parallel 
# 
loop_
_struct_sheet_range.sheet_id 
_struct_sheet_range.id 
_struct_sheet_range.beg_label_comp_id 
_struct_sheet_range.beg_label_asym_id 
_struct_sheet_range.beg_label_seq_id 
_struct_sheet_range.pdbx_beg_PDB_ins_code 
_struct_sheet_range.end_label_comp_id 
_struct_sheet_range.end_label_asym_id 
_struct_sheet_range.end_label_seq_id 
_struct_sheet_range.pdbx_end_PDB_ins_code 
_struct_sheet_range.beg_auth_comp_id 
_struct_sheet_range.beg_auth_asym_id 
_struct_sheet_range.beg_auth_seq_id 
_struct_sheet_range.end_auth_comp_id 
_struct_sheet_range.end_auth_asym_id 
_struct_sheet_range.end_auth_seq_id 
A 1 PHE A 63  ? LYS A 69  ? PHE A 63  LYS A 69  
A 2 TRP A 131 ? PRO A 140 ? TRP A 131 PRO A 140 
A 3 PHE A 84  ? LYS A 90  ? PHE A 84  LYS A 90  
A 4 ARG A 93  ? GLN A 104 ? ARG A 93  GLN A 104 
A 5 GLN A 107 ? ASP A 112 ? GLN A 107 ASP A 112 
A 6 LYS A 118 ? SER A 123 ? LYS A 118 SER A 123 
# 
loop_
_pdbx_struct_sheet_hbond.sheet_id 
_pdbx_struct_sheet_hbond.range_id_1 
_pdbx_struct_sheet_hbond.range_id_2 
_pdbx_struct_sheet_hbond.range_1_label_atom_id 
_pdbx_struct_sheet_hbond.range_1_label_comp_id 
_pdbx_struct_sheet_hbond.range_1_label_asym_id 
_pdbx_struct_sheet_hbond.range_1_label_seq_id 
_pdbx_struct_sheet_hbond.range_1_PDB_ins_code 
_pdbx_struct_sheet_hbond.range_1_auth_atom_id 
_pdbx_struct_sheet_hbond.range_1_auth_comp_id 
_pdbx_struct_sheet_hbond.range_1_auth_asym_id 
_pdbx_struct_sheet_hbond.range_1_auth_seq_id 
_pdbx_struct_sheet_hbond.range_2_label_atom_id 
_pdbx_struct_sheet_hbond.range_2_label_comp_id 
_pdbx_struct_sheet_hbond.range_2_label_asym_id 
_pdbx_struct_sheet_hbond.range_2_label_seq_id 
_pdbx_struct_sheet_hbond.range_2_PDB_ins_code 
_pdbx_struct_sheet_hbond.range_2_auth_atom_id 
_pdbx_struct_sheet_hbond.range_2_auth_comp_id 
_pdbx_struct_sheet_hbond.range_2_auth_asym_id 
_pdbx_struct_sheet_hbond.range_2_auth_seq_id 
A 1 2 N GLU A 64  ? N GLU A 64  O ALA A 139 ? O ALA A 139 
A 2 3 O ILE A 136 ? O ILE A 136 N ILE A 85  ? N ILE A 85  
A 3 4 N PHE A 84  ? N PHE A 84  O VAL A 100 ? O VAL A 100 
A 4 5 N VAL A 99  ? N VAL A 99  O GLY A 111 ? O GLY A 111 
A 5 6 N LEU A 108 ? N LEU A 108 O MET A 122 ? O MET A 122 
# 
loop_
_pdbx_validate_torsion.id 
_pdbx_validate_torsion.PDB_model_num 
_pdbx_validate_torsion.auth_comp_id 
_pdbx_validate_torsion.auth_asym_id 
_pdbx_validate_torsion.auth_seq_id 
_pdbx_validate_torsion.PDB_ins_code 
_pdbx_validate_torsion.label_alt_id 
_pdbx_validate_torsion.phi 
_pdbx_validate_torsion.psi 
1 1 ILE A 12  ? ? -123.95 -56.88  
2 1 ASN A 45  ? ? -117.82 -165.98 
3 1 ASN A 105 ? ? 71.38   -125.87 
4 1 VAL A 117 ? ? -122.44 -60.66  
5 1 LYS A 118 ? ? 57.51   -139.18 
# 
loop_
_pdbx_struct_special_symmetry.id 
_pdbx_struct_special_symmetry.PDB_model_num 
_pdbx_struct_special_symmetry.auth_asym_id 
_pdbx_struct_special_symmetry.auth_comp_id 
_pdbx_struct_special_symmetry.auth_seq_id 
_pdbx_struct_special_symmetry.PDB_ins_code 
_pdbx_struct_special_symmetry.label_asym_id 
_pdbx_struct_special_symmetry.label_comp_id 
_pdbx_struct_special_symmetry.label_seq_id 
1 1 A HOH 237 ? B HOH . 
2 1 A HOH 240 ? B HOH . 
# 
loop_
_pdbx_unobs_or_zero_occ_residues.id 
_pdbx_unobs_or_zero_occ_residues.PDB_model_num 
_pdbx_unobs_or_zero_occ_residues.polymer_flag 
_pdbx_unobs_or_zero_occ_residues.occupancy_flag 
_pdbx_unobs_or_zero_occ_residues.auth_asym_id 
_pdbx_unobs_or_zero_occ_residues.auth_comp_id 
_pdbx_unobs_or_zero_occ_residues.auth_seq_id 
_pdbx_unobs_or_zero_occ_residues.PDB_ins_code 
_pdbx_unobs_or_zero_occ_residues.label_asym_id 
_pdbx_unobs_or_zero_occ_residues.label_comp_id 
_pdbx_unobs_or_zero_occ_residues.label_seq_id 
1  1 Y 1 A MET 1   ? A MET 1   
2  1 Y 1 A TRP 2   ? A TRP 2   
3  1 Y 1 A ARG 3   ? A ARG 3   
4  1 Y 1 A ARG 4   ? A ARG 4   
5  1 Y 1 A PRO 142 ? A PRO 142 
6  1 Y 1 A ASN 143 ? A ASN 143 
7  1 Y 1 A TYR 144 ? A TYR 144 
8  1 Y 1 A LYS 145 ? A LYS 145 
9  1 Y 1 A PRO 146 ? A PRO 146 
10 1 Y 1 A HIS 147 ? A HIS 147 
11 1 Y 1 A LYS 148 ? A LYS 148 
12 1 Y 1 A GLY 149 ? A GLY 149 
13 1 Y 1 A GLU 150 ? A GLU 150 
14 1 Y 1 A HIS 151 ? A HIS 151 
15 1 Y 1 A HIS 152 ? A HIS 152 
16 1 Y 1 A HIS 153 ? A HIS 153 
17 1 Y 1 A HIS 154 ? A HIS 154 
18 1 Y 1 A HIS 155 ? A HIS 155 
19 1 Y 1 A HIS 156 ? A HIS 156 
# 
loop_
_chem_comp_atom.comp_id 
_chem_comp_atom.atom_id 
_chem_comp_atom.type_symbol 
_chem_comp_atom.pdbx_aromatic_flag 
_chem_comp_atom.pdbx_stereo_config 
_chem_comp_atom.pdbx_ordinal 
ALA N    N N N 1   
ALA CA   C N S 2   
ALA C    C N N 3   
ALA O    O N N 4   
ALA CB   C N N 5   
ALA OXT  O N N 6   
ALA H    H N N 7   
ALA H2   H N N 8   
ALA HA   H N N 9   
ALA HB1  H N N 10  
ALA HB2  H N N 11  
ALA HB3  H N N 12  
ALA HXT  H N N 13  
ARG N    N N N 14  
ARG CA   C N S 15  
ARG C    C N N 16  
ARG O    O N N 17  
ARG CB   C N N 18  
ARG CG   C N N 19  
ARG CD   C N N 20  
ARG NE   N N N 21  
ARG CZ   C N N 22  
ARG NH1  N N N 23  
ARG NH2  N N N 24  
ARG OXT  O N N 25  
ARG H    H N N 26  
ARG H2   H N N 27  
ARG HA   H N N 28  
ARG HB2  H N N 29  
ARG HB3  H N N 30  
ARG HG2  H N N 31  
ARG HG3  H N N 32  
ARG HD2  H N N 33  
ARG HD3  H N N 34  
ARG HE   H N N 35  
ARG HH11 H N N 36  
ARG HH12 H N N 37  
ARG HH21 H N N 38  
ARG HH22 H N N 39  
ARG HXT  H N N 40  
ASN N    N N N 41  
ASN CA   C N S 42  
ASN C    C N N 43  
ASN O    O N N 44  
ASN CB   C N N 45  
ASN CG   C N N 46  
ASN OD1  O N N 47  
ASN ND2  N N N 48  
ASN OXT  O N N 49  
ASN H    H N N 50  
ASN H2   H N N 51  
ASN HA   H N N 52  
ASN HB2  H N N 53  
ASN HB3  H N N 54  
ASN HD21 H N N 55  
ASN HD22 H N N 56  
ASN HXT  H N N 57  
ASP N    N N N 58  
ASP CA   C N S 59  
ASP C    C N N 60  
ASP O    O N N 61  
ASP CB   C N N 62  
ASP CG   C N N 63  
ASP OD1  O N N 64  
ASP OD2  O N N 65  
ASP OXT  O N N 66  
ASP H    H N N 67  
ASP H2   H N N 68  
ASP HA   H N N 69  
ASP HB2  H N N 70  
ASP HB3  H N N 71  
ASP HD2  H N N 72  
ASP HXT  H N N 73  
CYS N    N N N 74  
CYS CA   C N R 75  
CYS C    C N N 76  
CYS O    O N N 77  
CYS CB   C N N 78  
CYS SG   S N N 79  
CYS OXT  O N N 80  
CYS H    H N N 81  
CYS H2   H N N 82  
CYS HA   H N N 83  
CYS HB2  H N N 84  
CYS HB3  H N N 85  
CYS HG   H N N 86  
CYS HXT  H N N 87  
GLN N    N N N 88  
GLN CA   C N S 89  
GLN C    C N N 90  
GLN O    O N N 91  
GLN CB   C N N 92  
GLN CG   C N N 93  
GLN CD   C N N 94  
GLN OE1  O N N 95  
GLN NE2  N N N 96  
GLN OXT  O N N 97  
GLN H    H N N 98  
GLN H2   H N N 99  
GLN HA   H N N 100 
GLN HB2  H N N 101 
GLN HB3  H N N 102 
GLN HG2  H N N 103 
GLN HG3  H N N 104 
GLN HE21 H N N 105 
GLN HE22 H N N 106 
GLN HXT  H N N 107 
GLU N    N N N 108 
GLU CA   C N S 109 
GLU C    C N N 110 
GLU O    O N N 111 
GLU CB   C N N 112 
GLU CG   C N N 113 
GLU CD   C N N 114 
GLU OE1  O N N 115 
GLU OE2  O N N 116 
GLU OXT  O N N 117 
GLU H    H N N 118 
GLU H2   H N N 119 
GLU HA   H N N 120 
GLU HB2  H N N 121 
GLU HB3  H N N 122 
GLU HG2  H N N 123 
GLU HG3  H N N 124 
GLU HE2  H N N 125 
GLU HXT  H N N 126 
GLY N    N N N 127 
GLY CA   C N N 128 
GLY C    C N N 129 
GLY O    O N N 130 
GLY OXT  O N N 131 
GLY H    H N N 132 
GLY H2   H N N 133 
GLY HA2  H N N 134 
GLY HA3  H N N 135 
GLY HXT  H N N 136 
HIS N    N N N 137 
HIS CA   C N S 138 
HIS C    C N N 139 
HIS O    O N N 140 
HIS CB   C N N 141 
HIS CG   C Y N 142 
HIS ND1  N Y N 143 
HIS CD2  C Y N 144 
HIS CE1  C Y N 145 
HIS NE2  N Y N 146 
HIS OXT  O N N 147 
HIS H    H N N 148 
HIS H2   H N N 149 
HIS HA   H N N 150 
HIS HB2  H N N 151 
HIS HB3  H N N 152 
HIS HD1  H N N 153 
HIS HD2  H N N 154 
HIS HE1  H N N 155 
HIS HE2  H N N 156 
HIS HXT  H N N 157 
HOH O    O N N 158 
HOH H1   H N N 159 
HOH H2   H N N 160 
ILE N    N N N 161 
ILE CA   C N S 162 
ILE C    C N N 163 
ILE O    O N N 164 
ILE CB   C N S 165 
ILE CG1  C N N 166 
ILE CG2  C N N 167 
ILE CD1  C N N 168 
ILE OXT  O N N 169 
ILE H    H N N 170 
ILE H2   H N N 171 
ILE HA   H N N 172 
ILE HB   H N N 173 
ILE HG12 H N N 174 
ILE HG13 H N N 175 
ILE HG21 H N N 176 
ILE HG22 H N N 177 
ILE HG23 H N N 178 
ILE HD11 H N N 179 
ILE HD12 H N N 180 
ILE HD13 H N N 181 
ILE HXT  H N N 182 
LEU N    N N N 183 
LEU CA   C N S 184 
LEU C    C N N 185 
LEU O    O N N 186 
LEU CB   C N N 187 
LEU CG   C N N 188 
LEU CD1  C N N 189 
LEU CD2  C N N 190 
LEU OXT  O N N 191 
LEU H    H N N 192 
LEU H2   H N N 193 
LEU HA   H N N 194 
LEU HB2  H N N 195 
LEU HB3  H N N 196 
LEU HG   H N N 197 
LEU HD11 H N N 198 
LEU HD12 H N N 199 
LEU HD13 H N N 200 
LEU HD21 H N N 201 
LEU HD22 H N N 202 
LEU HD23 H N N 203 
LEU HXT  H N N 204 
LYS N    N N N 205 
LYS CA   C N S 206 
LYS C    C N N 207 
LYS O    O N N 208 
LYS CB   C N N 209 
LYS CG   C N N 210 
LYS CD   C N N 211 
LYS CE   C N N 212 
LYS NZ   N N N 213 
LYS OXT  O N N 214 
LYS H    H N N 215 
LYS H2   H N N 216 
LYS HA   H N N 217 
LYS HB2  H N N 218 
LYS HB3  H N N 219 
LYS HG2  H N N 220 
LYS HG3  H N N 221 
LYS HD2  H N N 222 
LYS HD3  H N N 223 
LYS HE2  H N N 224 
LYS HE3  H N N 225 
LYS HZ1  H N N 226 
LYS HZ2  H N N 227 
LYS HZ3  H N N 228 
LYS HXT  H N N 229 
MET N    N N N 230 
MET CA   C N S 231 
MET C    C N N 232 
MET O    O N N 233 
MET CB   C N N 234 
MET CG   C N N 235 
MET SD   S N N 236 
MET CE   C N N 237 
MET OXT  O N N 238 
MET H    H N N 239 
MET H2   H N N 240 
MET HA   H N N 241 
MET HB2  H N N 242 
MET HB3  H N N 243 
MET HG2  H N N 244 
MET HG3  H N N 245 
MET HE1  H N N 246 
MET HE2  H N N 247 
MET HE3  H N N 248 
MET HXT  H N N 249 
PHE N    N N N 250 
PHE CA   C N S 251 
PHE C    C N N 252 
PHE O    O N N 253 
PHE CB   C N N 254 
PHE CG   C Y N 255 
PHE CD1  C Y N 256 
PHE CD2  C Y N 257 
PHE CE1  C Y N 258 
PHE CE2  C Y N 259 
PHE CZ   C Y N 260 
PHE OXT  O N N 261 
PHE H    H N N 262 
PHE H2   H N N 263 
PHE HA   H N N 264 
PHE HB2  H N N 265 
PHE HB3  H N N 266 
PHE HD1  H N N 267 
PHE HD2  H N N 268 
PHE HE1  H N N 269 
PHE HE2  H N N 270 
PHE HZ   H N N 271 
PHE HXT  H N N 272 
PRO N    N N N 273 
PRO CA   C N S 274 
PRO C    C N N 275 
PRO O    O N N 276 
PRO CB   C N N 277 
PRO CG   C N N 278 
PRO CD   C N N 279 
PRO OXT  O N N 280 
PRO H    H N N 281 
PRO HA   H N N 282 
PRO HB2  H N N 283 
PRO HB3  H N N 284 
PRO HG2  H N N 285 
PRO HG3  H N N 286 
PRO HD2  H N N 287 
PRO HD3  H N N 288 
PRO HXT  H N N 289 
SER N    N N N 290 
SER CA   C N S 291 
SER C    C N N 292 
SER O    O N N 293 
SER CB   C N N 294 
SER OG   O N N 295 
SER OXT  O N N 296 
SER H    H N N 297 
SER H2   H N N 298 
SER HA   H N N 299 
SER HB2  H N N 300 
SER HB3  H N N 301 
SER HG   H N N 302 
SER HXT  H N N 303 
THR N    N N N 304 
THR CA   C N S 305 
THR C    C N N 306 
THR O    O N N 307 
THR CB   C N R 308 
THR OG1  O N N 309 
THR CG2  C N N 310 
THR OXT  O N N 311 
THR H    H N N 312 
THR H2   H N N 313 
THR HA   H N N 314 
THR HB   H N N 315 
THR HG1  H N N 316 
THR HG21 H N N 317 
THR HG22 H N N 318 
THR HG23 H N N 319 
THR HXT  H N N 320 
TRP N    N N N 321 
TRP CA   C N S 322 
TRP C    C N N 323 
TRP O    O N N 324 
TRP CB   C N N 325 
TRP CG   C Y N 326 
TRP CD1  C Y N 327 
TRP CD2  C Y N 328 
TRP NE1  N Y N 329 
TRP CE2  C Y N 330 
TRP CE3  C Y N 331 
TRP CZ2  C Y N 332 
TRP CZ3  C Y N 333 
TRP CH2  C Y N 334 
TRP OXT  O N N 335 
TRP H    H N N 336 
TRP H2   H N N 337 
TRP HA   H N N 338 
TRP HB2  H N N 339 
TRP HB3  H N N 340 
TRP HD1  H N N 341 
TRP HE1  H N N 342 
TRP HE3  H N N 343 
TRP HZ2  H N N 344 
TRP HZ3  H N N 345 
TRP HH2  H N N 346 
TRP HXT  H N N 347 
TYR N    N N N 348 
TYR CA   C N S 349 
TYR C    C N N 350 
TYR O    O N N 351 
TYR CB   C N N 352 
TYR CG   C Y N 353 
TYR CD1  C Y N 354 
TYR CD2  C Y N 355 
TYR CE1  C Y N 356 
TYR CE2  C Y N 357 
TYR CZ   C Y N 358 
TYR OH   O N N 359 
TYR OXT  O N N 360 
TYR H    H N N 361 
TYR H2   H N N 362 
TYR HA   H N N 363 
TYR HB2  H N N 364 
TYR HB3  H N N 365 
TYR HD1  H N N 366 
TYR HD2  H N N 367 
TYR HE1  H N N 368 
TYR HE2  H N N 369 
TYR HH   H N N 370 
TYR HXT  H N N 371 
VAL N    N N N 372 
VAL CA   C N S 373 
VAL C    C N N 374 
VAL O    O N N 375 
VAL CB   C N N 376 
VAL CG1  C N N 377 
VAL CG2  C N N 378 
VAL OXT  O N N 379 
VAL H    H N N 380 
VAL H2   H N N 381 
VAL HA   H N N 382 
VAL HB   H N N 383 
VAL HG11 H N N 384 
VAL HG12 H N N 385 
VAL HG13 H N N 386 
VAL HG21 H N N 387 
VAL HG22 H N N 388 
VAL HG23 H N N 389 
VAL HXT  H N N 390 
# 
loop_
_chem_comp_bond.comp_id 
_chem_comp_bond.atom_id_1 
_chem_comp_bond.atom_id_2 
_chem_comp_bond.value_order 
_chem_comp_bond.pdbx_aromatic_flag 
_chem_comp_bond.pdbx_stereo_config 
_chem_comp_bond.pdbx_ordinal 
ALA N   CA   sing N N 1   
ALA N   H    sing N N 2   
ALA N   H2   sing N N 3   
ALA CA  C    sing N N 4   
ALA CA  CB   sing N N 5   
ALA CA  HA   sing N N 6   
ALA C   O    doub N N 7   
ALA C   OXT  sing N N 8   
ALA CB  HB1  sing N N 9   
ALA CB  HB2  sing N N 10  
ALA CB  HB3  sing N N 11  
ALA OXT HXT  sing N N 12  
ARG N   CA   sing N N 13  
ARG N   H    sing N N 14  
ARG N   H2   sing N N 15  
ARG CA  C    sing N N 16  
ARG CA  CB   sing N N 17  
ARG CA  HA   sing N N 18  
ARG C   O    doub N N 19  
ARG C   OXT  sing N N 20  
ARG CB  CG   sing N N 21  
ARG CB  HB2  sing N N 22  
ARG CB  HB3  sing N N 23  
ARG CG  CD   sing N N 24  
ARG CG  HG2  sing N N 25  
ARG CG  HG3  sing N N 26  
ARG CD  NE   sing N N 27  
ARG CD  HD2  sing N N 28  
ARG CD  HD3  sing N N 29  
ARG NE  CZ   sing N N 30  
ARG NE  HE   sing N N 31  
ARG CZ  NH1  sing N N 32  
ARG CZ  NH2  doub N N 33  
ARG NH1 HH11 sing N N 34  
ARG NH1 HH12 sing N N 35  
ARG NH2 HH21 sing N N 36  
ARG NH2 HH22 sing N N 37  
ARG OXT HXT  sing N N 38  
ASN N   CA   sing N N 39  
ASN N   H    sing N N 40  
ASN N   H2   sing N N 41  
ASN CA  C    sing N N 42  
ASN CA  CB   sing N N 43  
ASN CA  HA   sing N N 44  
ASN C   O    doub N N 45  
ASN C   OXT  sing N N 46  
ASN CB  CG   sing N N 47  
ASN CB  HB2  sing N N 48  
ASN CB  HB3  sing N N 49  
ASN CG  OD1  doub N N 50  
ASN CG  ND2  sing N N 51  
ASN ND2 HD21 sing N N 52  
ASN ND2 HD22 sing N N 53  
ASN OXT HXT  sing N N 54  
ASP N   CA   sing N N 55  
ASP N   H    sing N N 56  
ASP N   H2   sing N N 57  
ASP CA  C    sing N N 58  
ASP CA  CB   sing N N 59  
ASP CA  HA   sing N N 60  
ASP C   O    doub N N 61  
ASP C   OXT  sing N N 62  
ASP CB  CG   sing N N 63  
ASP CB  HB2  sing N N 64  
ASP CB  HB3  sing N N 65  
ASP CG  OD1  doub N N 66  
ASP CG  OD2  sing N N 67  
ASP OD2 HD2  sing N N 68  
ASP OXT HXT  sing N N 69  
CYS N   CA   sing N N 70  
CYS N   H    sing N N 71  
CYS N   H2   sing N N 72  
CYS CA  C    sing N N 73  
CYS CA  CB   sing N N 74  
CYS CA  HA   sing N N 75  
CYS C   O    doub N N 76  
CYS C   OXT  sing N N 77  
CYS CB  SG   sing N N 78  
CYS CB  HB2  sing N N 79  
CYS CB  HB3  sing N N 80  
CYS SG  HG   sing N N 81  
CYS OXT HXT  sing N N 82  
GLN N   CA   sing N N 83  
GLN N   H    sing N N 84  
GLN N   H2   sing N N 85  
GLN CA  C    sing N N 86  
GLN CA  CB   sing N N 87  
GLN CA  HA   sing N N 88  
GLN C   O    doub N N 89  
GLN C   OXT  sing N N 90  
GLN CB  CG   sing N N 91  
GLN CB  HB2  sing N N 92  
GLN CB  HB3  sing N N 93  
GLN CG  CD   sing N N 94  
GLN CG  HG2  sing N N 95  
GLN CG  HG3  sing N N 96  
GLN CD  OE1  doub N N 97  
GLN CD  NE2  sing N N 98  
GLN NE2 HE21 sing N N 99  
GLN NE2 HE22 sing N N 100 
GLN OXT HXT  sing N N 101 
GLU N   CA   sing N N 102 
GLU N   H    sing N N 103 
GLU N   H2   sing N N 104 
GLU CA  C    sing N N 105 
GLU CA  CB   sing N N 106 
GLU CA  HA   sing N N 107 
GLU C   O    doub N N 108 
GLU C   OXT  sing N N 109 
GLU CB  CG   sing N N 110 
GLU CB  HB2  sing N N 111 
GLU CB  HB3  sing N N 112 
GLU CG  CD   sing N N 113 
GLU CG  HG2  sing N N 114 
GLU CG  HG3  sing N N 115 
GLU CD  OE1  doub N N 116 
GLU CD  OE2  sing N N 117 
GLU OE2 HE2  sing N N 118 
GLU OXT HXT  sing N N 119 
GLY N   CA   sing N N 120 
GLY N   H    sing N N 121 
GLY N   H2   sing N N 122 
GLY CA  C    sing N N 123 
GLY CA  HA2  sing N N 124 
GLY CA  HA3  sing N N 125 
GLY C   O    doub N N 126 
GLY C   OXT  sing N N 127 
GLY OXT HXT  sing N N 128 
HIS N   CA   sing N N 129 
HIS N   H    sing N N 130 
HIS N   H2   sing N N 131 
HIS CA  C    sing N N 132 
HIS CA  CB   sing N N 133 
HIS CA  HA   sing N N 134 
HIS C   O    doub N N 135 
HIS C   OXT  sing N N 136 
HIS CB  CG   sing N N 137 
HIS CB  HB2  sing N N 138 
HIS CB  HB3  sing N N 139 
HIS CG  ND1  sing Y N 140 
HIS CG  CD2  doub Y N 141 
HIS ND1 CE1  doub Y N 142 
HIS ND1 HD1  sing N N 143 
HIS CD2 NE2  sing Y N 144 
HIS CD2 HD2  sing N N 145 
HIS CE1 NE2  sing Y N 146 
HIS CE1 HE1  sing N N 147 
HIS NE2 HE2  sing N N 148 
HIS OXT HXT  sing N N 149 
HOH O   H1   sing N N 150 
HOH O   H2   sing N N 151 
ILE N   CA   sing N N 152 
ILE N   H    sing N N 153 
ILE N   H2   sing N N 154 
ILE CA  C    sing N N 155 
ILE CA  CB   sing N N 156 
ILE CA  HA   sing N N 157 
ILE C   O    doub N N 158 
ILE C   OXT  sing N N 159 
ILE CB  CG1  sing N N 160 
ILE CB  CG2  sing N N 161 
ILE CB  HB   sing N N 162 
ILE CG1 CD1  sing N N 163 
ILE CG1 HG12 sing N N 164 
ILE CG1 HG13 sing N N 165 
ILE CG2 HG21 sing N N 166 
ILE CG2 HG22 sing N N 167 
ILE CG2 HG23 sing N N 168 
ILE CD1 HD11 sing N N 169 
ILE CD1 HD12 sing N N 170 
ILE CD1 HD13 sing N N 171 
ILE OXT HXT  sing N N 172 
LEU N   CA   sing N N 173 
LEU N   H    sing N N 174 
LEU N   H2   sing N N 175 
LEU CA  C    sing N N 176 
LEU CA  CB   sing N N 177 
LEU CA  HA   sing N N 178 
LEU C   O    doub N N 179 
LEU C   OXT  sing N N 180 
LEU CB  CG   sing N N 181 
LEU CB  HB2  sing N N 182 
LEU CB  HB3  sing N N 183 
LEU CG  CD1  sing N N 184 
LEU CG  CD2  sing N N 185 
LEU CG  HG   sing N N 186 
LEU CD1 HD11 sing N N 187 
LEU CD1 HD12 sing N N 188 
LEU CD1 HD13 sing N N 189 
LEU CD2 HD21 sing N N 190 
LEU CD2 HD22 sing N N 191 
LEU CD2 HD23 sing N N 192 
LEU OXT HXT  sing N N 193 
LYS N   CA   sing N N 194 
LYS N   H    sing N N 195 
LYS N   H2   sing N N 196 
LYS CA  C    sing N N 197 
LYS CA  CB   sing N N 198 
LYS CA  HA   sing N N 199 
LYS C   O    doub N N 200 
LYS C   OXT  sing N N 201 
LYS CB  CG   sing N N 202 
LYS CB  HB2  sing N N 203 
LYS CB  HB3  sing N N 204 
LYS CG  CD   sing N N 205 
LYS CG  HG2  sing N N 206 
LYS CG  HG3  sing N N 207 
LYS CD  CE   sing N N 208 
LYS CD  HD2  sing N N 209 
LYS CD  HD3  sing N N 210 
LYS CE  NZ   sing N N 211 
LYS CE  HE2  sing N N 212 
LYS CE  HE3  sing N N 213 
LYS NZ  HZ1  sing N N 214 
LYS NZ  HZ2  sing N N 215 
LYS NZ  HZ3  sing N N 216 
LYS OXT HXT  sing N N 217 
MET N   CA   sing N N 218 
MET N   H    sing N N 219 
MET N   H2   sing N N 220 
MET CA  C    sing N N 221 
MET CA  CB   sing N N 222 
MET CA  HA   sing N N 223 
MET C   O    doub N N 224 
MET C   OXT  sing N N 225 
MET CB  CG   sing N N 226 
MET CB  HB2  sing N N 227 
MET CB  HB3  sing N N 228 
MET CG  SD   sing N N 229 
MET CG  HG2  sing N N 230 
MET CG  HG3  sing N N 231 
MET SD  CE   sing N N 232 
MET CE  HE1  sing N N 233 
MET CE  HE2  sing N N 234 
MET CE  HE3  sing N N 235 
MET OXT HXT  sing N N 236 
PHE N   CA   sing N N 237 
PHE N   H    sing N N 238 
PHE N   H2   sing N N 239 
PHE CA  C    sing N N 240 
PHE CA  CB   sing N N 241 
PHE CA  HA   sing N N 242 
PHE C   O    doub N N 243 
PHE C   OXT  sing N N 244 
PHE CB  CG   sing N N 245 
PHE CB  HB2  sing N N 246 
PHE CB  HB3  sing N N 247 
PHE CG  CD1  doub Y N 248 
PHE CG  CD2  sing Y N 249 
PHE CD1 CE1  sing Y N 250 
PHE CD1 HD1  sing N N 251 
PHE CD2 CE2  doub Y N 252 
PHE CD2 HD2  sing N N 253 
PHE CE1 CZ   doub Y N 254 
PHE CE1 HE1  sing N N 255 
PHE CE2 CZ   sing Y N 256 
PHE CE2 HE2  sing N N 257 
PHE CZ  HZ   sing N N 258 
PHE OXT HXT  sing N N 259 
PRO N   CA   sing N N 260 
PRO N   CD   sing N N 261 
PRO N   H    sing N N 262 
PRO CA  C    sing N N 263 
PRO CA  CB   sing N N 264 
PRO CA  HA   sing N N 265 
PRO C   O    doub N N 266 
PRO C   OXT  sing N N 267 
PRO CB  CG   sing N N 268 
PRO CB  HB2  sing N N 269 
PRO CB  HB3  sing N N 270 
PRO CG  CD   sing N N 271 
PRO CG  HG2  sing N N 272 
PRO CG  HG3  sing N N 273 
PRO CD  HD2  sing N N 274 
PRO CD  HD3  sing N N 275 
PRO OXT HXT  sing N N 276 
SER N   CA   sing N N 277 
SER N   H    sing N N 278 
SER N   H2   sing N N 279 
SER CA  C    sing N N 280 
SER CA  CB   sing N N 281 
SER CA  HA   sing N N 282 
SER C   O    doub N N 283 
SER C   OXT  sing N N 284 
SER CB  OG   sing N N 285 
SER CB  HB2  sing N N 286 
SER CB  HB3  sing N N 287 
SER OG  HG   sing N N 288 
SER OXT HXT  sing N N 289 
THR N   CA   sing N N 290 
THR N   H    sing N N 291 
THR N   H2   sing N N 292 
THR CA  C    sing N N 293 
THR CA  CB   sing N N 294 
THR CA  HA   sing N N 295 
THR C   O    doub N N 296 
THR C   OXT  sing N N 297 
THR CB  OG1  sing N N 298 
THR CB  CG2  sing N N 299 
THR CB  HB   sing N N 300 
THR OG1 HG1  sing N N 301 
THR CG2 HG21 sing N N 302 
THR CG2 HG22 sing N N 303 
THR CG2 HG23 sing N N 304 
THR OXT HXT  sing N N 305 
TRP N   CA   sing N N 306 
TRP N   H    sing N N 307 
TRP N   H2   sing N N 308 
TRP CA  C    sing N N 309 
TRP CA  CB   sing N N 310 
TRP CA  HA   sing N N 311 
TRP C   O    doub N N 312 
TRP C   OXT  sing N N 313 
TRP CB  CG   sing N N 314 
TRP CB  HB2  sing N N 315 
TRP CB  HB3  sing N N 316 
TRP CG  CD1  doub Y N 317 
TRP CG  CD2  sing Y N 318 
TRP CD1 NE1  sing Y N 319 
TRP CD1 HD1  sing N N 320 
TRP CD2 CE2  doub Y N 321 
TRP CD2 CE3  sing Y N 322 
TRP NE1 CE2  sing Y N 323 
TRP NE1 HE1  sing N N 324 
TRP CE2 CZ2  sing Y N 325 
TRP CE3 CZ3  doub Y N 326 
TRP CE3 HE3  sing N N 327 
TRP CZ2 CH2  doub Y N 328 
TRP CZ2 HZ2  sing N N 329 
TRP CZ3 CH2  sing Y N 330 
TRP CZ3 HZ3  sing N N 331 
TRP CH2 HH2  sing N N 332 
TRP OXT HXT  sing N N 333 
TYR N   CA   sing N N 334 
TYR N   H    sing N N 335 
TYR N   H2   sing N N 336 
TYR CA  C    sing N N 337 
TYR CA  CB   sing N N 338 
TYR CA  HA   sing N N 339 
TYR C   O    doub N N 340 
TYR C   OXT  sing N N 341 
TYR CB  CG   sing N N 342 
TYR CB  HB2  sing N N 343 
TYR CB  HB3  sing N N 344 
TYR CG  CD1  doub Y N 345 
TYR CG  CD2  sing Y N 346 
TYR CD1 CE1  sing Y N 347 
TYR CD1 HD1  sing N N 348 
TYR CD2 CE2  doub Y N 349 
TYR CD2 HD2  sing N N 350 
TYR CE1 CZ   doub Y N 351 
TYR CE1 HE1  sing N N 352 
TYR CE2 CZ   sing Y N 353 
TYR CE2 HE2  sing N N 354 
TYR CZ  OH   sing N N 355 
TYR OH  HH   sing N N 356 
TYR OXT HXT  sing N N 357 
VAL N   CA   sing N N 358 
VAL N   H    sing N N 359 
VAL N   H2   sing N N 360 
VAL CA  C    sing N N 361 
VAL CA  CB   sing N N 362 
VAL CA  HA   sing N N 363 
VAL C   O    doub N N 364 
VAL C   OXT  sing N N 365 
VAL CB  CG1  sing N N 366 
VAL CB  CG2  sing N N 367 
VAL CB  HB   sing N N 368 
VAL CG1 HG11 sing N N 369 
VAL CG1 HG12 sing N N 370 
VAL CG1 HG13 sing N N 371 
VAL CG2 HG21 sing N N 372 
VAL CG2 HG22 sing N N 373 
VAL CG2 HG23 sing N N 374 
VAL OXT HXT  sing N N 375 
# 
_atom_sites.entry_id                    3K8U 
_atom_sites.fract_transf_matrix[1][1]   0.01146343 
_atom_sites.fract_transf_matrix[1][2]   0.00210415 
_atom_sites.fract_transf_matrix[1][3]   -0.01246091 
_atom_sites.fract_transf_matrix[2][1]   0.01250933 
_atom_sites.fract_transf_matrix[2][2]   0.00049893 
_atom_sites.fract_transf_matrix[2][3]   0.01159222 
_atom_sites.fract_transf_matrix[3][1]   0.00093841 
_atom_sites.fract_transf_matrix[3][2]   -0.00885303 
_atom_sites.fract_transf_matrix[3][3]   -0.00063162 
_atom_sites.fract_transf_vector[1]      0.050517 
_atom_sites.fract_transf_vector[2]      0.299728 
_atom_sites.fract_transf_vector[3]      0.157440 
# 
loop_
_atom_type.symbol 
C 
N 
O 
S 
# 
loop_
_atom_site.group_PDB 
_atom_site.id 
_atom_site.type_symbol 
_atom_site.label_atom_id 
_atom_site.label_alt_id 
_atom_site.label_comp_id 
_atom_site.label_asym_id 
_atom_site.label_entity_id 
_atom_site.label_seq_id 
_atom_site.pdbx_PDB_ins_code 
_atom_site.Cartn_x 
_atom_site.Cartn_y 
_atom_site.Cartn_z 
_atom_site.occupancy 
_atom_site.B_iso_or_equiv 
_atom_site.pdbx_formal_charge 
_atom_site.auth_seq_id 
_atom_site.auth_comp_id 
_atom_site.auth_asym_id 
_atom_site.auth_atom_id 
_atom_site.pdbx_PDB_model_num 
ATOM   1    N N   . HIS A 1 5   ? -14.928 -5.506  -5.544  1.00 46.51 ? 5   HIS A N   1 
ATOM   2    C CA  . HIS A 1 5   ? -13.964 -5.287  -6.663  1.00 45.43 ? 5   HIS A CA  1 
ATOM   3    C C   . HIS A 1 5   ? -12.556 -5.042  -6.131  1.00 43.80 ? 5   HIS A C   1 
ATOM   4    O O   . HIS A 1 5   ? -11.575 -5.549  -6.677  1.00 44.44 ? 5   HIS A O   1 
ATOM   5    C CB  . HIS A 1 5   ? -14.389 -4.079  -7.506  1.00 47.90 ? 5   HIS A CB  1 
ATOM   6    C CG  . HIS A 1 5   ? -15.713 -4.247  -8.188  1.00 50.38 ? 5   HIS A CG  1 
ATOM   7    N ND1 . HIS A 1 5   ? -16.048 -5.378  -8.901  1.00 50.97 ? 5   HIS A ND1 1 
ATOM   8    C CD2 . HIS A 1 5   ? -16.777 -3.415  -8.280  1.00 51.13 ? 5   HIS A CD2 1 
ATOM   9    C CE1 . HIS A 1 5   ? -17.261 -5.236  -9.403  1.00 51.83 ? 5   HIS A CE1 1 
ATOM   10   N NE2 . HIS A 1 5   ? -17.726 -4.053  -9.042  1.00 52.16 ? 5   HIS A NE2 1 
ATOM   11   N N   . TYR A 1 6   ? -12.469 -4.251  -5.067  1.00 40.25 ? 6   TYR A N   1 
ATOM   12   C CA  . TYR A 1 6   ? -11.188 -3.906  -4.466  1.00 36.92 ? 6   TYR A CA  1 
ATOM   13   C C   . TYR A 1 6   ? -10.870 -4.765  -3.250  1.00 35.16 ? 6   TYR A C   1 
ATOM   14   O O   . TYR A 1 6   ? -11.503 -4.645  -2.198  1.00 35.01 ? 6   TYR A O   1 
ATOM   15   C CB  . TYR A 1 6   ? -11.175 -2.418  -4.117  1.00 34.67 ? 6   TYR A CB  1 
ATOM   16   C CG  . TYR A 1 6   ? -11.576 -1.556  -5.293  1.00 33.94 ? 6   TYR A CG  1 
ATOM   17   C CD1 . TYR A 1 6   ? -12.706 -0.744  -5.234  1.00 35.40 ? 6   TYR A CD1 1 
ATOM   18   C CD2 . TYR A 1 6   ? -10.856 -1.596  -6.485  1.00 34.42 ? 6   TYR A CD2 1 
ATOM   19   C CE1 . TYR A 1 6   ? -13.112 0.004   -6.339  1.00 36.26 ? 6   TYR A CE1 1 
ATOM   20   C CE2 . TYR A 1 6   ? -11.249 -0.855  -7.592  1.00 35.39 ? 6   TYR A CE2 1 
ATOM   21   C CZ  . TYR A 1 6   ? -12.379 -0.058  -7.513  1.00 36.22 ? 6   TYR A CZ  1 
ATOM   22   O OH  . TYR A 1 6   ? -12.780 0.664   -8.614  1.00 38.09 ? 6   TYR A OH  1 
ATOM   23   N N   . LYS A 1 7   ? -9.883  -5.638  -3.411  1.00 32.72 ? 7   LYS A N   1 
ATOM   24   C CA  . LYS A 1 7   ? -9.473  -6.539  -2.345  1.00 31.55 ? 7   LYS A CA  1 
ATOM   25   C C   . LYS A 1 7   ? -8.487  -5.901  -1.376  1.00 29.99 ? 7   LYS A C   1 
ATOM   26   O O   . LYS A 1 7   ? -7.478  -5.316  -1.777  1.00 29.67 ? 7   LYS A O   1 
ATOM   27   C CB  . LYS A 1 7   ? -8.914  -7.834  -2.938  1.00 34.51 ? 7   LYS A CB  1 
ATOM   28   C CG  . LYS A 1 7   ? -9.989  -8.686  -3.613  1.00 37.86 ? 7   LYS A CG  1 
ATOM   29   C CD  . LYS A 1 7   ? -9.417  -9.889  -4.352  1.00 41.42 ? 7   LYS A CD  1 
ATOM   30   C CE  . LYS A 1 7   ? -8.718  -9.473  -5.636  1.00 42.86 ? 7   LYS A CE  1 
ATOM   31   N NZ  . LYS A 1 7   ? -8.279  -10.649 -6.440  1.00 46.67 ? 7   LYS A NZ  1 
ATOM   32   N N   . LEU A 1 8   ? -8.818  -5.981  -0.093  1.00 25.24 ? 8   LEU A N   1 
ATOM   33   C CA  . LEU A 1 8   ? -7.975  -5.425  0.951   1.00 22.73 ? 8   LEU A CA  1 
ATOM   34   C C   . LEU A 1 8   ? -7.881  -6.362  2.139   1.00 22.66 ? 8   LEU A C   1 
ATOM   35   O O   . LEU A 1 8   ? -8.900  -6.815  2.668   1.00 22.05 ? 8   LEU A O   1 
ATOM   36   C CB  . LEU A 1 8   ? -8.527  -4.082  1.433   1.00 21.62 ? 8   LEU A CB  1 
ATOM   37   C CG  . LEU A 1 8   ? -7.827  -3.500  2.671   1.00 22.21 ? 8   LEU A CG  1 
ATOM   38   C CD1 . LEU A 1 8   ? -6.488  -2.875  2.296   1.00 20.25 ? 8   LEU A CD1 1 
ATOM   39   C CD2 . LEU A 1 8   ? -8.708  -2.474  3.309   1.00 23.53 ? 8   LEU A CD2 1 
ATOM   40   N N   . VAL A 1 9   ? -6.652  -6.662  2.537   1.00 20.60 ? 9   VAL A N   1 
ATOM   41   C CA  . VAL A 1 9   ? -6.404  -7.505  3.695   1.00 20.46 ? 9   VAL A CA  1 
ATOM   42   C C   . VAL A 1 9   ? -6.122  -6.516  4.823   1.00 20.54 ? 9   VAL A C   1 
ATOM   43   O O   . VAL A 1 9   ? -5.115  -5.803  4.796   1.00 20.16 ? 9   VAL A O   1 
ATOM   44   C CB  . VAL A 1 9   ? -5.182  -8.428  3.484   1.00 21.08 ? 9   VAL A CB  1 
ATOM   45   C CG1 . VAL A 1 9   ? -4.919  -9.245  4.744   1.00 21.93 ? 9   VAL A CG1 1 
ATOM   46   C CG2 . VAL A 1 9   ? -5.421  -9.360  2.298   1.00 21.99 ? 9   VAL A CG2 1 
ATOM   47   N N   . PRO A 1 10  ? -7.048  -6.403  5.789   1.00 19.61 ? 10  PRO A N   1 
ATOM   48   C CA  . PRO A 1 10  ? -6.870  -5.477  6.907   1.00 20.34 ? 10  PRO A CA  1 
ATOM   49   C C   . PRO A 1 10  ? -5.875  -5.964  7.952   1.00 19.76 ? 10  PRO A C   1 
ATOM   50   O O   . PRO A 1 10  ? -5.566  -7.151  8.026   1.00 19.76 ? 10  PRO A O   1 
ATOM   51   C CB  . PRO A 1 10  ? -8.280  -5.371  7.483   1.00 22.25 ? 10  PRO A CB  1 
ATOM   52   C CG  . PRO A 1 10  ? -8.829  -6.746  7.267   1.00 22.47 ? 10  PRO A CG  1 
ATOM   53   C CD  . PRO A 1 10  ? -8.352  -7.090  5.868   1.00 21.62 ? 10  PRO A CD  1 
ATOM   54   N N   . GLN A 1 11  ? -5.321  -5.025  8.710   1.00 17.85 ? 11  GLN A N   1 
ATOM   55   C CA  . GLN A 1 11  ? -4.387  -5.364  9.773   1.00 17.59 ? 11  GLN A CA  1 
ATOM   56   C C   . GLN A 1 11  ? -5.186  -5.552  11.063  1.00 17.27 ? 11  GLN A C   1 
ATOM   57   O O   . GLN A 1 11  ? -6.352  -5.153  11.148  1.00 17.36 ? 11  GLN A O   1 
ATOM   58   C CB  . GLN A 1 11  ? -3.368  -4.233  9.975   1.00 18.52 ? 11  GLN A CB  1 
ATOM   59   C CG  . GLN A 1 11  ? -3.963  -2.954  10.571  1.00 18.88 ? 11  GLN A CG  1 
ATOM   60   C CD  . GLN A 1 11  ? -2.962  -1.815  10.640  1.00 20.28 ? 11  GLN A CD  1 
ATOM   61   O OE1 . GLN A 1 11  ? -3.097  -0.821  9.933   1.00 21.27 ? 11  GLN A OE1 1 
ATOM   62   N NE2 . GLN A 1 11  ? -1.954  -1.955  11.498  1.00 17.99 ? 11  GLN A NE2 1 
ATOM   63   N N   . ILE A 1 12  ? -4.567  -6.202  12.043  1.00 16.99 ? 12  ILE A N   1 
ATOM   64   C CA  . ILE A 1 12  ? -5.174  -6.398  13.358  1.00 18.70 ? 12  ILE A CA  1 
ATOM   65   C C   . ILE A 1 12  ? -4.160  -5.803  14.332  1.00 19.35 ? 12  ILE A C   1 
ATOM   66   O O   . ILE A 1 12  ? -4.483  -4.880  15.081  1.00 22.31 ? 12  ILE A O   1 
ATOM   67   C CB  . ILE A 1 12  ? -5.450  -7.887  13.680  1.00 17.84 ? 12  ILE A CB  1 
ATOM   68   C CG1 . ILE A 1 12  ? -6.422  -8.475  12.649  1.00 19.10 ? 12  ILE A CG1 1 
ATOM   69   C CG2 . ILE A 1 12  ? -6.052  -8.011  15.080  1.00 18.81 ? 12  ILE A CG2 1 
ATOM   70   C CD1 . ILE A 1 12  ? -6.674  -9.967  12.805  1.00 18.53 ? 12  ILE A CD1 1 
ATOM   71   N N   . ASP A 1 13  ? -2.925  -6.306  14.288  1.00 20.33 ? 13  ASP A N   1 
ATOM   72   C CA  . ASP A 1 13  ? -1.842  -5.779  15.125  1.00 21.73 ? 13  ASP A CA  1 
ATOM   73   C C   . ASP A 1 13  ? -1.466  -4.412  14.545  1.00 21.40 ? 13  ASP A C   1 
ATOM   74   O O   . ASP A 1 13  ? -1.408  -4.250  13.327  1.00 18.30 ? 13  ASP A O   1 
ATOM   75   C CB  . ASP A 1 13  ? -0.614  -6.699  15.084  1.00 23.67 ? 13  ASP A CB  1 
ATOM   76   C CG  . ASP A 1 13  ? -0.781  -7.954  15.926  1.00 29.53 ? 13  ASP A CG  1 
ATOM   77   O OD1 . ASP A 1 13  ? -1.509  -7.912  16.943  1.00 34.19 ? 13  ASP A OD1 1 
ATOM   78   O OD2 . ASP A 1 13  ? -0.157  -8.982  15.582  1.00 30.94 ? 13  ASP A OD2 1 
ATOM   79   N N   . THR A 1 14  ? -1.197  -3.438  15.413  1.00 21.48 ? 14  THR A N   1 
ATOM   80   C CA  . THR A 1 14  ? -0.856  -2.084  14.968  1.00 22.04 ? 14  THR A CA  1 
ATOM   81   C C   . THR A 1 14  ? 0.410   -1.962  14.120  1.00 21.72 ? 14  THR A C   1 
ATOM   82   O O   . THR A 1 14  ? 0.543   -1.025  13.333  1.00 22.27 ? 14  THR A O   1 
ATOM   83   C CB  . THR A 1 14  ? -0.766  -1.101  16.166  1.00 23.79 ? 14  THR A CB  1 
ATOM   84   O OG1 . THR A 1 14  ? 0.224   -1.558  17.096  1.00 25.13 ? 14  THR A OG1 1 
ATOM   85   C CG2 . THR A 1 14  ? -2.111  -1.008  16.875  1.00 27.27 ? 14  THR A CG2 1 
ATOM   86   N N   . ARG A 1 15  ? 1.315   -2.926  14.246  1.00 19.81 ? 15  ARG A N   1 
ATOM   87   C CA  . ARG A 1 15  ? 2.570   -2.911  13.496  1.00 20.32 ? 15  ARG A CA  1 
ATOM   88   C C   . ARG A 1 15  ? 2.464   -3.546  12.106  1.00 17.49 ? 15  ARG A C   1 
ATOM   89   O O   . ARG A 1 15  ? 3.415   -3.491  11.332  1.00 16.73 ? 15  ARG A O   1 
ATOM   90   C CB  . ARG A 1 15  ? 3.647   -3.669  14.281  1.00 24.07 ? 15  ARG A CB  1 
ATOM   91   C CG  . ARG A 1 15  ? 3.473   -5.199  14.238  1.00 28.23 ? 15  ARG A CG  1 
ATOM   92   C CD  . ARG A 1 15  ? 4.546   -5.932  15.033  1.00 32.55 ? 15  ARG A CD  1 
ATOM   93   N NE  . ARG A 1 15  ? 4.415   -5.710  16.470  1.00 35.75 ? 15  ARG A NE  1 
ATOM   94   C CZ  . ARG A 1 15  ? 5.298   -6.116  17.379  1.00 38.39 ? 15  ARG A CZ  1 
ATOM   95   N NH1 . ARG A 1 15  ? 6.391   -6.770  17.009  1.00 38.93 ? 15  ARG A NH1 1 
ATOM   96   N NH2 . ARG A 1 15  ? 5.089   -5.863  18.663  1.00 38.40 ? 15  ARG A NH2 1 
ATOM   97   N N   . ASP A 1 16  ? 1.302   -4.108  11.781  1.00 16.82 ? 16  ASP A N   1 
ATOM   98   C CA  . ASP A 1 16  ? 1.116   -4.824  10.517  1.00 15.47 ? 16  ASP A CA  1 
ATOM   99   C C   . ASP A 1 16  ? 0.597   -4.115  9.271   1.00 15.00 ? 16  ASP A C   1 
ATOM   100  O O   . ASP A 1 16  ? 0.132   -4.784  8.349   1.00 12.57 ? 16  ASP A O   1 
ATOM   101  C CB  . ASP A 1 16  ? 0.263   -6.076  10.757  1.00 14.33 ? 16  ASP A CB  1 
ATOM   102  C CG  . ASP A 1 16  ? 0.978   -7.127  11.586  1.00 16.93 ? 16  ASP A CG  1 
ATOM   103  O OD1 . ASP A 1 16  ? 2.223   -7.177  11.554  1.00 15.51 ? 16  ASP A OD1 1 
ATOM   104  O OD2 . ASP A 1 16  ? 0.287   -7.920  12.257  1.00 15.43 ? 16  ASP A OD2 1 
ATOM   105  N N   . CYS A 1 17  ? 0.706   -2.792  9.197   1.00 14.02 ? 17  CYS A N   1 
ATOM   106  C CA  . CYS A 1 17  ? 0.208   -2.103  8.007   1.00 13.41 ? 17  CYS A CA  1 
ATOM   107  C C   . CYS A 1 17  ? 0.976   -2.506  6.744   1.00 13.80 ? 17  CYS A C   1 
ATOM   108  O O   . CYS A 1 17  ? 0.377   -2.665  5.678   1.00 12.88 ? 17  CYS A O   1 
ATOM   109  C CB  . CYS A 1 17  ? 0.244   -0.585  8.179   1.00 15.72 ? 17  CYS A CB  1 
ATOM   110  S SG  . CYS A 1 17  ? -0.794  0.255   6.963   1.00 18.40 ? 17  CYS A SG  1 
ATOM   111  N N   . GLY A 1 18  ? 2.291   -2.674  6.876   1.00 12.95 ? 18  GLY A N   1 
ATOM   112  C CA  . GLY A 1 18  ? 3.126   -3.071  5.749   1.00 15.04 ? 18  GLY A CA  1 
ATOM   113  C C   . GLY A 1 18  ? 2.730   -4.442  5.230   1.00 15.28 ? 18  GLY A C   1 
ATOM   114  O O   . GLY A 1 18  ? 2.497   -4.618  4.027   1.00 14.74 ? 18  GLY A O   1 
ATOM   115  N N   . PRO A 1 19  ? 2.717   -5.457  6.106   1.00 15.01 ? 19  PRO A N   1 
ATOM   116  C CA  . PRO A 1 19  ? 2.334   -6.810  5.697   1.00 14.56 ? 19  PRO A CA  1 
ATOM   117  C C   . PRO A 1 19  ? 0.940   -6.802  5.064   1.00 12.92 ? 19  PRO A C   1 
ATOM   118  O O   . PRO A 1 19  ? 0.699   -7.494  4.077   1.00 13.03 ? 19  PRO A O   1 
ATOM   119  C CB  . PRO A 1 19  ? 2.334   -7.567  7.025   1.00 13.93 ? 19  PRO A CB  1 
ATOM   120  C CG  . PRO A 1 19  ? 3.454   -6.936  7.758   1.00 15.92 ? 19  PRO A CG  1 
ATOM   121  C CD  . PRO A 1 19  ? 3.269   -5.458  7.474   1.00 15.44 ? 19  PRO A CD  1 
ATOM   122  N N   . ALA A 1 20  ? 0.038   -5.990  5.617   1.00 13.01 ? 20  ALA A N   1 
ATOM   123  C CA  . ALA A 1 20  ? -1.332  -5.894  5.112   1.00 12.23 ? 20  ALA A CA  1 
ATOM   124  C C   . ALA A 1 20  ? -1.444  -5.363  3.685   1.00 13.77 ? 20  ALA A C   1 
ATOM   125  O O   . ALA A 1 20  ? -2.151  -5.955  2.867   1.00 12.87 ? 20  ALA A O   1 
ATOM   126  C CB  . ALA A 1 20  ? -2.198  -5.068  6.055   1.00 13.84 ? 20  ALA A CB  1 
ATOM   127  N N   . VAL A 1 21  ? -0.780  -4.246  3.377   1.00 13.28 ? 21  VAL A N   1 
ATOM   128  C CA  . VAL A 1 21  ? -0.855  -3.714  2.012   1.00 12.98 ? 21  VAL A CA  1 
ATOM   129  C C   . VAL A 1 21  ? -0.206  -4.668  1.012   1.00 13.65 ? 21  VAL A C   1 
ATOM   130  O O   . VAL A 1 21  ? -0.705  -4.830  -0.098  1.00 13.62 ? 21  VAL A O   1 
ATOM   131  C CB  . VAL A 1 21  ? -0.259  -2.274  1.864   1.00 13.15 ? 21  VAL A CB  1 
ATOM   132  C CG1 . VAL A 1 21  ? -1.050  -1.299  2.723   1.00 10.79 ? 21  VAL A CG1 1 
ATOM   133  C CG2 . VAL A 1 21  ? 1.222   -2.240  2.216   1.00 11.31 ? 21  VAL A CG2 1 
ATOM   134  N N   . LEU A 1 22  ? 0.876   -5.329  1.418   1.00 14.59 ? 22  LEU A N   1 
ATOM   135  C CA  . LEU A 1 22  ? 1.546   -6.275  0.533   1.00 15.76 ? 22  LEU A CA  1 
ATOM   136  C C   . LEU A 1 22  ? 0.623   -7.465  0.258   1.00 16.03 ? 22  LEU A C   1 
ATOM   137  O O   . LEU A 1 22  ? 0.488   -7.899  -0.886  1.00 16.53 ? 22  LEU A O   1 
ATOM   138  C CB  . LEU A 1 22  ? 2.877   -6.745  1.131   1.00 17.14 ? 22  LEU A CB  1 
ATOM   139  C CG  . LEU A 1 22  ? 3.684   -7.754  0.300   1.00 18.36 ? 22  LEU A CG  1 
ATOM   140  C CD1 . LEU A 1 22  ? 3.917   -7.228  -1.110  1.00 19.79 ? 22  LEU A CD1 1 
ATOM   141  C CD2 . LEU A 1 22  ? 5.008   -8.045  0.989   1.00 18.04 ? 22  LEU A CD2 1 
ATOM   142  N N   . ALA A 1 23  ? -0.033  -7.966  1.303   1.00 16.95 ? 23  ALA A N   1 
ATOM   143  C CA  . ALA A 1 23  ? -0.963  -9.087  1.155   1.00 18.36 ? 23  ALA A CA  1 
ATOM   144  C C   . ALA A 1 23  ? -2.121  -8.689  0.237   1.00 18.52 ? 23  ALA A C   1 
ATOM   145  O O   . ALA A 1 23  ? -2.587  -9.489  -0.583  1.00 16.99 ? 23  ALA A O   1 
ATOM   146  C CB  . ALA A 1 23  ? -1.496  -9.523  2.522   1.00 16.38 ? 23  ALA A CB  1 
ATOM   147  N N   . SER A 1 24  ? -2.562  -7.440  0.360   1.00 16.62 ? 24  SER A N   1 
ATOM   148  C CA  . SER A 1 24  ? -3.660  -6.921  -0.453  1.00 16.00 ? 24  SER A CA  1 
ATOM   149  C C   . SER A 1 24  ? -3.326  -6.935  -1.941  1.00 17.18 ? 24  SER A C   1 
ATOM   150  O O   . SER A 1 24  ? -4.110  -7.435  -2.756  1.00 19.36 ? 24  SER A O   1 
ATOM   151  C CB  . SER A 1 24  ? -4.023  -5.498  -0.018  1.00 14.81 ? 24  SER A CB  1 
ATOM   152  O OG  . SER A 1 24  ? -4.432  -5.460  1.339   1.00 14.65 ? 24  SER A OG  1 
ATOM   153  N N   . VAL A 1 25  ? -2.168  -6.384  -2.293  1.00 17.71 ? 25  VAL A N   1 
ATOM   154  C CA  . VAL A 1 25  ? -1.732  -6.335  -3.685  1.00 19.91 ? 25  VAL A CA  1 
ATOM   155  C C   . VAL A 1 25  ? -1.510  -7.746  -4.224  1.00 22.85 ? 25  VAL A C   1 
ATOM   156  O O   . VAL A 1 25  ? -1.953  -8.074  -5.327  1.00 21.48 ? 25  VAL A O   1 
ATOM   157  C CB  . VAL A 1 25  ? -0.446  -5.497  -3.848  1.00 18.33 ? 25  VAL A CB  1 
ATOM   158  C CG1 . VAL A 1 25  ? 0.087   -5.603  -5.275  1.00 20.65 ? 25  VAL A CG1 1 
ATOM   159  C CG2 . VAL A 1 25  ? -0.737  -4.035  -3.513  1.00 18.69 ? 25  VAL A CG2 1 
ATOM   160  N N   . ALA A 1 26  ? -0.854  -8.586  -3.426  1.00 23.61 ? 26  ALA A N   1 
ATOM   161  C CA  . ALA A 1 26  ? -0.593  -9.965  -3.828  1.00 26.03 ? 26  ALA A CA  1 
ATOM   162  C C   . ALA A 1 26  ? -1.902  -10.694 -4.134  1.00 26.81 ? 26  ALA A C   1 
ATOM   163  O O   . ALA A 1 26  ? -1.984  -11.460 -5.098  1.00 29.68 ? 26  ALA A O   1 
ATOM   164  C CB  . ALA A 1 26  ? 0.188   -10.696 -2.738  1.00 24.06 ? 26  ALA A CB  1 
ATOM   165  N N   . LYS A 1 27  ? -2.929  -10.424 -3.330  1.00 27.57 ? 27  LYS A N   1 
ATOM   166  C CA  . LYS A 1 27  ? -4.242  -11.040 -3.499  1.00 30.59 ? 27  LYS A CA  1 
ATOM   167  C C   . LYS A 1 27  ? -4.884  -10.619 -4.821  1.00 31.68 ? 27  LYS A C   1 
ATOM   168  O O   . LYS A 1 27  ? -5.622  -11.392 -5.435  1.00 29.91 ? 27  LYS A O   1 
ATOM   169  C CB  . LYS A 1 27  ? -5.155  -10.688 -2.320  1.00 32.40 ? 27  LYS A CB  1 
ATOM   170  C CG  . LYS A 1 27  ? -6.409  -11.540 -2.234  1.00 36.48 ? 27  LYS A CG  1 
ATOM   171  C CD  . LYS A 1 27  ? -7.153  -11.322 -0.926  1.00 40.00 ? 27  LYS A CD  1 
ATOM   172  C CE  . LYS A 1 27  ? -8.327  -12.286 -0.806  1.00 42.58 ? 27  LYS A CE  1 
ATOM   173  N NZ  . LYS A 1 27  ? -9.037  -12.167 0.498   1.00 45.01 ? 27  LYS A NZ  1 
ATOM   174  N N   . HIS A 1 28  ? -4.606  -9.388  -5.251  1.00 30.74 ? 28  HIS A N   1 
ATOM   175  C CA  . HIS A 1 28  ? -5.137  -8.881  -6.513  1.00 31.64 ? 28  HIS A CA  1 
ATOM   176  C C   . HIS A 1 28  ? -4.597  -9.732  -7.662  1.00 31.85 ? 28  HIS A C   1 
ATOM   177  O O   . HIS A 1 28  ? -5.314  -10.025 -8.619  1.00 32.92 ? 28  HIS A O   1 
ATOM   178  C CB  . HIS A 1 28  ? -4.738  -7.416  -6.721  1.00 30.51 ? 28  HIS A CB  1 
ATOM   179  C CG  . HIS A 1 28  ? -5.067  -6.889  -8.084  1.00 30.77 ? 28  HIS A CG  1 
ATOM   180  N ND1 . HIS A 1 28  ? -4.129  -6.787  -9.088  1.00 31.15 ? 28  HIS A ND1 1 
ATOM   181  C CD2 . HIS A 1 28  ? -6.233  -6.451  -8.614  1.00 30.93 ? 28  HIS A CD2 1 
ATOM   182  C CE1 . HIS A 1 28  ? -4.702  -6.310  -10.178 1.00 30.80 ? 28  HIS A CE1 1 
ATOM   183  N NE2 . HIS A 1 28  ? -5.979  -6.098  -9.918  1.00 29.89 ? 28  HIS A NE2 1 
ATOM   184  N N   . TYR A 1 29  ? -3.337  -10.144 -7.541  1.00 32.68 ? 29  TYR A N   1 
ATOM   185  C CA  . TYR A 1 29  ? -2.691  -10.966 -8.555  1.00 34.54 ? 29  TYR A CA  1 
ATOM   186  C C   . TYR A 1 29  ? -2.882  -12.473 -8.347  1.00 36.00 ? 29  TYR A C   1 
ATOM   187  O O   . TYR A 1 29  ? -2.123  -13.284 -8.880  1.00 37.29 ? 29  TYR A O   1 
ATOM   188  C CB  . TYR A 1 29  ? -1.207  -10.609 -8.654  1.00 35.20 ? 29  TYR A CB  1 
ATOM   189  C CG  . TYR A 1 29  ? -0.965  -9.203  -9.160  1.00 37.21 ? 29  TYR A CG  1 
ATOM   190  C CD1 . TYR A 1 29  ? -1.332  -8.836  -10.454 1.00 37.53 ? 29  TYR A CD1 1 
ATOM   191  C CD2 . TYR A 1 29  ? -0.378  -8.237  -8.343  1.00 37.59 ? 29  TYR A CD2 1 
ATOM   192  C CE1 . TYR A 1 29  ? -1.120  -7.543  -10.925 1.00 38.64 ? 29  TYR A CE1 1 
ATOM   193  C CE2 . TYR A 1 29  ? -0.162  -6.940  -8.804  1.00 37.51 ? 29  TYR A CE2 1 
ATOM   194  C CZ  . TYR A 1 29  ? -0.536  -6.601  -10.094 1.00 37.96 ? 29  TYR A CZ  1 
ATOM   195  O OH  . TYR A 1 29  ? -0.328  -5.321  -10.556 1.00 39.45 ? 29  TYR A OH  1 
ATOM   196  N N   . GLY A 1 30  ? -3.890  -12.835 -7.557  1.00 36.77 ? 30  GLY A N   1 
ATOM   197  C CA  . GLY A 1 30  ? -4.197  -14.238 -7.317  1.00 38.69 ? 30  GLY A CA  1 
ATOM   198  C C   . GLY A 1 30  ? -3.468  -14.996 -6.220  1.00 38.68 ? 30  GLY A C   1 
ATOM   199  O O   . GLY A 1 30  ? -3.783  -16.164 -5.981  1.00 39.11 ? 30  GLY A O   1 
ATOM   200  N N   . SER A 1 31  ? -2.499  -14.364 -5.563  1.00 38.28 ? 31  SER A N   1 
ATOM   201  C CA  . SER A 1 31  ? -1.748  -15.025 -4.494  1.00 38.63 ? 31  SER A CA  1 
ATOM   202  C C   . SER A 1 31  ? -2.235  -14.619 -3.107  1.00 38.09 ? 31  SER A C   1 
ATOM   203  O O   . SER A 1 31  ? -2.450  -13.438 -2.835  1.00 38.22 ? 31  SER A O   1 
ATOM   204  C CB  . SER A 1 31  ? -0.254  -14.721 -4.620  1.00 38.58 ? 31  SER A CB  1 
ATOM   205  O OG  . SER A 1 31  ? 0.284   -15.258 -5.814  1.00 42.26 ? 31  SER A OG  1 
ATOM   206  N N   . ASN A 1 32  ? -2.418  -15.605 -2.233  1.00 37.03 ? 32  ASN A N   1 
ATOM   207  C CA  . ASN A 1 32  ? -2.872  -15.341 -0.873  1.00 36.24 ? 32  ASN A CA  1 
ATOM   208  C C   . ASN A 1 32  ? -1.802  -15.687 0.158   1.00 34.39 ? 32  ASN A C   1 
ATOM   209  O O   . ASN A 1 32  ? -1.415  -16.849 0.308   1.00 35.20 ? 32  ASN A O   1 
ATOM   210  C CB  . ASN A 1 32  ? -4.171  -16.097 -0.573  1.00 39.57 ? 32  ASN A CB  1 
ATOM   211  C CG  . ASN A 1 32  ? -5.387  -15.452 -1.218  1.00 42.72 ? 32  ASN A CG  1 
ATOM   212  O OD1 . ASN A 1 32  ? -5.394  -15.159 -2.415  1.00 44.23 ? 32  ASN A OD1 1 
ATOM   213  N ND2 . ASN A 1 32  ? -6.425  -15.221 -0.419  1.00 43.98 ? 32  ASN A ND2 1 
ATOM   214  N N   . TYR A 1 33  ? -1.304  -14.658 0.840   1.00 28.94 ? 33  TYR A N   1 
ATOM   215  C CA  . TYR A 1 33  ? -0.281  -14.820 1.865   1.00 25.33 ? 33  TYR A CA  1 
ATOM   216  C C   . TYR A 1 33  ? -0.775  -14.224 3.177   1.00 22.72 ? 33  TYR A C   1 
ATOM   217  O O   . TYR A 1 33  ? -1.357  -13.135 3.200   1.00 20.67 ? 33  TYR A O   1 
ATOM   218  C CB  . TYR A 1 33  ? 1.019   -14.130 1.450   1.00 25.81 ? 33  TYR A CB  1 
ATOM   219  C CG  . TYR A 1 33  ? 1.650   -14.708 0.208   1.00 28.95 ? 33  TYR A CG  1 
ATOM   220  C CD1 . TYR A 1 33  ? 2.340   -15.919 0.252   1.00 29.45 ? 33  TYR A CD1 1 
ATOM   221  C CD2 . TYR A 1 33  ? 1.551   -14.050 -1.019  1.00 29.62 ? 33  TYR A CD2 1 
ATOM   222  C CE1 . TYR A 1 33  ? 2.912   -16.461 -0.893  1.00 31.28 ? 33  TYR A CE1 1 
ATOM   223  C CE2 . TYR A 1 33  ? 2.120   -14.583 -2.168  1.00 30.12 ? 33  TYR A CE2 1 
ATOM   224  C CZ  . TYR A 1 33  ? 2.797   -15.787 -2.097  1.00 32.04 ? 33  TYR A CZ  1 
ATOM   225  O OH  . TYR A 1 33  ? 3.358   -16.320 -3.233  1.00 35.13 ? 33  TYR A OH  1 
ATOM   226  N N   . SER A 1 34  ? -0.524  -14.937 4.267   1.00 19.30 ? 34  SER A N   1 
ATOM   227  C CA  . SER A 1 34  ? -0.945  -14.496 5.591   1.00 16.64 ? 34  SER A CA  1 
ATOM   228  C C   . SER A 1 34  ? -0.112  -13.328 6.092   1.00 14.04 ? 34  SER A C   1 
ATOM   229  O O   . SER A 1 34  ? 1.040   -13.160 5.696   1.00 13.41 ? 34  SER A O   1 
ATOM   230  C CB  . SER A 1 34  ? -0.814  -15.642 6.591   1.00 15.79 ? 34  SER A CB  1 
ATOM   231  O OG  . SER A 1 34  ? 0.552   -15.949 6.831   1.00 14.55 ? 34  SER A OG  1 
ATOM   232  N N   . ILE A 1 35  ? -0.699  -12.544 6.989   1.00 13.51 ? 35  ILE A N   1 
ATOM   233  C CA  . ILE A 1 35  ? -0.012  -11.405 7.585   1.00 15.20 ? 35  ILE A CA  1 
ATOM   234  C C   . ILE A 1 35  ? 1.199   -11.880 8.391   1.00 15.75 ? 35  ILE A C   1 
ATOM   235  O O   . ILE A 1 35  ? 2.278   -11.295 8.300   1.00 12.99 ? 35  ILE A O   1 
ATOM   236  C CB  . ILE A 1 35  ? -0.977  -10.587 8.478   1.00 15.19 ? 35  ILE A CB  1 
ATOM   237  C CG1 . ILE A 1 35  ? -1.920  -9.762  7.588   1.00 19.06 ? 35  ILE A CG1 1 
ATOM   238  C CG2 . ILE A 1 35  ? -0.207  -9.677  9.430   1.00 16.61 ? 35  ILE A CG2 1 
ATOM   239  C CD1 . ILE A 1 35  ? -2.891  -8.896  8.360   1.00 22.15 ? 35  ILE A CD1 1 
ATOM   240  N N   . ALA A 1 36  ? 1.034   -12.973 9.136   1.00 13.53 ? 36  ALA A N   1 
ATOM   241  C CA  . ALA A 1 36  ? 2.124   -13.507 9.953   1.00 14.56 ? 36  ALA A CA  1 
ATOM   242  C C   . ALA A 1 36  ? 3.334   -13.877 9.097   1.00 14.82 ? 36  ALA A C   1 
ATOM   243  O O   . ALA A 1 36  ? 4.479   -13.638 9.485   1.00 16.58 ? 36  ALA A O   1 
ATOM   244  C CB  . ALA A 1 36  ? 1.644   -14.720 10.758  1.00 16.25 ? 36  ALA A CB  1 
ATOM   245  N N   . TYR A 1 37  ? 3.070   -14.448 7.926   1.00 15.65 ? 37  TYR A N   1 
ATOM   246  C CA  . TYR A 1 37  ? 4.130   -14.848 7.003   1.00 16.93 ? 37  TYR A CA  1 
ATOM   247  C C   . TYR A 1 37  ? 4.838   -13.631 6.405   1.00 17.59 ? 37  TYR A C   1 
ATOM   248  O O   . TYR A 1 37  ? 6.069   -13.575 6.371   1.00 16.71 ? 37  TYR A O   1 
ATOM   249  C CB  . TYR A 1 37  ? 3.544   -15.713 5.888   1.00 19.48 ? 37  TYR A CB  1 
ATOM   250  C CG  . TYR A 1 37  ? 4.528   -16.160 4.828   1.00 22.91 ? 37  TYR A CG  1 
ATOM   251  C CD1 . TYR A 1 37  ? 5.546   -17.064 5.127   1.00 27.27 ? 37  TYR A CD1 1 
ATOM   252  C CD2 . TYR A 1 37  ? 4.417   -15.704 3.515   1.00 24.83 ? 37  TYR A CD2 1 
ATOM   253  C CE1 . TYR A 1 37  ? 6.426   -17.508 4.143   1.00 28.61 ? 37  TYR A CE1 1 
ATOM   254  C CE2 . TYR A 1 37  ? 5.291   -16.138 2.524   1.00 26.77 ? 37  TYR A CE2 1 
ATOM   255  C CZ  . TYR A 1 37  ? 6.291   -17.041 2.844   1.00 30.01 ? 37  TYR A CZ  1 
ATOM   256  O OH  . TYR A 1 37  ? 7.153   -17.478 1.866   1.00 31.92 ? 37  TYR A OH  1 
ATOM   257  N N   . LEU A 1 38  ? 4.060   -12.661 5.934   1.00 16.86 ? 38  LEU A N   1 
ATOM   258  C CA  . LEU A 1 38  ? 4.630   -11.457 5.334   1.00 17.52 ? 38  LEU A CA  1 
ATOM   259  C C   . LEU A 1 38  ? 5.328   -10.575 6.359   1.00 17.15 ? 38  LEU A C   1 
ATOM   260  O O   . LEU A 1 38  ? 6.285   -9.874  6.031   1.00 19.83 ? 38  LEU A O   1 
ATOM   261  C CB  . LEU A 1 38  ? 3.560   -10.668 4.571   1.00 16.03 ? 38  LEU A CB  1 
ATOM   262  C CG  . LEU A 1 38  ? 2.971   -11.412 3.370   1.00 18.90 ? 38  LEU A CG  1 
ATOM   263  C CD1 . LEU A 1 38  ? 1.957   -10.534 2.666   1.00 18.58 ? 38  LEU A CD1 1 
ATOM   264  C CD2 . LEU A 1 38  ? 4.084   -11.809 2.411   1.00 18.66 ? 38  LEU A CD2 1 
ATOM   265  N N   . ARG A 1 39  ? 4.867   -10.631 7.604   1.00 16.38 ? 39  ARG A N   1 
ATOM   266  C CA  . ARG A 1 39  ? 5.471   -9.853  8.683   1.00 17.11 ? 39  ARG A CA  1 
ATOM   267  C C   . ARG A 1 39  ? 6.917   -10.317 8.846   1.00 18.89 ? 39  ARG A C   1 
ATOM   268  O O   . ARG A 1 39  ? 7.831   -9.504  9.015   1.00 17.23 ? 39  ARG A O   1 
ATOM   269  C CB  . ARG A 1 39  ? 4.710   -10.077 9.993   1.00 17.15 ? 39  ARG A CB  1 
ATOM   270  C CG  . ARG A 1 39  ? 5.186   -9.210  11.157  1.00 17.38 ? 39  ARG A CG  1 
ATOM   271  C CD  . ARG A 1 39  ? 4.597   -9.676  12.485  1.00 18.33 ? 39  ARG A CD  1 
ATOM   272  N NE  . ARG A 1 39  ? 3.136   -9.649  12.484  1.00 19.44 ? 39  ARG A NE  1 
ATOM   273  C CZ  . ARG A 1 39  ? 2.363   -10.707 12.713  1.00 20.17 ? 39  ARG A CZ  1 
ATOM   274  N NH1 . ARG A 1 39  ? 2.903   -11.896 12.962  1.00 18.51 ? 39  ARG A NH1 1 
ATOM   275  N NH2 . ARG A 1 39  ? 1.046   -10.571 12.722  1.00 17.46 ? 39  ARG A NH2 1 
ATOM   276  N N   . GLU A 1 40  ? 7.112   -11.631 8.784   1.00 19.35 ? 40  GLU A N   1 
ATOM   277  C CA  . GLU A 1 40  ? 8.438   -12.226 8.912   1.00 22.90 ? 40  GLU A CA  1 
ATOM   278  C C   . GLU A 1 40  ? 9.311   -11.930 7.687   1.00 23.49 ? 40  GLU A C   1 
ATOM   279  O O   . GLU A 1 40  ? 10.474  -11.543 7.826   1.00 24.06 ? 40  GLU A O   1 
ATOM   280  C CB  . GLU A 1 40  ? 8.314   -13.739 9.145   1.00 25.31 ? 40  GLU A CB  1 
ATOM   281  C CG  . GLU A 1 40  ? 9.633   -14.517 9.137   1.00 31.99 ? 40  GLU A CG  1 
ATOM   282  C CD  . GLU A 1 40  ? 10.651  -14.010 10.148  1.00 36.57 ? 40  GLU A CD  1 
ATOM   283  O OE1 . GLU A 1 40  ? 10.251  -13.486 11.212  1.00 37.51 ? 40  GLU A OE1 1 
ATOM   284  O OE2 . GLU A 1 40  ? 11.865  -14.145 9.876   1.00 40.35 ? 40  GLU A OE2 1 
ATOM   285  N N   . LEU A 1 41  ? 8.731   -12.072 6.496   1.00 23.33 ? 41  LEU A N   1 
ATOM   286  C CA  . LEU A 1 41  ? 9.447   -11.821 5.245   1.00 24.67 ? 41  LEU A CA  1 
ATOM   287  C C   . LEU A 1 41  ? 9.879   -10.370 5.052   1.00 24.88 ? 41  LEU A C   1 
ATOM   288  O O   . LEU A 1 41  ? 10.898  -10.103 4.409   1.00 24.25 ? 41  LEU A O   1 
ATOM   289  C CB  . LEU A 1 41  ? 8.598   -12.248 4.048   1.00 25.98 ? 41  LEU A CB  1 
ATOM   290  C CG  . LEU A 1 41  ? 8.930   -13.578 3.372   1.00 31.06 ? 41  LEU A CG  1 
ATOM   291  C CD1 . LEU A 1 41  ? 8.797   -14.723 4.362   1.00 31.75 ? 41  LEU A CD1 1 
ATOM   292  C CD2 . LEU A 1 41  ? 8.010   -13.778 2.177   1.00 30.01 ? 41  LEU A CD2 1 
ATOM   293  N N   . SER A 1 42  ? 9.095   -9.438  5.584   1.00 23.25 ? 42  SER A N   1 
ATOM   294  C CA  . SER A 1 42  ? 9.398   -8.012  5.458   1.00 24.46 ? 42  SER A CA  1 
ATOM   295  C C   . SER A 1 42  ? 10.215  -7.450  6.620   1.00 25.04 ? 42  SER A C   1 
ATOM   296  O O   . SER A 1 42  ? 10.473  -6.247  6.672   1.00 25.10 ? 42  SER A O   1 
ATOM   297  C CB  . SER A 1 42  ? 8.101   -7.212  5.304   1.00 23.96 ? 42  SER A CB  1 
ATOM   298  O OG  . SER A 1 42  ? 7.274   -7.367  6.441   1.00 22.11 ? 42  SER A OG  1 
ATOM   299  N N   . LYS A 1 43  ? 10.603  -8.319  7.556   1.00 26.09 ? 43  LYS A N   1 
ATOM   300  C CA  . LYS A 1 43  ? 11.386  -7.921  8.728   1.00 28.67 ? 43  LYS A CA  1 
ATOM   301  C C   . LYS A 1 43  ? 10.668  -6.862  9.573   1.00 28.43 ? 43  LYS A C   1 
ATOM   302  O O   . LYS A 1 43  ? 11.299  -5.979  10.165  1.00 27.87 ? 43  LYS A O   1 
ATOM   303  C CB  . LYS A 1 43  ? 12.777  -7.426  8.301   1.00 30.99 ? 43  LYS A CB  1 
ATOM   304  C CG  . LYS A 1 43  ? 13.643  -8.507  7.660   1.00 35.57 ? 43  LYS A CG  1 
ATOM   305  C CD  . LYS A 1 43  ? 14.989  -7.954  7.209   1.00 39.90 ? 43  LYS A CD  1 
ATOM   306  C CE  . LYS A 1 43  ? 15.921  -9.065  6.737   1.00 42.08 ? 43  LYS A CE  1 
ATOM   307  N NZ  . LYS A 1 43  ? 15.342  -9.867  5.618   1.00 44.37 ? 43  LYS A NZ  1 
ATOM   308  N N   . THR A 1 44  ? 9.344   -6.966  9.625   1.00 27.21 ? 44  THR A N   1 
ATOM   309  C CA  . THR A 1 44  ? 8.512   -6.037  10.386  1.00 27.92 ? 44  THR A CA  1 
ATOM   310  C C   . THR A 1 44  ? 8.761   -6.159  11.888  1.00 29.54 ? 44  THR A C   1 
ATOM   311  O O   . THR A 1 44  ? 8.757   -7.260  12.436  1.00 28.71 ? 44  THR A O   1 
ATOM   312  C CB  . THR A 1 44  ? 7.015   -6.298  10.108  1.00 26.52 ? 44  THR A CB  1 
ATOM   313  O OG1 . THR A 1 44  ? 6.748   -6.092  8.718   1.00 26.52 ? 44  THR A OG1 1 
ATOM   314  C CG2 . THR A 1 44  ? 6.134   -5.373  10.933  1.00 27.74 ? 44  THR A CG2 1 
ATOM   315  N N   . ASN A 1 45  ? 8.996   -5.025  12.542  1.00 31.31 ? 45  ASN A N   1 
ATOM   316  C CA  . ASN A 1 45  ? 9.230   -5.003  13.983  1.00 35.00 ? 45  ASN A CA  1 
ATOM   317  C C   . ASN A 1 45  ? 8.149   -4.189  14.694  1.00 36.19 ? 45  ASN A C   1 
ATOM   318  O O   . ASN A 1 45  ? 7.112   -3.879  14.102  1.00 35.26 ? 45  ASN A O   1 
ATOM   319  C CB  . ASN A 1 45  ? 10.633  -4.461  14.306  1.00 36.39 ? 45  ASN A CB  1 
ATOM   320  C CG  . ASN A 1 45  ? 10.890  -3.077  13.724  1.00 37.79 ? 45  ASN A CG  1 
ATOM   321  O OD1 . ASN A 1 45  ? 9.985   -2.249  13.620  1.00 37.57 ? 45  ASN A OD1 1 
ATOM   322  N ND2 . ASN A 1 45  ? 12.140  -2.817  13.358  1.00 40.19 ? 45  ASN A ND2 1 
ATOM   323  N N   . LYS A 1 46  ? 8.395   -3.847  15.958  1.00 38.20 ? 46  LYS A N   1 
ATOM   324  C CA  . LYS A 1 46  ? 7.450   -3.068  16.761  1.00 40.01 ? 46  LYS A CA  1 
ATOM   325  C C   . LYS A 1 46  ? 7.059   -1.748  16.091  1.00 40.17 ? 46  LYS A C   1 
ATOM   326  O O   . LYS A 1 46  ? 5.891   -1.354  16.117  1.00 40.74 ? 46  LYS A O   1 
ATOM   327  C CB  . LYS A 1 46  ? 8.042   -2.787  18.147  1.00 42.32 ? 46  LYS A CB  1 
ATOM   328  C CG  . LYS A 1 46  ? 7.169   -1.906  19.035  1.00 46.02 ? 46  LYS A CG  1 
ATOM   329  C CD  . LYS A 1 46  ? 7.894   -1.505  20.312  1.00 48.68 ? 46  LYS A CD  1 
ATOM   330  C CE  . LYS A 1 46  ? 7.114   -0.451  21.090  1.00 50.50 ? 46  LYS A CE  1 
ATOM   331  N NZ  . LYS A 1 46  ? 5.777   -0.937  21.539  1.00 52.16 ? 46  LYS A NZ  1 
ATOM   332  N N   . GLN A 1 47  ? 8.041   -1.073  15.496  1.00 39.95 ? 47  GLN A N   1 
ATOM   333  C CA  . GLN A 1 47  ? 7.809   0.201   14.817  1.00 39.84 ? 47  GLN A CA  1 
ATOM   334  C C   . GLN A 1 47  ? 7.065   0.052   13.487  1.00 38.87 ? 47  GLN A C   1 
ATOM   335  O O   . GLN A 1 47  ? 6.538   1.030   12.953  1.00 39.14 ? 47  GLN A O   1 
ATOM   336  C CB  . GLN A 1 47  ? 9.135   0.928   14.585  1.00 42.30 ? 47  GLN A CB  1 
ATOM   337  C CG  . GLN A 1 47  ? 9.855   1.334   15.860  1.00 46.15 ? 47  GLN A CG  1 
ATOM   338  C CD  . GLN A 1 47  ? 11.152  2.067   15.583  1.00 47.86 ? 47  GLN A CD  1 
ATOM   339  O OE1 . GLN A 1 47  ? 11.152  3.259   15.274  1.00 49.90 ? 47  GLN A OE1 1 
ATOM   340  N NE2 . GLN A 1 47  ? 12.268  1.354   15.688  1.00 49.54 ? 47  GLN A NE2 1 
ATOM   341  N N   . GLY A 1 48  ? 7.039   -1.166  12.950  1.00 35.85 ? 48  GLY A N   1 
ATOM   342  C CA  . GLY A 1 48  ? 6.353   -1.404  11.693  1.00 32.62 ? 48  GLY A CA  1 
ATOM   343  C C   . GLY A 1 48  ? 7.247   -1.905  10.576  1.00 29.93 ? 48  GLY A C   1 
ATOM   344  O O   . GLY A 1 48  ? 8.265   -2.556  10.819  1.00 30.09 ? 48  GLY A O   1 
ATOM   345  N N   . THR A 1 49  ? 6.852   -1.612  9.341   1.00 27.44 ? 49  THR A N   1 
ATOM   346  C CA  . THR A 1 49  ? 7.607   -2.041  8.171   1.00 26.17 ? 49  THR A CA  1 
ATOM   347  C C   . THR A 1 49  ? 8.157   -0.839  7.423   1.00 25.89 ? 49  THR A C   1 
ATOM   348  O O   . THR A 1 49  ? 7.477   0.178   7.280   1.00 27.60 ? 49  THR A O   1 
ATOM   349  C CB  . THR A 1 49  ? 6.719   -2.837  7.188   1.00 26.07 ? 49  THR A CB  1 
ATOM   350  O OG1 . THR A 1 49  ? 5.894   -3.750  7.918   1.00 26.17 ? 49  THR A OG1 1 
ATOM   351  C CG2 . THR A 1 49  ? 7.576   -3.620  6.198   1.00 24.50 ? 49  THR A CG2 1 
ATOM   352  N N   . THR A 1 50  ? 9.399   -0.950  6.967   1.00 25.81 ? 50  THR A N   1 
ATOM   353  C CA  . THR A 1 50  ? 10.022  0.123   6.208   1.00 23.77 ? 50  THR A CA  1 
ATOM   354  C C   . THR A 1 50  ? 9.671   -0.128  4.747   1.00 23.44 ? 50  THR A C   1 
ATOM   355  O O   . THR A 1 50  ? 9.204   -1.216  4.392   1.00 20.66 ? 50  THR A O   1 
ATOM   356  C CB  . THR A 1 50  ? 11.560  0.121   6.360   1.00 23.66 ? 50  THR A CB  1 
ATOM   357  O OG1 . THR A 1 50  ? 12.097  -1.081  5.796   1.00 22.01 ? 50  THR A OG1 1 
ATOM   358  C CG2 . THR A 1 50  ? 11.956  0.201   7.828   1.00 26.02 ? 50  THR A CG2 1 
ATOM   359  N N   . ALA A 1 51  ? 9.873   0.880   3.906   1.00 24.19 ? 51  ALA A N   1 
ATOM   360  C CA  . ALA A 1 51  ? 9.588   0.750   2.481   1.00 23.87 ? 51  ALA A CA  1 
ATOM   361  C C   . ALA A 1 51  ? 10.487  -0.336  1.895   1.00 24.96 ? 51  ALA A C   1 
ATOM   362  O O   . ALA A 1 51  ? 10.072  -1.092  1.013   1.00 23.11 ? 51  ALA A O   1 
ATOM   363  C CB  . ALA A 1 51  ? 9.827   2.075   1.776   1.00 24.42 ? 51  ALA A CB  1 
ATOM   364  N N   . LEU A 1 52  ? 11.712  -0.415  2.412   1.00 25.22 ? 52  LEU A N   1 
ATOM   365  C CA  . LEU A 1 52  ? 12.688  -1.408  1.967   1.00 27.26 ? 52  LEU A CA  1 
ATOM   366  C C   . LEU A 1 52  ? 12.179  -2.811  2.302   1.00 25.81 ? 52  LEU A C   1 
ATOM   367  O O   . LEU A 1 52  ? 12.315  -3.736  1.501   1.00 25.33 ? 52  LEU A O   1 
ATOM   368  C CB  . LEU A 1 52  ? 14.032  -1.169  2.663   1.00 31.21 ? 52  LEU A CB  1 
ATOM   369  C CG  . LEU A 1 52  ? 15.296  -1.062  1.803   1.00 34.85 ? 52  LEU A CG  1 
ATOM   370  C CD1 . LEU A 1 52  ? 15.523  -2.345  1.016   1.00 35.56 ? 52  LEU A CD1 1 
ATOM   371  C CD2 . LEU A 1 52  ? 15.182  0.133   0.870   1.00 37.27 ? 52  LEU A CD2 1 
ATOM   372  N N   . GLY A 1 53  ? 11.591  -2.950  3.490   1.00 24.60 ? 53  GLY A N   1 
ATOM   373  C CA  . GLY A 1 53  ? 11.052  -4.226  3.928   1.00 23.34 ? 53  GLY A CA  1 
ATOM   374  C C   . GLY A 1 53  ? 9.932   -4.713  3.024   1.00 23.16 ? 53  GLY A C   1 
ATOM   375  O O   . GLY A 1 53  ? 9.858   -5.902  2.705   1.00 22.35 ? 53  GLY A O   1 
ATOM   376  N N   . ILE A 1 54  ? 9.050   -3.804  2.618   1.00 21.08 ? 54  ILE A N   1 
ATOM   377  C CA  . ILE A 1 54  ? 7.948   -4.160  1.727   1.00 20.79 ? 54  ILE A CA  1 
ATOM   378  C C   . ILE A 1 54  ? 8.513   -4.635  0.384   1.00 22.03 ? 54  ILE A C   1 
ATOM   379  O O   . ILE A 1 54  ? 8.113   -5.682  -0.140  1.00 21.22 ? 54  ILE A O   1 
ATOM   380  C CB  . ILE A 1 54  ? 6.998   -2.956  1.489   1.00 19.85 ? 54  ILE A CB  1 
ATOM   381  C CG1 . ILE A 1 54  ? 6.222   -2.631  2.766   1.00 19.61 ? 54  ILE A CG1 1 
ATOM   382  C CG2 . ILE A 1 54  ? 6.035   -3.253  0.345   1.00 19.59 ? 54  ILE A CG2 1 
ATOM   383  C CD1 . ILE A 1 54  ? 5.296   -1.435  2.629   1.00 18.18 ? 54  ILE A CD1 1 
ATOM   384  N N   . VAL A 1 55  ? 9.467   -3.875  -0.144  1.00 22.59 ? 55  VAL A N   1 
ATOM   385  C CA  . VAL A 1 55  ? 10.105  -4.193  -1.417  1.00 26.10 ? 55  VAL A CA  1 
ATOM   386  C C   . VAL A 1 55  ? 10.830  -5.538  -1.379  1.00 26.57 ? 55  VAL A C   1 
ATOM   387  O O   . VAL A 1 55  ? 10.673  -6.357  -2.287  1.00 27.31 ? 55  VAL A O   1 
ATOM   388  C CB  . VAL A 1 55  ? 11.088  -3.074  -1.839  1.00 26.30 ? 55  VAL A CB  1 
ATOM   389  C CG1 . VAL A 1 55  ? 11.911  -3.506  -3.045  1.00 28.54 ? 55  VAL A CG1 1 
ATOM   390  C CG2 . VAL A 1 55  ? 10.319  -1.804  -2.167  1.00 28.47 ? 55  VAL A CG2 1 
ATOM   391  N N   . GLU A 1 56  ? 11.606  -5.767  -0.321  1.00 28.56 ? 56  GLU A N   1 
ATOM   392  C CA  . GLU A 1 56  ? 12.348  -7.017  -0.166  1.00 30.09 ? 56  GLU A CA  1 
ATOM   393  C C   . GLU A 1 56  ? 11.412  -8.217  -0.116  1.00 29.76 ? 56  GLU A C   1 
ATOM   394  O O   . GLU A 1 56  ? 11.667  -9.238  -0.760  1.00 29.11 ? 56  GLU A O   1 
ATOM   395  C CB  . GLU A 1 56  ? 13.211  -6.986  1.099   1.00 33.53 ? 56  GLU A CB  1 
ATOM   396  C CG  . GLU A 1 56  ? 14.373  -6.004  1.036   1.00 39.87 ? 56  GLU A CG  1 
ATOM   397  C CD  . GLU A 1 56  ? 15.232  -6.019  2.291   1.00 43.98 ? 56  GLU A CD  1 
ATOM   398  O OE1 . GLU A 1 56  ? 14.674  -6.080  3.411   1.00 46.27 ? 56  GLU A OE1 1 
ATOM   399  O OE2 . GLU A 1 56  ? 16.473  -5.962  2.154   1.00 46.11 ? 56  GLU A OE2 1 
ATOM   400  N N   . ALA A 1 57  ? 10.327  -8.084  0.641   1.00 27.50 ? 57  ALA A N   1 
ATOM   401  C CA  . ALA A 1 57  ? 9.347   -9.156  0.770   1.00 26.99 ? 57  ALA A CA  1 
ATOM   402  C C   . ALA A 1 57  ? 8.688   -9.446  -0.575  1.00 26.41 ? 57  ALA A C   1 
ATOM   403  O O   . ALA A 1 57  ? 8.578   -10.603 -0.981  1.00 25.69 ? 57  ALA A O   1 
ATOM   404  C CB  . ALA A 1 57  ? 8.300   -8.793  1.812   1.00 24.53 ? 57  ALA A CB  1 
ATOM   405  N N   . ALA A 1 58  ? 8.284   -8.388  -1.276  1.00 26.81 ? 58  ALA A N   1 
ATOM   406  C CA  . ALA A 1 58  ? 7.643   -8.522  -2.580  1.00 27.49 ? 58  ALA A CA  1 
ATOM   407  C C   . ALA A 1 58  ? 8.540   -9.263  -3.575  1.00 29.06 ? 58  ALA A C   1 
ATOM   408  O O   . ALA A 1 58  ? 8.060   -10.091 -4.351  1.00 27.83 ? 58  ALA A O   1 
ATOM   409  C CB  . ALA A 1 58  ? 7.271   -7.153  -3.126  1.00 27.72 ? 58  ALA A CB  1 
ATOM   410  N N   . LYS A 1 59  ? 9.838   -8.961  -3.544  1.00 30.63 ? 59  LYS A N   1 
ATOM   411  C CA  . LYS A 1 59  ? 10.806  -9.602  -4.435  1.00 34.75 ? 59  LYS A CA  1 
ATOM   412  C C   . LYS A 1 59  ? 10.952  -11.088 -4.113  1.00 35.94 ? 59  LYS A C   1 
ATOM   413  O O   . LYS A 1 59  ? 11.128  -11.911 -5.014  1.00 37.72 ? 59  LYS A O   1 
ATOM   414  C CB  . LYS A 1 59  ? 12.169  -8.906  -4.351  1.00 36.01 ? 59  LYS A CB  1 
ATOM   415  C CG  . LYS A 1 59  ? 12.222  -7.544  -5.033  1.00 39.22 ? 59  LYS A CG  1 
ATOM   416  C CD  . LYS A 1 59  ? 13.627  -6.956  -4.982  1.00 41.87 ? 59  LYS A CD  1 
ATOM   417  C CE  . LYS A 1 59  ? 13.707  -5.613  -5.701  1.00 43.86 ? 59  LYS A CE  1 
ATOM   418  N NZ  . LYS A 1 59  ? 13.433  -5.718  -7.167  1.00 46.15 ? 59  LYS A NZ  1 
ATOM   419  N N   . LYS A 1 60  ? 10.881  -11.427 -2.828  1.00 37.91 ? 60  LYS A N   1 
ATOM   420  C CA  . LYS A 1 60  ? 10.977  -12.816 -2.389  1.00 38.32 ? 60  LYS A CA  1 
ATOM   421  C C   . LYS A 1 60  ? 9.721   -13.569 -2.822  1.00 37.79 ? 60  LYS A C   1 
ATOM   422  O O   . LYS A 1 60  ? 9.735   -14.793 -2.951  1.00 39.63 ? 60  LYS A O   1 
ATOM   423  C CB  . LYS A 1 60  ? 11.121  -12.899 -0.866  1.00 39.63 ? 60  LYS A CB  1 
ATOM   424  C CG  . LYS A 1 60  ? 12.414  -12.327 -0.304  1.00 41.22 ? 60  LYS A CG  1 
ATOM   425  C CD  . LYS A 1 60  ? 12.393  -12.383 1.216   1.00 43.83 ? 60  LYS A CD  1 
ATOM   426  C CE  . LYS A 1 60  ? 13.629  -11.748 1.831   1.00 45.79 ? 60  LYS A CE  1 
ATOM   427  N NZ  . LYS A 1 60  ? 13.540  -11.721 3.323   1.00 47.54 ? 60  LYS A NZ  1 
ATOM   428  N N   . LEU A 1 61  ? 8.632   -12.831 -3.026  1.00 36.31 ? 61  LEU A N   1 
ATOM   429  C CA  . LEU A 1 61  ? 7.368   -13.421 -3.453  1.00 35.52 ? 61  LEU A CA  1 
ATOM   430  C C   . LEU A 1 61  ? 7.314   -13.600 -4.969  1.00 35.72 ? 61  LEU A C   1 
ATOM   431  O O   . LEU A 1 61  ? 6.331   -14.110 -5.502  1.00 36.61 ? 61  LEU A O   1 
ATOM   432  C CB  . LEU A 1 61  ? 6.191   -12.559 -3.001  1.00 34.72 ? 61  LEU A CB  1 
ATOM   433  C CG  . LEU A 1 61  ? 5.947   -12.366 -1.503  1.00 34.04 ? 61  LEU A CG  1 
ATOM   434  C CD1 . LEU A 1 61  ? 4.758   -11.439 -1.310  1.00 33.13 ? 61  LEU A CD1 1 
ATOM   435  C CD2 . LEU A 1 61  ? 5.697   -13.705 -0.825  1.00 32.75 ? 61  LEU A CD2 1 
ATOM   436  N N   . GLY A 1 62  ? 8.367   -13.162 -5.654  1.00 36.08 ? 62  GLY A N   1 
ATOM   437  C CA  . GLY A 1 62  ? 8.423   -13.286 -7.102  1.00 35.71 ? 62  GLY A CA  1 
ATOM   438  C C   . GLY A 1 62  ? 7.809   -12.120 -7.855  1.00 35.63 ? 62  GLY A C   1 
ATOM   439  O O   . GLY A 1 62  ? 7.362   -12.275 -8.990  1.00 35.14 ? 62  GLY A O   1 
ATOM   440  N N   . PHE A 1 63  ? 7.767   -10.950 -7.222  1.00 34.79 ? 63  PHE A N   1 
ATOM   441  C CA  . PHE A 1 63  ? 7.209   -9.762  -7.858  1.00 34.24 ? 63  PHE A CA  1 
ATOM   442  C C   . PHE A 1 63  ? 8.305   -8.810  -8.303  1.00 33.53 ? 63  PHE A C   1 
ATOM   443  O O   . PHE A 1 63  ? 9.329   -8.668  -7.634  1.00 34.61 ? 63  PHE A O   1 
ATOM   444  C CB  . PHE A 1 63  ? 6.279   -9.007  -6.897  1.00 34.45 ? 63  PHE A CB  1 
ATOM   445  C CG  . PHE A 1 63  ? 4.945   -9.659  -6.693  1.00 34.53 ? 63  PHE A CG  1 
ATOM   446  C CD1 . PHE A 1 63  ? 3.913   -9.458  -7.601  1.00 34.48 ? 63  PHE A CD1 1 
ATOM   447  C CD2 . PHE A 1 63  ? 4.714   -10.464 -5.584  1.00 34.79 ? 63  PHE A CD2 1 
ATOM   448  C CE1 . PHE A 1 63  ? 2.668   -10.049 -7.408  1.00 36.28 ? 63  PHE A CE1 1 
ATOM   449  C CE2 . PHE A 1 63  ? 3.474   -11.060 -5.382  1.00 34.74 ? 63  PHE A CE2 1 
ATOM   450  C CZ  . PHE A 1 63  ? 2.449   -10.852 -6.295  1.00 35.18 ? 63  PHE A CZ  1 
ATOM   451  N N   . GLU A 1 64  ? 8.102   -8.191  -9.460  1.00 33.53 ? 64  GLU A N   1 
ATOM   452  C CA  . GLU A 1 64  ? 9.036   -7.202  -9.974  1.00 34.47 ? 64  GLU A CA  1 
ATOM   453  C C   . GLU A 1 64  ? 8.589   -5.931  -9.250  1.00 32.37 ? 64  GLU A C   1 
ATOM   454  O O   . GLU A 1 64  ? 7.405   -5.593  -9.265  1.00 33.03 ? 64  GLU A O   1 
ATOM   455  C CB  . GLU A 1 64  ? 8.871   -7.042  -11.485 1.00 36.67 ? 64  GLU A CB  1 
ATOM   456  C CG  . GLU A 1 64  ? 9.865   -6.081  -12.113 1.00 43.38 ? 64  GLU A CG  1 
ATOM   457  C CD  . GLU A 1 64  ? 9.724   -5.995  -13.620 1.00 46.44 ? 64  GLU A CD  1 
ATOM   458  O OE1 . GLU A 1 64  ? 9.254   -4.947  -14.117 1.00 48.51 ? 64  GLU A OE1 1 
ATOM   459  O OE2 . GLU A 1 64  ? 10.087  -6.973  -14.309 1.00 48.71 ? 64  GLU A OE2 1 
ATOM   460  N N   . THR A 1 65  ? 9.520   -5.250  -8.593  1.00 30.61 ? 65  THR A N   1 
ATOM   461  C CA  . THR A 1 65  ? 9.165   -4.058  -7.831  1.00 29.61 ? 65  THR A CA  1 
ATOM   462  C C   . THR A 1 65  ? 9.942   -2.809  -8.208  1.00 28.17 ? 65  THR A C   1 
ATOM   463  O O   . THR A 1 65  ? 11.061  -2.883  -8.712  1.00 28.87 ? 65  THR A O   1 
ATOM   464  C CB  . THR A 1 65  ? 9.402   -4.280  -6.320  1.00 31.25 ? 65  THR A CB  1 
ATOM   465  O OG1 . THR A 1 65  ? 10.810  -4.245  -6.048  1.00 34.13 ? 65  THR A OG1 1 
ATOM   466  C CG2 . THR A 1 65  ? 8.857   -5.627  -5.880  1.00 30.32 ? 65  THR A CG2 1 
ATOM   467  N N   . ARG A 1 66  ? 9.331   -1.660  -7.941  1.00 24.83 ? 66  ARG A N   1 
ATOM   468  C CA  . ARG A 1 66  ? 9.962   -0.370  -8.177  1.00 22.91 ? 66  ARG A CA  1 
ATOM   469  C C   . ARG A 1 66  ? 9.378   0.640   -7.198  1.00 21.19 ? 66  ARG A C   1 
ATOM   470  O O   . ARG A 1 66  ? 8.180   0.612   -6.903  1.00 20.12 ? 66  ARG A O   1 
ATOM   471  C CB  . ARG A 1 66  ? 9.799   0.101   -9.630  1.00 22.82 ? 66  ARG A CB  1 
ATOM   472  C CG  . ARG A 1 66  ? 8.408   0.526   -10.056 1.00 26.15 ? 66  ARG A CG  1 
ATOM   473  C CD  . ARG A 1 66  ? 8.428   0.944   -11.528 1.00 26.76 ? 66  ARG A CD  1 
ATOM   474  N NE  . ARG A 1 66  ? 7.150   1.485   -11.982 1.00 27.07 ? 66  ARG A NE  1 
ATOM   475  C CZ  . ARG A 1 66  ? 6.154   0.757   -12.477 1.00 27.07 ? 66  ARG A CZ  1 
ATOM   476  N NH1 . ARG A 1 66  ? 6.274   -0.560  -12.593 1.00 28.27 ? 66  ARG A NH1 1 
ATOM   477  N NH2 . ARG A 1 66  ? 5.023   1.350   -12.836 1.00 28.28 ? 66  ARG A NH2 1 
ATOM   478  N N   . SER A 1 67  ? 10.256  1.460   -6.626  1.00 20.11 ? 67  SER A N   1 
ATOM   479  C CA  . SER A 1 67  ? 9.866   2.490   -5.672  1.00 20.08 ? 67  SER A CA  1 
ATOM   480  C C   . SER A 1 67  ? 10.207  3.839   -6.289  1.00 19.25 ? 67  SER A C   1 
ATOM   481  O O   . SER A 1 67  ? 11.336  4.065   -6.728  1.00 18.52 ? 67  SER A O   1 
ATOM   482  C CB  . SER A 1 67  ? 10.620  2.310   -4.354  1.00 21.04 ? 67  SER A CB  1 
ATOM   483  O OG  . SER A 1 67  ? 10.344  1.039   -3.797  1.00 27.89 ? 67  SER A OG  1 
ATOM   484  N N   . ILE A 1 68  ? 9.223   4.725   -6.342  1.00 16.47 ? 68  ILE A N   1 
ATOM   485  C CA  . ILE A 1 68  ? 9.427   6.035   -6.938  1.00 17.46 ? 68  ILE A CA  1 
ATOM   486  C C   . ILE A 1 68  ? 8.899   7.147   -6.049  1.00 17.55 ? 68  ILE A C   1 
ATOM   487  O O   . ILE A 1 68  ? 8.099   6.906   -5.140  1.00 14.56 ? 68  ILE A O   1 
ATOM   488  C CB  . ILE A 1 68  ? 8.698   6.148   -8.301  1.00 18.75 ? 68  ILE A CB  1 
ATOM   489  C CG1 . ILE A 1 68  ? 7.198   5.921   -8.109  1.00 21.94 ? 68  ILE A CG1 1 
ATOM   490  C CG2 . ILE A 1 68  ? 9.263   5.132   -9.295  1.00 21.47 ? 68  ILE A CG2 1 
ATOM   491  C CD1 . ILE A 1 68  ? 6.327   6.638   -9.112  1.00 25.62 ? 68  ILE A CD1 1 
ATOM   492  N N   . LYS A 1 69  ? 9.396   8.356   -6.290  1.00 15.48 ? 69  LYS A N   1 
ATOM   493  C CA  . LYS A 1 69  ? 8.942   9.534   -5.566  1.00 17.08 ? 69  LYS A CA  1 
ATOM   494  C C   . LYS A 1 69  ? 8.103   10.270  -6.597  1.00 17.25 ? 69  LYS A C   1 
ATOM   495  O O   . LYS A 1 69  ? 8.604   10.666  -7.653  1.00 18.41 ? 69  LYS A O   1 
ATOM   496  C CB  . LYS A 1 69  ? 10.119  10.397  -5.109  1.00 21.75 ? 69  LYS A CB  1 
ATOM   497  C CG  . LYS A 1 69  ? 11.003  9.731   -4.060  1.00 25.95 ? 69  LYS A CG  1 
ATOM   498  C CD  . LYS A 1 69  ? 10.235  9.403   -2.780  1.00 29.16 ? 69  LYS A CD  1 
ATOM   499  C CE  . LYS A 1 69  ? 9.722   10.659  -2.084  1.00 31.72 ? 69  LYS A CE  1 
ATOM   500  N NZ  . LYS A 1 69  ? 9.048   10.345  -0.791  1.00 29.70 ? 69  LYS A NZ  1 
ATOM   501  N N   . ALA A 1 70  ? 6.816   10.408  -6.312  1.00 14.93 ? 70  ALA A N   1 
ATOM   502  C CA  . ALA A 1 70  ? 5.899   11.045  -7.243  1.00 16.69 ? 70  ALA A CA  1 
ATOM   503  C C   . ALA A 1 70  ? 5.119   12.186  -6.616  1.00 16.08 ? 70  ALA A C   1 
ATOM   504  O O   . ALA A 1 70  ? 5.361   12.567  -5.476  1.00 15.89 ? 70  ALA A O   1 
ATOM   505  C CB  . ALA A 1 70  ? 4.940   9.997   -7.798  1.00 15.42 ? 70  ALA A CB  1 
ATOM   506  N N   . ASP A 1 71  ? 4.214   12.761  -7.401  1.00 18.58 ? 71  ASP A N   1 
ATOM   507  C CA  . ASP A 1 71  ? 3.358   13.844  -6.936  1.00 18.95 ? 71  ASP A CA  1 
ATOM   508  C C   . ASP A 1 71  ? 1.940   13.558  -7.437  1.00 16.58 ? 71  ASP A C   1 
ATOM   509  O O   . ASP A 1 71  ? 1.713   12.562  -8.123  1.00 15.29 ? 71  ASP A O   1 
ATOM   510  C CB  . ASP A 1 71  ? 3.874   15.206  -7.420  1.00 24.59 ? 71  ASP A CB  1 
ATOM   511  C CG  . ASP A 1 71  ? 4.061   15.267  -8.923  1.00 28.93 ? 71  ASP A CG  1 
ATOM   512  O OD1 . ASP A 1 71  ? 3.076   15.051  -9.651  1.00 29.21 ? 71  ASP A OD1 1 
ATOM   513  O OD2 . ASP A 1 71  ? 5.195   15.524  -9.378  1.00 31.16 ? 71  ASP A OD2 1 
ATOM   514  N N   . MET A 1 72  ? 0.999   14.445  -7.144  1.00 15.80 ? 72  MET A N   1 
ATOM   515  C CA  . MET A 1 72  ? -0.387  14.215  -7.546  1.00 16.97 ? 72  MET A CA  1 
ATOM   516  C C   . MET A 1 72  ? -0.711  14.137  -9.042  1.00 16.96 ? 72  MET A C   1 
ATOM   517  O O   . MET A 1 72  ? -1.764  13.620  -9.409  1.00 15.72 ? 72  MET A O   1 
ATOM   518  C CB  . MET A 1 72  ? -1.323  15.188  -6.828  1.00 15.65 ? 72  MET A CB  1 
ATOM   519  C CG  . MET A 1 72  ? -1.350  15.004  -5.308  1.00 18.86 ? 72  MET A CG  1 
ATOM   520  S SD  . MET A 1 72  ? -1.903  13.362  -4.751  1.00 17.78 ? 72  MET A SD  1 
ATOM   521  C CE  . MET A 1 72  ? -3.658  13.461  -5.103  1.00 18.56 ? 72  MET A CE  1 
ATOM   522  N N   . THR A 1 73  ? 0.194   14.595  -9.909  1.00 18.18 ? 73  THR A N   1 
ATOM   523  C CA  . THR A 1 73  ? -0.055  14.525  -11.353 1.00 17.37 ? 73  THR A CA  1 
ATOM   524  C C   . THR A 1 73  ? -0.064  13.066  -11.796 1.00 17.39 ? 73  THR A C   1 
ATOM   525  O O   . THR A 1 73  ? -0.545  12.729  -12.876 1.00 15.73 ? 73  THR A O   1 
ATOM   526  C CB  . THR A 1 73  ? 1.014   15.278  -12.179 1.00 20.15 ? 73  THR A CB  1 
ATOM   527  O OG1 . THR A 1 73  ? 2.271   14.600  -12.070 1.00 20.36 ? 73  THR A OG1 1 
ATOM   528  C CG2 . THR A 1 73  ? 1.153   16.713  -11.703 1.00 20.62 ? 73  THR A CG2 1 
ATOM   529  N N   . LEU A 1 74  ? 0.473   12.198  -10.941 1.00 17.89 ? 74  LEU A N   1 
ATOM   530  C CA  . LEU A 1 74  ? 0.514   10.769  -11.209 1.00 16.97 ? 74  LEU A CA  1 
ATOM   531  C C   . LEU A 1 74  ? -0.887  10.258  -11.540 1.00 16.52 ? 74  LEU A C   1 
ATOM   532  O O   . LEU A 1 74  ? -1.069  9.465   -12.460 1.00 16.07 ? 74  LEU A O   1 
ATOM   533  C CB  . LEU A 1 74  ? 1.044   10.038  -9.970  1.00 17.84 ? 74  LEU A CB  1 
ATOM   534  C CG  . LEU A 1 74  ? 1.186   8.521   -10.043 1.00 18.20 ? 74  LEU A CG  1 
ATOM   535  C CD1 . LEU A 1 74  ? 2.272   8.153   -11.055 1.00 15.71 ? 74  LEU A CD1 1 
ATOM   536  C CD2 . LEU A 1 74  ? 1.520   7.972   -8.661  1.00 16.75 ? 74  LEU A CD2 1 
ATOM   537  N N   . PHE A 1 75  ? -1.885  10.781  -10.832 1.00 17.09 ? 75  PHE A N   1 
ATOM   538  C CA  . PHE A 1 75  ? -3.263  10.355  -11.026 1.00 17.89 ? 75  PHE A CA  1 
ATOM   539  C C   . PHE A 1 75  ? -3.957  10.874  -12.283 1.00 20.08 ? 75  PHE A C   1 
ATOM   540  O O   . PHE A 1 75  ? -5.064  10.436  -12.616 1.00 19.97 ? 75  PHE A O   1 
ATOM   541  C CB  . PHE A 1 75  ? -4.069  10.637  -9.752  1.00 18.92 ? 75  PHE A CB  1 
ATOM   542  C CG  . PHE A 1 75  ? -3.470  10.004  -8.530  1.00 16.71 ? 75  PHE A CG  1 
ATOM   543  C CD1 . PHE A 1 75  ? -3.540  8.622   -8.346  1.00 18.50 ? 75  PHE A CD1 1 
ATOM   544  C CD2 . PHE A 1 75  ? -2.767  10.767  -7.604  1.00 15.13 ? 75  PHE A CD2 1 
ATOM   545  C CE1 . PHE A 1 75  ? -2.912  8.013   -7.264  1.00 16.79 ? 75  PHE A CE1 1 
ATOM   546  C CE2 . PHE A 1 75  ? -2.134  10.167  -6.517  1.00 16.23 ? 75  PHE A CE2 1 
ATOM   547  C CZ  . PHE A 1 75  ? -2.206  8.782   -6.347  1.00 17.45 ? 75  PHE A CZ  1 
ATOM   548  N N   . ASP A 1 76  ? -3.281  11.762  -13.009 1.00 19.62 ? 76  ASP A N   1 
ATOM   549  C CA  . ASP A 1 76  ? -3.810  12.314  -14.253 1.00 20.76 ? 76  ASP A CA  1 
ATOM   550  C C   . ASP A 1 76  ? -3.250  11.570  -15.465 1.00 20.77 ? 76  ASP A C   1 
ATOM   551  O O   . ASP A 1 76  ? -3.571  11.900  -16.605 1.00 20.93 ? 76  ASP A O   1 
ATOM   552  C CB  . ASP A 1 76  ? -3.487  13.808  -14.365 1.00 22.83 ? 76  ASP A CB  1 
ATOM   553  C CG  . ASP A 1 76  ? -4.158  14.632  -13.289 1.00 24.82 ? 76  ASP A CG  1 
ATOM   554  O OD1 . ASP A 1 76  ? -5.254  14.246  -12.837 1.00 25.94 ? 76  ASP A OD1 1 
ATOM   555  O OD2 . ASP A 1 76  ? -3.592  15.672  -12.896 1.00 26.67 ? 76  ASP A OD2 1 
ATOM   556  N N   . TYR A 1 77  ? -2.384  10.592  -15.208 1.00 19.47 ? 77  TYR A N   1 
ATOM   557  C CA  . TYR A 1 77  ? -1.774  9.777   -16.255 1.00 20.33 ? 77  TYR A CA  1 
ATOM   558  C C   . TYR A 1 77  ? -2.708  8.586   -16.508 1.00 21.66 ? 77  TYR A C   1 
ATOM   559  O O   . TYR A 1 77  ? -2.806  7.673   -15.689 1.00 18.15 ? 77  TYR A O   1 
ATOM   560  C CB  . TYR A 1 77  ? -0.389  9.322   -15.787 1.00 21.11 ? 77  TYR A CB  1 
ATOM   561  C CG  . TYR A 1 77  ? 0.365   8.425   -16.741 1.00 21.63 ? 77  TYR A CG  1 
ATOM   562  C CD1 . TYR A 1 77  ? 0.743   8.870   -18.011 1.00 20.51 ? 77  TYR A CD1 1 
ATOM   563  C CD2 . TYR A 1 77  ? 0.741   7.140   -16.352 1.00 21.11 ? 77  TYR A CD2 1 
ATOM   564  C CE1 . TYR A 1 77  ? 1.483   8.051   -18.868 1.00 22.88 ? 77  TYR A CE1 1 
ATOM   565  C CE2 . TYR A 1 77  ? 1.477   6.318   -17.197 1.00 21.43 ? 77  TYR A CE2 1 
ATOM   566  C CZ  . TYR A 1 77  ? 1.848   6.776   -18.448 1.00 24.07 ? 77  TYR A CZ  1 
ATOM   567  O OH  . TYR A 1 77  ? 2.602   5.961   -19.259 1.00 23.60 ? 77  TYR A OH  1 
ATOM   568  N N   . ASN A 1 78  ? -3.395  8.614   -17.647 1.00 22.43 ? 78  ASN A N   1 
ATOM   569  C CA  . ASN A 1 78  ? -4.369  7.577   -17.999 1.00 25.62 ? 78  ASN A CA  1 
ATOM   570  C C   . ASN A 1 78  ? -3.867  6.141   -18.142 1.00 25.92 ? 78  ASN A C   1 
ATOM   571  O O   . ASN A 1 78  ? -4.662  5.202   -18.073 1.00 28.10 ? 78  ASN A O   1 
ATOM   572  C CB  . ASN A 1 78  ? -5.167  7.999   -19.237 1.00 28.00 ? 78  ASN A CB  1 
ATOM   573  C CG  . ASN A 1 78  ? -5.985  9.263   -19.001 1.00 30.75 ? 78  ASN A CG  1 
ATOM   574  O OD1 . ASN A 1 78  ? -6.331  9.592   -17.865 1.00 34.41 ? 78  ASN A OD1 1 
ATOM   575  N ND2 . ASN A 1 78  ? -6.296  9.979   -20.076 1.00 33.27 ? 78  ASN A ND2 1 
ATOM   576  N N   . ASP A 1 79  ? -2.564  5.965   -18.339 1.00 25.34 ? 79  ASP A N   1 
ATOM   577  C CA  . ASP A 1 79  ? -1.991  4.625   -18.465 1.00 25.44 ? 79  ASP A CA  1 
ATOM   578  C C   . ASP A 1 79  ? -1.468  4.086   -17.126 1.00 24.66 ? 79  ASP A C   1 
ATOM   579  O O   . ASP A 1 79  ? -0.794  3.057   -17.087 1.00 24.12 ? 79  ASP A O   1 
ATOM   580  C CB  . ASP A 1 79  ? -0.862  4.613   -19.499 1.00 27.38 ? 79  ASP A CB  1 
ATOM   581  C CG  . ASP A 1 79  ? -1.367  4.680   -20.938 1.00 31.26 ? 79  ASP A CG  1 
ATOM   582  O OD1 . ASP A 1 79  ? -2.592  4.571   -21.173 1.00 32.17 ? 79  ASP A OD1 1 
ATOM   583  O OD2 . ASP A 1 79  ? -0.518  4.838   -21.840 1.00 32.34 ? 79  ASP A OD2 1 
ATOM   584  N N   . LEU A 1 80  ? -1.786  4.778   -16.033 1.00 22.55 ? 80  LEU A N   1 
ATOM   585  C CA  . LEU A 1 80  ? -1.342  4.363   -14.704 1.00 20.75 ? 80  LEU A CA  1 
ATOM   586  C C   . LEU A 1 80  ? -1.886  2.977   -14.351 1.00 21.69 ? 80  LEU A C   1 
ATOM   587  O O   . LEU A 1 80  ? -3.061  2.689   -14.573 1.00 21.59 ? 80  LEU A O   1 
ATOM   588  C CB  . LEU A 1 80  ? -1.789  5.383   -13.651 1.00 19.24 ? 80  LEU A CB  1 
ATOM   589  C CG  . LEU A 1 80  ? -1.302  5.171   -12.216 1.00 19.79 ? 80  LEU A CG  1 
ATOM   590  C CD1 . LEU A 1 80  ? 0.215   5.152   -12.174 1.00 18.26 ? 80  LEU A CD1 1 
ATOM   591  C CD2 . LEU A 1 80  ? -1.844  6.274   -11.323 1.00 20.91 ? 80  LEU A CD2 1 
ATOM   592  N N   . THR A 1 81  ? -1.015  2.110   -13.846 1.00 21.21 ? 81  THR A N   1 
ATOM   593  C CA  . THR A 1 81  ? -1.428  0.763   -13.475 1.00 24.21 ? 81  THR A CA  1 
ATOM   594  C C   . THR A 1 81  ? -1.747  0.660   -11.995 1.00 22.58 ? 81  THR A C   1 
ATOM   595  O O   . THR A 1 81  ? -0.908  0.964   -11.145 1.00 24.22 ? 81  THR A O   1 
ATOM   596  C CB  . THR A 1 81  ? -0.352  -0.287  -13.817 1.00 26.97 ? 81  THR A CB  1 
ATOM   597  O OG1 . THR A 1 81  ? 0.866   0.029   -13.130 1.00 32.60 ? 81  THR A OG1 1 
ATOM   598  C CG2 . THR A 1 81  ? -0.101  -0.330  -15.318 1.00 29.44 ? 81  THR A CG2 1 
ATOM   599  N N   . TYR A 1 82  ? -2.978  0.258   -11.704 1.00 20.50 ? 82  TYR A N   1 
ATOM   600  C CA  . TYR A 1 82  ? -3.448  0.071   -10.339 1.00 19.88 ? 82  TYR A CA  1 
ATOM   601  C C   . TYR A 1 82  ? -3.533  -1.435  -10.111 1.00 19.77 ? 82  TYR A C   1 
ATOM   602  O O   . TYR A 1 82  ? -3.685  -2.202  -11.062 1.00 19.28 ? 82  TYR A O   1 
ATOM   603  C CB  . TYR A 1 82  ? -4.836  0.687   -10.162 1.00 19.90 ? 82  TYR A CB  1 
ATOM   604  C CG  . TYR A 1 82  ? -4.898  2.188   -10.303 1.00 20.19 ? 82  TYR A CG  1 
ATOM   605  C CD1 . TYR A 1 82  ? -4.584  3.023   -9.229  1.00 21.74 ? 82  TYR A CD1 1 
ATOM   606  C CD2 . TYR A 1 82  ? -5.313  2.779   -11.496 1.00 22.35 ? 82  TYR A CD2 1 
ATOM   607  C CE1 . TYR A 1 82  ? -4.690  4.410   -9.338  1.00 20.61 ? 82  TYR A CE1 1 
ATOM   608  C CE2 . TYR A 1 82  ? -5.420  4.164   -11.617 1.00 21.37 ? 82  TYR A CE2 1 
ATOM   609  C CZ  . TYR A 1 82  ? -5.110  4.970   -10.537 1.00 21.86 ? 82  TYR A CZ  1 
ATOM   610  O OH  . TYR A 1 82  ? -5.233  6.334   -10.648 1.00 22.37 ? 82  TYR A OH  1 
ATOM   611  N N   . PRO A 1 83  ? -3.427  -1.883  -8.851  1.00 18.53 ? 83  PRO A N   1 
ATOM   612  C CA  . PRO A 1 83  ? -3.233  -1.058  -7.656  1.00 16.93 ? 83  PRO A CA  1 
ATOM   613  C C   . PRO A 1 83  ? -1.754  -0.925  -7.307  1.00 15.54 ? 83  PRO A C   1 
ATOM   614  O O   . PRO A 1 83  ? -0.905  -1.607  -7.888  1.00 16.42 ? 83  PRO A O   1 
ATOM   615  C CB  . PRO A 1 83  ? -3.961  -1.871  -6.591  1.00 16.82 ? 83  PRO A CB  1 
ATOM   616  C CG  . PRO A 1 83  ? -3.559  -3.278  -6.959  1.00 19.41 ? 83  PRO A CG  1 
ATOM   617  C CD  . PRO A 1 83  ? -3.686  -3.291  -8.480  1.00 18.51 ? 83  PRO A CD  1 
ATOM   618  N N   . PHE A 1 84  ? -1.443  0.002   -6.409  1.00 14.01 ? 84  PHE A N   1 
ATOM   619  C CA  . PHE A 1 84  ? -0.072  0.173   -5.944  1.00 12.49 ? 84  PHE A CA  1 
ATOM   620  C C   . PHE A 1 84  ? -0.068  0.634   -4.491  1.00 12.69 ? 84  PHE A C   1 
ATOM   621  O O   . PHE A 1 84  ? -1.122  0.935   -3.924  1.00 14.14 ? 84  PHE A O   1 
ATOM   622  C CB  . PHE A 1 84  ? 0.757   1.085   -6.862  1.00 13.59 ? 84  PHE A CB  1 
ATOM   623  C CG  . PHE A 1 84  ? 0.207   2.467   -7.028  1.00 13.28 ? 84  PHE A CG  1 
ATOM   624  C CD1 . PHE A 1 84  ? 0.660   3.512   -6.225  1.00 12.98 ? 84  PHE A CD1 1 
ATOM   625  C CD2 . PHE A 1 84  ? -0.734  2.740   -8.017  1.00 15.54 ? 84  PHE A CD2 1 
ATOM   626  C CE1 . PHE A 1 84  ? 0.186   4.804   -6.408  1.00 15.88 ? 84  PHE A CE1 1 
ATOM   627  C CE2 . PHE A 1 84  ? -1.214  4.029   -8.209  1.00 14.18 ? 84  PHE A CE2 1 
ATOM   628  C CZ  . PHE A 1 84  ? -0.755  5.064   -7.404  1.00 14.27 ? 84  PHE A CZ  1 
ATOM   629  N N   . ILE A 1 85  ? 1.110   0.655   -3.883  1.00 10.89 ? 85  ILE A N   1 
ATOM   630  C CA  . ILE A 1 85  ? 1.251   1.028   -2.479  1.00 11.36 ? 85  ILE A CA  1 
ATOM   631  C C   . ILE A 1 85  ? 1.829   2.425   -2.293  1.00 10.46 ? 85  ILE A C   1 
ATOM   632  O O   . ILE A 1 85  ? 2.693   2.842   -3.054  1.00 11.47 ? 85  ILE A O   1 
ATOM   633  C CB  . ILE A 1 85  ? 2.159   0.000   -1.769  1.00 11.78 ? 85  ILE A CB  1 
ATOM   634  C CG1 . ILE A 1 85  ? 1.514   -1.389  -1.841  1.00 14.63 ? 85  ILE A CG1 1 
ATOM   635  C CG2 . ILE A 1 85  ? 2.429   0.410   -0.320  1.00 11.16 ? 85  ILE A CG2 1 
ATOM   636  C CD1 . ILE A 1 85  ? 2.457   -2.528  -1.502  1.00 17.40 ? 85  ILE A CD1 1 
ATOM   637  N N   . VAL A 1 86  ? 1.322   3.155   -1.298  1.00 10.47 ? 86  VAL A N   1 
ATOM   638  C CA  . VAL A 1 86  ? 1.827   4.494   -0.992  1.00 10.23 ? 86  VAL A CA  1 
ATOM   639  C C   . VAL A 1 86  ? 2.099   4.648   0.496   1.00 11.67 ? 86  VAL A C   1 
ATOM   640  O O   . VAL A 1 86  ? 1.441   4.018   1.330   1.00 11.26 ? 86  VAL A O   1 
ATOM   641  C CB  . VAL A 1 86  ? 0.859   5.631   -1.440  1.00 10.26 ? 86  VAL A CB  1 
ATOM   642  C CG1 . VAL A 1 86  ? 0.778   5.687   -2.959  1.00 8.60  ? 86  VAL A CG1 1 
ATOM   643  C CG2 . VAL A 1 86  ? -0.529  5.444   -0.827  1.00 12.01 ? 86  VAL A CG2 1 
ATOM   644  N N   . HIS A 1 87  ? 3.079   5.487   0.819   1.00 10.22 ? 87  HIS A N   1 
ATOM   645  C CA  . HIS A 1 87  ? 3.452   5.759   2.203   1.00 12.18 ? 87  HIS A CA  1 
ATOM   646  C C   . HIS A 1 87  ? 2.740   7.039   2.629   1.00 11.42 ? 87  HIS A C   1 
ATOM   647  O O   . HIS A 1 87  ? 2.881   8.087   1.984   1.00 10.65 ? 87  HIS A O   1 
ATOM   648  C CB  . HIS A 1 87  ? 4.976   5.935   2.301   1.00 12.92 ? 87  HIS A CB  1 
ATOM   649  C CG  . HIS A 1 87  ? 5.484   6.121   3.699   1.00 16.66 ? 87  HIS A CG  1 
ATOM   650  N ND1 . HIS A 1 87  ? 6.696   6.719   3.973   1.00 16.86 ? 87  HIS A ND1 1 
ATOM   651  C CD2 . HIS A 1 87  ? 4.950   5.789   4.899   1.00 17.76 ? 87  HIS A CD2 1 
ATOM   652  C CE1 . HIS A 1 87  ? 6.886   6.749   5.280   1.00 17.77 ? 87  HIS A CE1 1 
ATOM   653  N NE2 . HIS A 1 87  ? 5.841   6.191   5.864   1.00 17.95 ? 87  HIS A NE2 1 
ATOM   654  N N   . VAL A 1 88  ? 1.950   6.949   3.694   1.00 12.27 ? 88  VAL A N   1 
ATOM   655  C CA  . VAL A 1 88  ? 1.210   8.108   4.190   1.00 13.20 ? 88  VAL A CA  1 
ATOM   656  C C   . VAL A 1 88  ? 1.478   8.334   5.667   1.00 15.97 ? 88  VAL A C   1 
ATOM   657  O O   . VAL A 1 88  ? 1.574   7.377   6.440   1.00 17.50 ? 88  VAL A O   1 
ATOM   658  C CB  . VAL A 1 88  ? -0.318  7.957   3.976   1.00 13.87 ? 88  VAL A CB  1 
ATOM   659  C CG1 . VAL A 1 88  ? -0.644  7.951   2.489   1.00 13.74 ? 88  VAL A CG1 1 
ATOM   660  C CG2 . VAL A 1 88  ? -0.825  6.665   4.632   1.00 16.63 ? 88  VAL A CG2 1 
ATOM   661  N N   . ILE A 1 89  ? 1.641   9.598   6.049   1.00 14.86 ? 89  ILE A N   1 
ATOM   662  C CA  . ILE A 1 89  ? 1.890   9.943   7.446   1.00 19.66 ? 89  ILE A CA  1 
ATOM   663  C C   . ILE A 1 89  ? 0.544   10.272  8.088   1.00 22.46 ? 89  ILE A C   1 
ATOM   664  O O   . ILE A 1 89  ? -0.170  11.160  7.629   1.00 22.32 ? 89  ILE A O   1 
ATOM   665  C CB  . ILE A 1 89  ? 2.820   11.182  7.579   1.00 20.08 ? 89  ILE A CB  1 
ATOM   666  C CG1 . ILE A 1 89  ? 4.096   10.986  6.758   1.00 17.67 ? 89  ILE A CG1 1 
ATOM   667  C CG2 . ILE A 1 89  ? 3.158   11.435  9.051   1.00 20.69 ? 89  ILE A CG2 1 
ATOM   668  C CD1 . ILE A 1 89  ? 4.990   9.846   7.228   1.00 17.82 ? 89  ILE A CD1 1 
ATOM   669  N N   . LYS A 1 90  ? 0.176   9.518   9.116   1.00 27.72 ? 90  LYS A N   1 
ATOM   670  C CA  . LYS A 1 90  ? -1.089  9.754   9.803   1.00 31.85 ? 90  LYS A CA  1 
ATOM   671  C C   . LYS A 1 90  ? -0.815  9.995   11.275  1.00 34.29 ? 90  LYS A C   1 
ATOM   672  O O   . LYS A 1 90  ? -0.568  9.056   12.034  1.00 34.76 ? 90  LYS A O   1 
ATOM   673  C CB  . LYS A 1 90  ? -2.033  8.565   9.615   1.00 32.60 ? 90  LYS A CB  1 
ATOM   674  C CG  . LYS A 1 90  ? -2.416  8.311   8.168   1.00 33.12 ? 90  LYS A CG  1 
ATOM   675  C CD  . LYS A 1 90  ? -3.515  7.273   8.056   1.00 35.50 ? 90  LYS A CD  1 
ATOM   676  C CE  . LYS A 1 90  ? -4.805  7.754   8.697   1.00 36.22 ? 90  LYS A CE  1 
ATOM   677  N NZ  . LYS A 1 90  ? -5.327  8.993   8.063   1.00 38.94 ? 90  LYS A NZ  1 
ATOM   678  N N   . GLY A 1 91  ? -0.862  11.263  11.674  1.00 36.75 ? 91  GLY A N   1 
ATOM   679  C CA  . GLY A 1 91  ? -0.583  11.613  13.054  1.00 38.31 ? 91  GLY A CA  1 
ATOM   680  C C   . GLY A 1 91  ? 0.864   11.262  13.334  1.00 39.50 ? 91  GLY A C   1 
ATOM   681  O O   . GLY A 1 91  ? 1.748   11.609  12.548  1.00 40.02 ? 91  GLY A O   1 
ATOM   682  N N   . LYS A 1 92  ? 1.107   10.538  14.422  1.00 39.13 ? 92  LYS A N   1 
ATOM   683  C CA  . LYS A 1 92  ? 2.462   10.137  14.775  1.00 40.28 ? 92  LYS A CA  1 
ATOM   684  C C   . LYS A 1 92  ? 2.868   8.824   14.103  1.00 39.39 ? 92  LYS A C   1 
ATOM   685  O O   . LYS A 1 92  ? 3.979   8.334   14.310  1.00 40.93 ? 92  LYS A O   1 
ATOM   686  C CB  . LYS A 1 92  ? 2.622   10.045  16.296  1.00 42.32 ? 92  LYS A CB  1 
ATOM   687  C CG  . LYS A 1 92  ? 2.313   11.351  17.022  1.00 45.20 ? 92  LYS A CG  1 
ATOM   688  C CD  . LYS A 1 92  ? 2.880   11.379  18.437  1.00 48.04 ? 92  LYS A CD  1 
ATOM   689  C CE  . LYS A 1 92  ? 4.402   11.456  18.425  1.00 49.55 ? 92  LYS A CE  1 
ATOM   690  N NZ  . LYS A 1 92  ? 4.971   11.609  19.796  1.00 50.63 ? 92  LYS A NZ  1 
ATOM   691  N N   . ARG A 1 93  ? 1.964   8.260   13.305  1.00 37.46 ? 93  ARG A N   1 
ATOM   692  C CA  . ARG A 1 93  ? 2.234   7.013   12.592  1.00 35.82 ? 93  ARG A CA  1 
ATOM   693  C C   . ARG A 1 93  ? 3.127   7.287   11.385  1.00 32.33 ? 93  ARG A C   1 
ATOM   694  O O   . ARG A 1 93  ? 2.668   7.768   10.349  1.00 29.45 ? 93  ARG A O   1 
ATOM   695  C CB  . ARG A 1 93  ? 0.924   6.336   12.163  1.00 36.20 ? 93  ARG A CB  1 
ATOM   696  C CG  . ARG A 1 93  ? 0.187   5.646   13.308  1.00 39.50 ? 93  ARG A CG  1 
ATOM   697  C CD  . ARG A 1 93  ? -1.141  5.052   12.860  1.00 41.28 ? 93  ARG A CD  1 
ATOM   698  N NE  . ARG A 1 93  ? -2.162  6.078   12.656  1.00 42.91 ? 93  ARG A NE  1 
ATOM   699  C CZ  . ARG A 1 93  ? -3.348  5.863   12.091  1.00 44.45 ? 93  ARG A CZ  1 
ATOM   700  N NH1 . ARG A 1 93  ? -3.681  4.652   11.661  1.00 43.46 ? 93  ARG A NH1 1 
ATOM   701  N NH2 . ARG A 1 93  ? -4.210  6.864   11.964  1.00 44.50 ? 93  ARG A NH2 1 
ATOM   702  N N   . LEU A 1 94  ? 4.415   7.000   11.549  1.00 31.82 ? 94  LEU A N   1 
ATOM   703  C CA  . LEU A 1 94  ? 5.413   7.221   10.506  1.00 30.05 ? 94  LEU A CA  1 
ATOM   704  C C   . LEU A 1 94  ? 5.613   6.050   9.548   1.00 29.01 ? 94  LEU A C   1 
ATOM   705  O O   . LEU A 1 94  ? 6.385   6.157   8.595   1.00 28.18 ? 94  LEU A O   1 
ATOM   706  C CB  . LEU A 1 94  ? 6.754   7.600   11.142  1.00 31.26 ? 94  LEU A CB  1 
ATOM   707  C CG  . LEU A 1 94  ? 6.823   8.958   11.845  1.00 32.29 ? 94  LEU A CG  1 
ATOM   708  C CD1 . LEU A 1 94  ? 8.118   9.071   12.632  1.00 32.68 ? 94  LEU A CD1 1 
ATOM   709  C CD2 . LEU A 1 94  ? 6.712   10.083  10.824  1.00 32.52 ? 94  LEU A CD2 1 
ATOM   710  N N   . GLN A 1 95  ? 4.914   4.942   9.792   1.00 26.86 ? 95  GLN A N   1 
ATOM   711  C CA  . GLN A 1 95  ? 5.019   3.757   8.945   1.00 25.83 ? 95  GLN A CA  1 
ATOM   712  C C   . GLN A 1 95  ? 3.651   3.189   8.560   1.00 23.12 ? 95  GLN A C   1 
ATOM   713  O O   . GLN A 1 95  ? 3.374   2.001   8.744   1.00 23.96 ? 95  GLN A O   1 
ATOM   714  C CB  . GLN A 1 95  ? 5.873   2.675   9.623   1.00 30.34 ? 95  GLN A CB  1 
ATOM   715  C CG  . GLN A 1 95  ? 7.327   3.071   9.867   1.00 34.84 ? 95  GLN A CG  1 
ATOM   716  C CD  . GLN A 1 95  ? 8.160   3.139   8.595   1.00 38.81 ? 95  GLN A CD  1 
ATOM   717  O OE1 . GLN A 1 95  ? 7.630   3.269   7.486   1.00 41.73 ? 95  GLN A OE1 1 
ATOM   718  N NE2 . GLN A 1 95  ? 9.476   3.043   8.751   1.00 39.49 ? 95  GLN A NE2 1 
ATOM   719  N N   . HIS A 1 96  ? 2.787   4.053   8.042   1.00 18.16 ? 96  HIS A N   1 
ATOM   720  C CA  . HIS A 1 96  ? 1.464   3.629   7.610   1.00 16.18 ? 96  HIS A CA  1 
ATOM   721  C C   . HIS A 1 96  ? 1.438   3.669   6.085   1.00 14.61 ? 96  HIS A C   1 
ATOM   722  O O   . HIS A 1 96  ? 2.104   4.504   5.472   1.00 13.59 ? 96  HIS A O   1 
ATOM   723  C CB  . HIS A 1 96  ? 0.374   4.539   8.184   1.00 16.12 ? 96  HIS A CB  1 
ATOM   724  C CG  . HIS A 1 96  ? -0.982  3.907   8.191   1.00 18.69 ? 96  HIS A CG  1 
ATOM   725  N ND1 . HIS A 1 96  ? -1.378  3.012   9.163   1.00 18.84 ? 96  HIS A ND1 1 
ATOM   726  C CD2 . HIS A 1 96  ? -2.017  4.003   7.324   1.00 16.83 ? 96  HIS A CD2 1 
ATOM   727  C CE1 . HIS A 1 96  ? -2.598  2.583   8.893   1.00 18.22 ? 96  HIS A CE1 1 
ATOM   728  N NE2 . HIS A 1 96  ? -3.008  3.169   7.783   1.00 18.37 ? 96  HIS A NE2 1 
ATOM   729  N N   . TYR A 1 97  ? 0.684   2.757   5.476   1.00 13.60 ? 97  TYR A N   1 
ATOM   730  C CA  . TYR A 1 97  ? 0.592   2.691   4.021   1.00 12.26 ? 97  TYR A CA  1 
ATOM   731  C C   . TYR A 1 97  ? -0.840  2.436   3.591   1.00 13.48 ? 97  TYR A C   1 
ATOM   732  O O   . TYR A 1 97  ? -1.640  1.911   4.362   1.00 13.50 ? 97  TYR A O   1 
ATOM   733  C CB  . TYR A 1 97  ? 1.446   1.532   3.472   1.00 13.15 ? 97  TYR A CB  1 
ATOM   734  C CG  . TYR A 1 97  ? 2.914   1.594   3.826   1.00 16.35 ? 97  TYR A CG  1 
ATOM   735  C CD1 . TYR A 1 97  ? 3.839   2.150   2.947   1.00 17.94 ? 97  TYR A CD1 1 
ATOM   736  C CD2 . TYR A 1 97  ? 3.376   1.105   5.050   1.00 19.13 ? 97  TYR A CD2 1 
ATOM   737  C CE1 . TYR A 1 97  ? 5.191   2.226   3.279   1.00 20.87 ? 97  TYR A CE1 1 
ATOM   738  C CE2 . TYR A 1 97  ? 4.718   1.174   5.390   1.00 18.78 ? 97  TYR A CE2 1 
ATOM   739  C CZ  . TYR A 1 97  ? 5.619   1.736   4.505   1.00 21.88 ? 97  TYR A CZ  1 
ATOM   740  O OH  . TYR A 1 97  ? 6.947   1.817   4.850   1.00 26.15 ? 97  TYR A OH  1 
ATOM   741  N N   . TYR A 1 98  ? -1.145  2.799   2.350   1.00 11.66 ? 98  TYR A N   1 
ATOM   742  C CA  . TYR A 1 98  ? -2.461  2.558   1.761   1.00 11.16 ? 98  TYR A CA  1 
ATOM   743  C C   . TYR A 1 98  ? -2.225  1.830   0.454   1.00 12.49 ? 98  TYR A C   1 
ATOM   744  O O   . TYR A 1 98  ? -1.123  1.853   -0.106  1.00 11.64 ? 98  TYR A O   1 
ATOM   745  C CB  . TYR A 1 98  ? -3.163  3.850   1.325   1.00 11.98 ? 98  TYR A CB  1 
ATOM   746  C CG  . TYR A 1 98  ? -3.633  4.821   2.376   1.00 11.18 ? 98  TYR A CG  1 
ATOM   747  C CD1 . TYR A 1 98  ? -3.859  4.429   3.693   1.00 11.87 ? 98  TYR A CD1 1 
ATOM   748  C CD2 . TYR A 1 98  ? -3.889  6.149   2.027   1.00 11.26 ? 98  TYR A CD2 1 
ATOM   749  C CE1 . TYR A 1 98  ? -4.334  5.339   4.638   1.00 11.55 ? 98  TYR A CE1 1 
ATOM   750  C CE2 . TYR A 1 98  ? -4.358  7.063   2.957   1.00 11.94 ? 98  TYR A CE2 1 
ATOM   751  C CZ  . TYR A 1 98  ? -4.581  6.657   4.257   1.00 14.58 ? 98  TYR A CZ  1 
ATOM   752  O OH  . TYR A 1 98  ? -5.053  7.575   5.163   1.00 15.15 ? 98  TYR A OH  1 
ATOM   753  N N   . VAL A 1 99  ? -3.280  1.190   -0.031  1.00 13.26 ? 99  VAL A N   1 
ATOM   754  C CA  . VAL A 1 99  ? -3.251  0.569   -1.340  1.00 13.15 ? 99  VAL A CA  1 
ATOM   755  C C   . VAL A 1 99  ? -4.073  1.583   -2.143  1.00 14.18 ? 99  VAL A C   1 
ATOM   756  O O   . VAL A 1 99  ? -5.026  2.159   -1.612  1.00 12.25 ? 99  VAL A O   1 
ATOM   757  C CB  . VAL A 1 99  ? -3.991  -0.785  -1.367  1.00 13.89 ? 99  VAL A CB  1 
ATOM   758  C CG1 . VAL A 1 99  ? -4.059  -1.303  -2.796  1.00 14.18 ? 99  VAL A CG1 1 
ATOM   759  C CG2 . VAL A 1 99  ? -3.281  -1.800  -0.473  1.00 12.06 ? 99  VAL A CG2 1 
ATOM   760  N N   . VAL A 1 100 ? -3.651  1.896   -3.366  1.00 12.15 ? 100 VAL A N   1 
ATOM   761  C CA  . VAL A 1 100 ? -4.419  2.821   -4.189  1.00 12.86 ? 100 VAL A CA  1 
ATOM   762  C C   . VAL A 1 100 ? -5.015  1.992   -5.323  1.00 12.90 ? 100 VAL A C   1 
ATOM   763  O O   . VAL A 1 100 ? -4.286  1.363   -6.089  1.00 12.86 ? 100 VAL A O   1 
ATOM   764  C CB  . VAL A 1 100 ? -3.561  3.989   -4.744  1.00 13.37 ? 100 VAL A CB  1 
ATOM   765  C CG1 . VAL A 1 100 ? -4.429  4.914   -5.592  1.00 15.12 ? 100 VAL A CG1 1 
ATOM   766  C CG2 . VAL A 1 100 ? -2.960  4.779   -3.595  1.00 13.58 ? 100 VAL A CG2 1 
ATOM   767  N N   . TYR A 1 101 ? -6.342  1.970   -5.392  1.00 14.91 ? 101 TYR A N   1 
ATOM   768  C CA  . TYR A 1 101 ? -7.065  1.181   -6.390  1.00 16.39 ? 101 TYR A CA  1 
ATOM   769  C C   . TYR A 1 101 ? -7.481  1.936   -7.640  1.00 18.62 ? 101 TYR A C   1 
ATOM   770  O O   . TYR A 1 101 ? -7.665  1.334   -8.697  1.00 19.04 ? 101 TYR A O   1 
ATOM   771  C CB  . TYR A 1 101 ? -8.314  0.573   -5.760  1.00 18.28 ? 101 TYR A CB  1 
ATOM   772  C CG  . TYR A 1 101 ? -8.031  -0.318  -4.581  1.00 19.14 ? 101 TYR A CG  1 
ATOM   773  C CD1 . TYR A 1 101 ? -7.514  -1.600  -4.758  1.00 19.18 ? 101 TYR A CD1 1 
ATOM   774  C CD2 . TYR A 1 101 ? -8.284  0.123   -3.285  1.00 20.55 ? 101 TYR A CD2 1 
ATOM   775  C CE1 . TYR A 1 101 ? -7.253  -2.422  -3.666  1.00 19.20 ? 101 TYR A CE1 1 
ATOM   776  C CE2 . TYR A 1 101 ? -8.028  -0.685  -2.193  1.00 20.80 ? 101 TYR A CE2 1 
ATOM   777  C CZ  . TYR A 1 101 ? -7.514  -1.952  -2.386  1.00 19.06 ? 101 TYR A CZ  1 
ATOM   778  O OH  . TYR A 1 101 ? -7.246  -2.733  -1.290  1.00 22.97 ? 101 TYR A OH  1 
ATOM   779  N N   . GLY A 1 102 ? -7.674  3.242   -7.510  1.00 18.77 ? 102 GLY A N   1 
ATOM   780  C CA  . GLY A 1 102 ? -8.081  4.027   -8.658  1.00 23.64 ? 102 GLY A CA  1 
ATOM   781  C C   . GLY A 1 102 ? -8.404  5.455   -8.298  1.00 27.03 ? 102 GLY A C   1 
ATOM   782  O O   . GLY A 1 102 ? -8.146  5.905   -7.180  1.00 23.17 ? 102 GLY A O   1 
ATOM   783  N N   . SER A 1 103 ? -8.954  6.178   -9.268  1.00 31.78 ? 103 SER A N   1 
ATOM   784  C CA  . SER A 1 103 ? -9.331  7.567   -9.073  1.00 37.68 ? 103 SER A CA  1 
ATOM   785  C C   . SER A 1 103 ? -10.620 7.860   -9.824  1.00 41.17 ? 103 SER A C   1 
ATOM   786  O O   . SER A 1 103 ? -10.836 7.354   -10.928 1.00 42.43 ? 103 SER A O   1 
ATOM   787  C CB  . SER A 1 103 ? -8.223  8.499   -9.569  1.00 37.97 ? 103 SER A CB  1 
ATOM   788  O OG  . SER A 1 103 ? -8.007  8.346   -10.962 1.00 42.56 ? 103 SER A OG  1 
ATOM   789  N N   . GLN A 1 104 ? -11.485 8.654   -9.206  1.00 44.74 ? 104 GLN A N   1 
ATOM   790  C CA  . GLN A 1 104 ? -12.751 9.038   -9.814  1.00 48.67 ? 104 GLN A CA  1 
ATOM   791  C C   . GLN A 1 104 ? -13.108 10.439  -9.339  1.00 49.51 ? 104 GLN A C   1 
ATOM   792  O O   . GLN A 1 104 ? -13.320 10.663  -8.144  1.00 49.87 ? 104 GLN A O   1 
ATOM   793  C CB  . GLN A 1 104 ? -13.864 8.050   -9.449  1.00 51.09 ? 104 GLN A CB  1 
ATOM   794  C CG  . GLN A 1 104 ? -15.130 8.229   -10.282 1.00 54.85 ? 104 GLN A CG  1 
ATOM   795  C CD  . GLN A 1 104 ? -16.200 7.195   -9.972  1.00 57.71 ? 104 GLN A CD  1 
ATOM   796  O OE1 . GLN A 1 104 ? -17.360 7.539   -9.734  1.00 58.77 ? 104 GLN A OE1 1 
ATOM   797  N NE2 . GLN A 1 104 ? -15.816 5.921   -9.981  1.00 57.77 ? 104 GLN A NE2 1 
ATOM   798  N N   . ASN A 1 105 ? -13.142 11.375  -10.287 1.00 49.51 ? 105 ASN A N   1 
ATOM   799  C CA  . ASN A 1 105 ? -13.455 12.781  -10.029 1.00 48.85 ? 105 ASN A CA  1 
ATOM   800  C C   . ASN A 1 105 ? -12.298 13.451  -9.285  1.00 46.63 ? 105 ASN A C   1 
ATOM   801  O O   . ASN A 1 105 ? -11.154 13.420  -9.745  1.00 47.26 ? 105 ASN A O   1 
ATOM   802  C CB  . ASN A 1 105 ? -14.766 12.914  -9.236  1.00 51.44 ? 105 ASN A CB  1 
ATOM   803  C CG  . ASN A 1 105 ? -15.930 12.205  -9.905  1.00 54.18 ? 105 ASN A CG  1 
ATOM   804  O OD1 . ASN A 1 105 ? -16.500 11.264  -9.349  1.00 55.89 ? 105 ASN A OD1 1 
ATOM   805  N ND2 . ASN A 1 105 ? -16.285 12.650  -11.107 1.00 55.10 ? 105 ASN A ND2 1 
ATOM   806  N N   . ASN A 1 106 ? -12.606 14.067  -8.150  1.00 43.06 ? 106 ASN A N   1 
ATOM   807  C CA  . ASN A 1 106 ? -11.603 14.730  -7.326  1.00 39.95 ? 106 ASN A CA  1 
ATOM   808  C C   . ASN A 1 106 ? -11.284 13.812  -6.139  1.00 36.33 ? 106 ASN A C   1 
ATOM   809  O O   . ASN A 1 106 ? -10.855 14.269  -5.076  1.00 33.76 ? 106 ASN A O   1 
ATOM   810  C CB  . ASN A 1 106 ? -12.146 16.080  -6.840  1.00 42.07 ? 106 ASN A CB  1 
ATOM   811  C CG  . ASN A 1 106 ? -11.104 16.912  -6.113  1.00 45.12 ? 106 ASN A CG  1 
ATOM   812  O OD1 . ASN A 1 106 ? -9.970  17.057  -6.574  1.00 46.80 ? 106 ASN A OD1 1 
ATOM   813  N ND2 . ASN A 1 106 ? -11.488 17.465  -4.969  1.00 46.58 ? 106 ASN A ND2 1 
ATOM   814  N N   . GLN A 1 107 ? -11.501 12.511  -6.331  1.00 33.36 ? 107 GLN A N   1 
ATOM   815  C CA  . GLN A 1 107 ? -11.254 11.530  -5.281  1.00 30.98 ? 107 GLN A CA  1 
ATOM   816  C C   . GLN A 1 107 ? -10.479 10.304  -5.741  1.00 27.52 ? 107 GLN A C   1 
ATOM   817  O O   . GLN A 1 107 ? -10.449 9.966   -6.924  1.00 28.44 ? 107 GLN A O   1 
ATOM   818  C CB  . GLN A 1 107 ? -12.569 11.072  -4.643  1.00 34.48 ? 107 GLN A CB  1 
ATOM   819  C CG  . GLN A 1 107 ? -13.335 12.165  -3.915  1.00 37.55 ? 107 GLN A CG  1 
ATOM   820  C CD  . GLN A 1 107 ? -14.347 11.608  -2.940  1.00 40.58 ? 107 GLN A CD  1 
ATOM   821  O OE1 . GLN A 1 107 ? -14.252 11.840  -1.732  1.00 43.44 ? 107 GLN A OE1 1 
ATOM   822  N NE2 . GLN A 1 107 ? -15.318 10.857  -3.452  1.00 39.97 ? 107 GLN A NE2 1 
ATOM   823  N N   . LEU A 1 108 ? -9.841  9.650   -4.780  1.00 22.92 ? 108 LEU A N   1 
ATOM   824  C CA  . LEU A 1 108 ? -9.073  8.440   -5.029  1.00 18.99 ? 108 LEU A CA  1 
ATOM   825  C C   . LEU A 1 108 ? -9.733  7.318   -4.246  1.00 18.82 ? 108 LEU A C   1 
ATOM   826  O O   . LEU A 1 108 ? -10.335 7.564   -3.204  1.00 19.52 ? 108 LEU A O   1 
ATOM   827  C CB  . LEU A 1 108 ? -7.644  8.606   -4.511  1.00 19.78 ? 108 LEU A CB  1 
ATOM   828  C CG  . LEU A 1 108 ? -6.793  9.712   -5.133  1.00 21.31 ? 108 LEU A CG  1 
ATOM   829  C CD1 . LEU A 1 108 ? -5.455  9.785   -4.430  1.00 20.67 ? 108 LEU A CD1 1 
ATOM   830  C CD2 . LEU A 1 108 ? -6.612  9.433   -6.613  1.00 22.07 ? 108 LEU A CD2 1 
ATOM   831  N N   . ILE A 1 109 ? -9.653  6.101   -4.766  1.00 17.77 ? 109 ILE A N   1 
ATOM   832  C CA  . ILE A 1 109 ? -10.201 4.947   -4.066  1.00 18.26 ? 109 ILE A CA  1 
ATOM   833  C C   . ILE A 1 109 ? -8.985  4.310   -3.399  1.00 17.11 ? 109 ILE A C   1 
ATOM   834  O O   . ILE A 1 109 ? -8.052  3.879   -4.079  1.00 16.10 ? 109 ILE A O   1 
ATOM   835  C CB  . ILE A 1 109 ? -10.839 3.930   -5.032  1.00 20.63 ? 109 ILE A CB  1 
ATOM   836  C CG1 . ILE A 1 109 ? -11.893 4.618   -5.901  1.00 22.72 ? 109 ILE A CG1 1 
ATOM   837  C CG2 . ILE A 1 109 ? -11.474 2.784   -4.238  1.00 20.94 ? 109 ILE A CG2 1 
ATOM   838  C CD1 . ILE A 1 109 ? -12.456 3.729   -6.988  1.00 26.08 ? 109 ILE A CD1 1 
ATOM   839  N N   . ILE A 1 110 ? -8.963  4.321   -2.072  1.00 17.09 ? 110 ILE A N   1 
ATOM   840  C CA  . ILE A 1 110 ? -7.835  3.756   -1.340  1.00 15.92 ? 110 ILE A CA  1 
ATOM   841  C C   . ILE A 1 110 ? -8.215  2.620   -0.401  1.00 16.42 ? 110 ILE A C   1 
ATOM   842  O O   . ILE A 1 110 ? -9.379  2.461   -0.030  1.00 15.90 ? 110 ILE A O   1 
ATOM   843  C CB  . ILE A 1 110 ? -7.065  4.847   -0.548  1.00 17.46 ? 110 ILE A CB  1 
ATOM   844  C CG1 . ILE A 1 110 ? -7.967  5.506   0.500   1.00 19.16 ? 110 ILE A CG1 1 
ATOM   845  C CG2 . ILE A 1 110 ? -6.510  5.915   -1.511  1.00 17.46 ? 110 ILE A CG2 1 
ATOM   846  C CD1 . ILE A 1 110 ? -7.706  5.043   1.917   1.00 19.59 ? 110 ILE A CD1 1 
ATOM   847  N N   . GLY A 1 111 ? -7.212  1.828   -0.035  1.00 14.82 ? 111 GLY A N   1 
ATOM   848  C CA  . GLY A 1 111 ? -7.416  0.719   0.875   1.00 15.81 ? 111 GLY A CA  1 
ATOM   849  C C   . GLY A 1 111 ? -6.526  0.936   2.077   1.00 15.41 ? 111 GLY A C   1 
ATOM   850  O O   . GLY A 1 111 ? -5.299  0.897   1.971   1.00 14.38 ? 111 GLY A O   1 
ATOM   851  N N   . ASP A 1 112 ? -7.144  1.261   3.203   1.00 14.84 ? 112 ASP A N   1 
ATOM   852  C CA  . ASP A 1 112 ? -6.414  1.494   4.439   1.00 14.84 ? 112 ASP A CA  1 
ATOM   853  C C   . ASP A 1 112 ? -6.572  0.254   5.323   1.00 13.89 ? 112 ASP A C   1 
ATOM   854  O O   . ASP A 1 112 ? -7.673  -0.054  5.760   1.00 14.34 ? 112 ASP A O   1 
ATOM   855  C CB  . ASP A 1 112 ? -6.988  2.738   5.140   1.00 14.18 ? 112 ASP A CB  1 
ATOM   856  C CG  . ASP A 1 112 ? -6.286  3.068   6.450   1.00 14.91 ? 112 ASP A CG  1 
ATOM   857  O OD1 . ASP A 1 112 ? -5.395  2.312   6.886   1.00 15.74 ? 112 ASP A OD1 1 
ATOM   858  O OD2 . ASP A 1 112 ? -6.638  4.096   7.060   1.00 16.12 ? 112 ASP A OD2 1 
ATOM   859  N N   . PRO A 1 113 ? -5.465  -0.461  5.609   1.00 15.27 ? 113 PRO A N   1 
ATOM   860  C CA  . PRO A 1 113 ? -5.482  -1.669  6.449   1.00 14.51 ? 113 PRO A CA  1 
ATOM   861  C C   . PRO A 1 113 ? -6.159  -1.474  7.813   1.00 15.31 ? 113 PRO A C   1 
ATOM   862  O O   . PRO A 1 113 ? -6.581  -2.449  8.436   1.00 15.56 ? 113 PRO A O   1 
ATOM   863  C CB  . PRO A 1 113 ? -4.000  -2.004  6.589   1.00 13.93 ? 113 PRO A CB  1 
ATOM   864  C CG  . PRO A 1 113 ? -3.445  -1.554  5.257   1.00 14.50 ? 113 PRO A CG  1 
ATOM   865  C CD  . PRO A 1 113 ? -4.106  -0.208  5.095   1.00 14.35 ? 113 PRO A CD  1 
ATOM   866  N N   . ASP A 1 114 ? -6.233  -0.228  8.283   1.00 14.98 ? 114 ASP A N   1 
ATOM   867  C CA  . ASP A 1 114 ? -6.907  0.100   9.548   1.00 16.32 ? 114 ASP A CA  1 
ATOM   868  C C   . ASP A 1 114 ? -8.303  -0.522  9.390   1.00 15.88 ? 114 ASP A C   1 
ATOM   869  O O   . ASP A 1 114 ? -9.051  -0.148  8.490   1.00 15.84 ? 114 ASP A O   1 
ATOM   870  C CB  . ASP A 1 114 ? -7.004  1.631   9.677   1.00 17.37 ? 114 ASP A CB  1 
ATOM   871  C CG  . ASP A 1 114 ? -7.758  2.099   10.920  1.00 17.84 ? 114 ASP A CG  1 
ATOM   872  O OD1 . ASP A 1 114 ? -8.625  1.373   11.454  1.00 15.88 ? 114 ASP A OD1 1 
ATOM   873  O OD2 . ASP A 1 114 ? -7.507  3.245   11.336  1.00 17.48 ? 114 ASP A OD2 1 
ATOM   874  N N   . PRO A 1 115 ? -8.659  -1.493  10.257  1.00 17.08 ? 115 PRO A N   1 
ATOM   875  C CA  . PRO A 1 115 ? -9.965  -2.156  10.174  1.00 17.60 ? 115 PRO A CA  1 
ATOM   876  C C   . PRO A 1 115 ? -11.204 -1.283  10.349  1.00 17.96 ? 115 PRO A C   1 
ATOM   877  O O   . PRO A 1 115 ? -12.306 -1.708  10.003  1.00 17.84 ? 115 PRO A O   1 
ATOM   878  C CB  . PRO A 1 115 ? -9.859  -3.273  11.216  1.00 17.29 ? 115 PRO A CB  1 
ATOM   879  C CG  . PRO A 1 115 ? -8.894  -2.732  12.214  1.00 18.71 ? 115 PRO A CG  1 
ATOM   880  C CD  . PRO A 1 115 ? -7.846  -2.065  11.344  1.00 15.31 ? 115 PRO A CD  1 
ATOM   881  N N   . SER A 1 116 ? -11.019 -0.061  10.841  1.00 16.73 ? 116 SER A N   1 
ATOM   882  C CA  . SER A 1 116 ? -12.130 0.870   11.013  1.00 17.47 ? 116 SER A CA  1 
ATOM   883  C C   . SER A 1 116 ? -12.272 1.782   9.789   1.00 18.02 ? 116 SER A C   1 
ATOM   884  O O   . SER A 1 116 ? -13.167 2.627   9.736   1.00 18.89 ? 116 SER A O   1 
ATOM   885  C CB  . SER A 1 116 ? -11.956 1.703   12.293  1.00 19.99 ? 116 SER A CB  1 
ATOM   886  O OG  . SER A 1 116 ? -10.907 2.655   12.192  1.00 17.94 ? 116 SER A OG  1 
ATOM   887  N N   . VAL A 1 117 ? -11.403 1.587   8.796   1.00 16.18 ? 117 VAL A N   1 
ATOM   888  C CA  . VAL A 1 117 ? -11.432 2.390   7.574   1.00 16.08 ? 117 VAL A CA  1 
ATOM   889  C C   . VAL A 1 117 ? -11.600 1.514   6.327   1.00 16.37 ? 117 VAL A C   1 
ATOM   890  O O   . VAL A 1 117 ? -12.562 1.669   5.573   1.00 16.74 ? 117 VAL A O   1 
ATOM   891  C CB  . VAL A 1 117 ? -10.144 3.247   7.423   1.00 16.55 ? 117 VAL A CB  1 
ATOM   892  C CG1 . VAL A 1 117 ? -10.228 4.119   6.174   1.00 15.75 ? 117 VAL A CG1 1 
ATOM   893  C CG2 . VAL A 1 117 ? -9.932  4.119   8.658   1.00 14.73 ? 117 VAL A CG2 1 
ATOM   894  N N   . LYS A 1 118 ? -10.644 0.614   6.103   1.00 14.51 ? 118 LYS A N   1 
ATOM   895  C CA  . LYS A 1 118 ? -10.677 -0.286  4.955   1.00 15.72 ? 118 LYS A CA  1 
ATOM   896  C C   . LYS A 1 118 ? -10.743 0.440   3.605   1.00 14.88 ? 118 LYS A C   1 
ATOM   897  O O   . LYS A 1 118 ? -10.084 1.461   3.424   1.00 15.48 ? 118 LYS A O   1 
ATOM   898  C CB  . LYS A 1 118 ? -11.829 -1.286  5.096   1.00 16.06 ? 118 LYS A CB  1 
ATOM   899  C CG  . LYS A 1 118 ? -11.683 -2.239  6.266   1.00 20.63 ? 118 LYS A CG  1 
ATOM   900  C CD  . LYS A 1 118 ? -12.779 -3.291  6.189   1.00 24.75 ? 118 LYS A CD  1 
ATOM   901  C CE  . LYS A 1 118 ? -12.725 -4.249  7.346   1.00 25.86 ? 118 LYS A CE  1 
ATOM   902  N NZ  . LYS A 1 118 ? -13.728 -5.326  7.143   1.00 26.36 ? 118 LYS A NZ  1 
ATOM   903  N N   . VAL A 1 119 ? -11.547 -0.068  2.672   1.00 15.59 ? 119 VAL A N   1 
ATOM   904  C CA  . VAL A 1 119 ? -11.656 0.555   1.351   1.00 17.27 ? 119 VAL A CA  1 
ATOM   905  C C   . VAL A 1 119 ? -12.609 1.742   1.389   1.00 18.38 ? 119 VAL A C   1 
ATOM   906  O O   . VAL A 1 119 ? -13.770 1.611   1.778   1.00 17.50 ? 119 VAL A O   1 
ATOM   907  C CB  . VAL A 1 119 ? -12.110 -0.453  0.268   1.00 19.15 ? 119 VAL A CB  1 
ATOM   908  C CG1 . VAL A 1 119 ? -12.105 0.214   -1.107  1.00 18.25 ? 119 VAL A CG1 1 
ATOM   909  C CG2 . VAL A 1 119 ? -11.200 -1.662  0.262   1.00 18.08 ? 119 VAL A CG2 1 
ATOM   910  N N   . THR A 1 120 ? -12.115 2.902   0.964   1.00 18.09 ? 120 THR A N   1 
ATOM   911  C CA  . THR A 1 120 ? -12.917 4.117   0.980   1.00 19.46 ? 120 THR A CA  1 
ATOM   912  C C   . THR A 1 120 ? -12.456 5.131   -0.065  1.00 20.67 ? 120 THR A C   1 
ATOM   913  O O   . THR A 1 120 ? -11.407 4.967   -0.686  1.00 20.28 ? 120 THR A O   1 
ATOM   914  C CB  . THR A 1 120 ? -12.849 4.783   2.382   1.00 20.87 ? 120 THR A CB  1 
ATOM   915  O OG1 . THR A 1 120 ? -13.698 5.936   2.419   1.00 23.35 ? 120 THR A OG1 1 
ATOM   916  C CG2 . THR A 1 120 ? -11.416 5.208   2.710   1.00 21.05 ? 120 THR A CG2 1 
ATOM   917  N N   . ARG A 1 121 ? -13.293 6.135   -0.304  1.00 20.14 ? 121 ARG A N   1 
ATOM   918  C CA  . ARG A 1 121 ? -12.957 7.204   -1.229  1.00 22.42 ? 121 ARG A CA  1 
ATOM   919  C C   . ARG A 1 121 ? -12.323 8.300   -0.378  1.00 21.19 ? 121 ARG A C   1 
ATOM   920  O O   . ARG A 1 121 ? -12.758 8.543   0.750   1.00 22.38 ? 121 ARG A O   1 
ATOM   921  C CB  . ARG A 1 121 ? -14.212 7.744   -1.918  1.00 25.94 ? 121 ARG A CB  1 
ATOM   922  C CG  . ARG A 1 121 ? -14.778 6.833   -2.986  1.00 32.04 ? 121 ARG A CG  1 
ATOM   923  C CD  . ARG A 1 121 ? -16.022 7.440   -3.614  1.00 38.29 ? 121 ARG A CD  1 
ATOM   924  N NE  . ARG A 1 121 ? -16.423 6.718   -4.817  1.00 44.11 ? 121 ARG A NE  1 
ATOM   925  C CZ  . ARG A 1 121 ? -16.162 7.120   -6.058  1.00 46.43 ? 121 ARG A CZ  1 
ATOM   926  N NH1 . ARG A 1 121 ? -15.498 8.250   -6.274  1.00 47.53 ? 121 ARG A NH1 1 
ATOM   927  N NH2 . ARG A 1 121 ? -16.559 6.383   -7.087  1.00 48.45 ? 121 ARG A NH2 1 
ATOM   928  N N   . MET A 1 122 ? -11.281 8.931   -0.905  1.00 18.16 ? 122 MET A N   1 
ATOM   929  C CA  . MET A 1 122 ? -10.581 10.000  -0.198  1.00 17.78 ? 122 MET A CA  1 
ATOM   930  C C   . MET A 1 122 ? -10.335 11.143  -1.175  1.00 16.33 ? 122 MET A C   1 
ATOM   931  O O   . MET A 1 122 ? -9.941  10.911  -2.318  1.00 15.47 ? 122 MET A O   1 
ATOM   932  C CB  . MET A 1 122 ? -9.237  9.487   0.344   1.00 17.58 ? 122 MET A CB  1 
ATOM   933  C CG  . MET A 1 122 ? -8.461  10.506  1.177   1.00 20.32 ? 122 MET A CG  1 
ATOM   934  S SD  . MET A 1 122 ? -6.912  9.856   1.887   1.00 20.97 ? 122 MET A SD  1 
ATOM   935  C CE  . MET A 1 122 ? -7.562  8.864   3.255   1.00 23.60 ? 122 MET A CE  1 
ATOM   936  N N   . SER A 1 123 ? -10.570 12.374  -0.731  1.00 17.37 ? 123 SER A N   1 
ATOM   937  C CA  . SER A 1 123 ? -10.356 13.525  -1.600  1.00 17.88 ? 123 SER A CA  1 
ATOM   938  C C   . SER A 1 123 ? -8.873  13.612  -1.942  1.00 18.28 ? 123 SER A C   1 
ATOM   939  O O   . SER A 1 123 ? -8.018  13.208  -1.146  1.00 15.84 ? 123 SER A O   1 
ATOM   940  C CB  . SER A 1 123 ? -10.800 14.821  -0.917  1.00 19.74 ? 123 SER A CB  1 
ATOM   941  O OG  . SER A 1 123 ? -9.934  15.166  0.147   1.00 18.41 ? 123 SER A OG  1 
ATOM   942  N N   . LYS A 1 124 ? -8.573  14.098  -3.140  1.00 18.14 ? 124 LYS A N   1 
ATOM   943  C CA  . LYS A 1 124 ? -7.184  14.237  -3.563  1.00 19.83 ? 124 LYS A CA  1 
ATOM   944  C C   . LYS A 1 124 ? -6.436  15.205  -2.647  1.00 19.29 ? 124 LYS A C   1 
ATOM   945  O O   . LYS A 1 124 ? -5.249  15.027  -2.397  1.00 17.76 ? 124 LYS A O   1 
ATOM   946  C CB  . LYS A 1 124 ? -7.109  14.673  -5.026  1.00 19.82 ? 124 LYS A CB  1 
ATOM   947  C CG  . LYS A 1 124 ? -7.487  13.551  -5.988  1.00 21.59 ? 124 LYS A CG  1 
ATOM   948  C CD  . LYS A 1 124 ? -7.515  13.993  -7.435  1.00 25.09 ? 124 LYS A CD  1 
ATOM   949  C CE  . LYS A 1 124 ? -7.817  12.800  -8.332  1.00 28.03 ? 124 LYS A CE  1 
ATOM   950  N NZ  . LYS A 1 124 ? -8.160  13.193  -9.721  1.00 29.59 ? 124 LYS A NZ  1 
ATOM   951  N N   . GLU A 1 125 ? -7.161  16.179  -2.099  1.00 20.32 ? 125 GLU A N   1 
ATOM   952  C CA  . GLU A 1 125 ? -6.592  17.177  -1.190  1.00 21.65 ? 125 GLU A CA  1 
ATOM   953  C C   . GLU A 1 125 ? -6.108  16.526  0.103   1.00 20.09 ? 125 GLU A C   1 
ATOM   954  O O   . GLU A 1 125 ? -4.994  16.781  0.557   1.00 17.90 ? 125 GLU A O   1 
ATOM   955  C CB  . GLU A 1 125 ? -7.650  18.220  -0.827  1.00 28.37 ? 125 GLU A CB  1 
ATOM   956  C CG  . GLU A 1 125 ? -7.151  19.650  -0.827  1.00 36.62 ? 125 GLU A CG  1 
ATOM   957  C CD  . GLU A 1 125 ? -7.261  20.307  -2.193  1.00 40.39 ? 125 GLU A CD  1 
ATOM   958  O OE1 . GLU A 1 125 ? -7.585  21.514  -2.248  1.00 43.24 ? 125 GLU A OE1 1 
ATOM   959  O OE2 . GLU A 1 125 ? -7.037  19.617  -3.211  1.00 41.96 ? 125 GLU A OE2 1 
ATOM   960  N N   . ARG A 1 126 ? -6.974  15.716  0.708   1.00 18.66 ? 126 ARG A N   1 
ATOM   961  C CA  . ARG A 1 126 ? -6.661  15.014  1.953   1.00 17.37 ? 126 ARG A CA  1 
ATOM   962  C C   . ARG A 1 126 ? -5.478  14.075  1.743   1.00 14.84 ? 126 ARG A C   1 
ATOM   963  O O   . ARG A 1 126 ? -4.538  14.050  2.544   1.00 13.27 ? 126 ARG A O   1 
ATOM   964  C CB  . ARG A 1 126 ? -7.871  14.194  2.414   1.00 21.02 ? 126 ARG A CB  1 
ATOM   965  C CG  . ARG A 1 126 ? -7.634  13.364  3.673   1.00 28.27 ? 126 ARG A CG  1 
ATOM   966  C CD  . ARG A 1 126 ? -7.899  14.165  4.934   1.00 36.72 ? 126 ARG A CD  1 
ATOM   967  N NE  . ARG A 1 126 ? -9.307  14.548  5.031   1.00 42.69 ? 126 ARG A NE  1 
ATOM   968  C CZ  . ARG A 1 126 ? -9.909  14.932  6.153   1.00 44.85 ? 126 ARG A CZ  1 
ATOM   969  N NH1 . ARG A 1 126 ? -9.233  14.988  7.293   1.00 46.90 ? 126 ARG A NH1 1 
ATOM   970  N NH2 . ARG A 1 126 ? -11.194 15.262  6.133   1.00 45.12 ? 126 ARG A NH2 1 
ATOM   971  N N   . PHE A 1 127 ? -5.546  13.289  0.673   1.00 13.61 ? 127 PHE A N   1 
ATOM   972  C CA  . PHE A 1 127 ? -4.487  12.341  0.349   1.00 14.03 ? 127 PHE A CA  1 
ATOM   973  C C   . PHE A 1 127 ? -3.147  13.058  0.160   1.00 14.54 ? 127 PHE A C   1 
ATOM   974  O O   . PHE A 1 127 ? -2.125  12.639  0.702   1.00 11.82 ? 127 PHE A O   1 
ATOM   975  C CB  . PHE A 1 127 ? -4.843  11.569  -0.915  1.00 15.23 ? 127 PHE A CB  1 
ATOM   976  C CG  . PHE A 1 127 ? -3.813  10.556  -1.308  1.00 14.31 ? 127 PHE A CG  1 
ATOM   977  C CD1 . PHE A 1 127 ? -3.757  9.324   -0.668  1.00 18.02 ? 127 PHE A CD1 1 
ATOM   978  C CD2 . PHE A 1 127 ? -2.898  10.832  -2.318  1.00 15.05 ? 127 PHE A CD2 1 
ATOM   979  C CE1 . PHE A 1 127 ? -2.801  8.378   -1.028  1.00 17.63 ? 127 PHE A CE1 1 
ATOM   980  C CE2 . PHE A 1 127 ? -1.942  9.897   -2.684  1.00 13.17 ? 127 PHE A CE2 1 
ATOM   981  C CZ  . PHE A 1 127 ? -1.892  8.668   -2.039  1.00 16.33 ? 127 PHE A CZ  1 
ATOM   982  N N   . GLN A 1 128 ? -3.165  14.132  -0.623  1.00 13.82 ? 128 GLN A N   1 
ATOM   983  C CA  . GLN A 1 128 ? -1.962  14.926  -0.886  1.00 14.48 ? 128 GLN A CA  1 
ATOM   984  C C   . GLN A 1 128 ? -1.314  15.407  0.421   1.00 14.32 ? 128 GLN A C   1 
ATOM   985  O O   . GLN A 1 128 ? -0.088  15.466  0.533   1.00 14.75 ? 128 GLN A O   1 
ATOM   986  C CB  . GLN A 1 128 ? -2.332  16.117  -1.776  1.00 13.70 ? 128 GLN A CB  1 
ATOM   987  C CG  . GLN A 1 128 ? -1.159  16.976  -2.231  1.00 15.57 ? 128 GLN A CG  1 
ATOM   988  C CD  . GLN A 1 128 ? -1.580  18.011  -3.259  1.00 15.65 ? 128 GLN A CD  1 
ATOM   989  O OE1 . GLN A 1 128 ? -1.024  18.073  -4.353  1.00 17.64 ? 128 GLN A OE1 1 
ATOM   990  N NE2 . GLN A 1 128 ? -2.583  18.810  -2.919  1.00 13.52 ? 128 GLN A NE2 1 
ATOM   991  N N   . SER A 1 129 ? -2.139  15.715  1.423   1.00 16.46 ? 129 SER A N   1 
ATOM   992  C CA  . SER A 1 129 ? -1.629  16.175  2.714   1.00 16.23 ? 129 SER A CA  1 
ATOM   993  C C   . SER A 1 129 ? -0.892  15.094  3.511   1.00 15.39 ? 129 SER A C   1 
ATOM   994  O O   . SER A 1 129 ? 0.053   15.398  4.234   1.00 15.85 ? 129 SER A O   1 
ATOM   995  C CB  . SER A 1 129 ? -2.762  16.759  3.568   1.00 20.83 ? 129 SER A CB  1 
ATOM   996  O OG  . SER A 1 129 ? -3.358  17.881  2.937   1.00 26.84 ? 129 SER A OG  1 
ATOM   997  N N   . GLU A 1 130 ? -1.313  13.837  3.370   1.00 13.90 ? 130 GLU A N   1 
ATOM   998  C CA  . GLU A 1 130 ? -0.699  12.720  4.100   1.00 14.35 ? 130 GLU A CA  1 
ATOM   999  C C   . GLU A 1 130 ? 0.430   11.998  3.359   1.00 12.26 ? 130 GLU A C   1 
ATOM   1000 O O   . GLU A 1 130 ? 1.345   11.458  3.980   1.00 12.72 ? 130 GLU A O   1 
ATOM   1001 C CB  . GLU A 1 130 ? -1.763  11.664  4.439   1.00 16.17 ? 130 GLU A CB  1 
ATOM   1002 C CG  . GLU A 1 130 ? -2.966  12.158  5.227   1.00 21.90 ? 130 GLU A CG  1 
ATOM   1003 C CD  . GLU A 1 130 ? -4.012  11.066  5.454   1.00 24.71 ? 130 GLU A CD  1 
ATOM   1004 O OE1 . GLU A 1 130 ? -4.920  11.289  6.280   1.00 26.97 ? 130 GLU A OE1 1 
ATOM   1005 O OE2 . GLU A 1 130 ? -3.935  9.993   4.809   1.00 21.53 ? 130 GLU A OE2 1 
ATOM   1006 N N   . TRP A 1 131 ? 0.334   11.962  2.034   1.00 9.83  ? 131 TRP A N   1 
ATOM   1007 C CA  . TRP A 1 131 ? 1.298   11.259  1.177   1.00 9.87  ? 131 TRP A CA  1 
ATOM   1008 C C   . TRP A 1 131 ? 2.714   11.840  1.137   1.00 10.81 ? 131 TRP A C   1 
ATOM   1009 O O   . TRP A 1 131 ? 2.905   13.037  0.899   1.00 11.78 ? 131 TRP A O   1 
ATOM   1010 C CB  . TRP A 1 131 ? 0.715   11.183  -0.240  1.00 9.51  ? 131 TRP A CB  1 
ATOM   1011 C CG  . TRP A 1 131 ? 1.455   10.322  -1.233  1.00 9.44  ? 131 TRP A CG  1 
ATOM   1012 C CD1 . TRP A 1 131 ? 2.105   9.142   -0.992  1.00 10.61 ? 131 TRP A CD1 1 
ATOM   1013 C CD2 . TRP A 1 131 ? 1.530   10.540  -2.640  1.00 11.40 ? 131 TRP A CD2 1 
ATOM   1014 N NE1 . TRP A 1 131 ? 2.568   8.605   -2.173  1.00 9.34  ? 131 TRP A NE1 1 
ATOM   1015 C CE2 . TRP A 1 131 ? 2.227   9.447   -3.200  1.00 10.40 ? 131 TRP A CE2 1 
ATOM   1016 C CE3 . TRP A 1 131 ? 1.065   11.556  -3.489  1.00 12.27 ? 131 TRP A CE3 1 
ATOM   1017 C CZ2 . TRP A 1 131 ? 2.469   9.340   -4.571  1.00 13.14 ? 131 TRP A CZ2 1 
ATOM   1018 C CZ3 . TRP A 1 131 ? 1.304   11.448  -4.851  1.00 15.73 ? 131 TRP A CZ3 1 
ATOM   1019 C CH2 . TRP A 1 131 ? 2.001   10.344  -5.379  1.00 13.35 ? 131 TRP A CH2 1 
ATOM   1020 N N   . THR A 1 132 ? 3.706   10.979  1.358   1.00 10.33 ? 132 THR A N   1 
ATOM   1021 C CA  . THR A 1 132 ? 5.107   11.392  1.323   1.00 10.24 ? 132 THR A CA  1 
ATOM   1022 C C   . THR A 1 132 ? 5.595   11.500  -0.119  1.00 11.81 ? 132 THR A C   1 
ATOM   1023 O O   . THR A 1 132 ? 6.674   12.031  -0.374  1.00 12.55 ? 132 THR A O   1 
ATOM   1024 C CB  . THR A 1 132 ? 6.037   10.374  2.024   1.00 10.64 ? 132 THR A CB  1 
ATOM   1025 O OG1 . THR A 1 132 ? 6.025   9.134   1.301   1.00 11.63 ? 132 THR A OG1 1 
ATOM   1026 C CG2 . THR A 1 132 ? 5.601   10.131  3.468   1.00 11.58 ? 132 THR A CG2 1 
ATOM   1027 N N   . GLY A 1 133 ? 4.795   10.991  -1.052  1.00 10.83 ? 133 GLY A N   1 
ATOM   1028 C CA  . GLY A 1 133 ? 5.178   10.990  -2.450  1.00 11.22 ? 133 GLY A CA  1 
ATOM   1029 C C   . GLY A 1 133 ? 5.717   9.624   -2.858  1.00 12.75 ? 133 GLY A C   1 
ATOM   1030 O O   . GLY A 1 133 ? 5.822   9.323   -4.046  1.00 12.38 ? 133 GLY A O   1 
ATOM   1031 N N   . LEU A 1 134 ? 6.051   8.789   -1.876  1.00 10.80 ? 134 LEU A N   1 
ATOM   1032 C CA  . LEU A 1 134 ? 6.577   7.459   -2.158  1.00 11.77 ? 134 LEU A CA  1 
ATOM   1033 C C   . LEU A 1 134 ? 5.490   6.509   -2.635  1.00 12.86 ? 134 LEU A C   1 
ATOM   1034 O O   . LEU A 1 134 ? 4.437   6.379   -2.002  1.00 10.24 ? 134 LEU A O   1 
ATOM   1035 C CB  . LEU A 1 134 ? 7.266   6.859   -0.924  1.00 15.46 ? 134 LEU A CB  1 
ATOM   1036 C CG  . LEU A 1 134 ? 7.851   5.453   -1.139  1.00 19.44 ? 134 LEU A CG  1 
ATOM   1037 C CD1 . LEU A 1 134 ? 9.050   5.527   -2.072  1.00 21.85 ? 134 LEU A CD1 1 
ATOM   1038 C CD2 . LEU A 1 134 ? 8.257   4.836   0.186   1.00 24.00 ? 134 LEU A CD2 1 
ATOM   1039 N N   . ALA A 1 135 ? 5.750   5.859   -3.767  1.00 11.39 ? 135 ALA A N   1 
ATOM   1040 C CA  . ALA A 1 135 ? 4.819   4.893   -4.342  1.00 11.37 ? 135 ALA A CA  1 
ATOM   1041 C C   . ALA A 1 135 ? 5.605   3.637   -4.701  1.00 13.28 ? 135 ALA A C   1 
ATOM   1042 O O   . ALA A 1 135 ? 6.711   3.720   -5.234  1.00 13.65 ? 135 ALA A O   1 
ATOM   1043 C CB  . ALA A 1 135 ? 4.146   5.466   -5.588  1.00 11.33 ? 135 ALA A CB  1 
ATOM   1044 N N   . ILE A 1 136 ? 5.050   2.481   -4.357  1.00 12.41 ? 136 ILE A N   1 
ATOM   1045 C CA  . ILE A 1 136 ? 5.690   1.205   -4.648  1.00 13.92 ? 136 ILE A CA  1 
ATOM   1046 C C   . ILE A 1 136 ? 4.780   0.433   -5.586  1.00 14.07 ? 136 ILE A C   1 
ATOM   1047 O O   . ILE A 1 136 ? 3.619   0.167   -5.266  1.00 12.60 ? 136 ILE A O   1 
ATOM   1048 C CB  . ILE A 1 136 ? 5.946   0.384   -3.356  1.00 16.24 ? 136 ILE A CB  1 
ATOM   1049 C CG1 . ILE A 1 136 ? 6.857   1.172   -2.410  1.00 16.69 ? 136 ILE A CG1 1 
ATOM   1050 C CG2 . ILE A 1 136 ? 6.593   -0.970  -3.702  1.00 17.25 ? 136 ILE A CG2 1 
ATOM   1051 C CD1 . ILE A 1 136 ? 6.957   0.594   -1.011  1.00 18.80 ? 136 ILE A CD1 1 
ATOM   1052 N N   . PHE A 1 137 ? 5.313   0.115   -6.764  1.00 15.78 ? 137 PHE A N   1 
ATOM   1053 C CA  . PHE A 1 137 ? 4.591   -0.631  -7.786  1.00 17.33 ? 137 PHE A CA  1 
ATOM   1054 C C   . PHE A 1 137 ? 5.112   -2.062  -7.851  1.00 20.34 ? 137 PHE A C   1 
ATOM   1055 O O   . PHE A 1 137 ? 6.325   -2.291  -7.826  1.00 19.33 ? 137 PHE A O   1 
ATOM   1056 C CB  . PHE A 1 137 ? 4.756   0.049   -9.153  1.00 17.44 ? 137 PHE A CB  1 
ATOM   1057 C CG  . PHE A 1 137 ? 4.054   1.378   -9.262  1.00 17.65 ? 137 PHE A CG  1 
ATOM   1058 C CD1 . PHE A 1 137 ? 2.795   1.466   -9.845  1.00 17.56 ? 137 PHE A CD1 1 
ATOM   1059 C CD2 . PHE A 1 137 ? 4.639   2.534   -8.758  1.00 18.41 ? 137 PHE A CD2 1 
ATOM   1060 C CE1 . PHE A 1 137 ? 2.124   2.682   -9.920  1.00 17.08 ? 137 PHE A CE1 1 
ATOM   1061 C CE2 . PHE A 1 137 ? 3.978   3.759   -8.829  1.00 17.41 ? 137 PHE A CE2 1 
ATOM   1062 C CZ  . PHE A 1 137 ? 2.716   3.833   -9.408  1.00 15.92 ? 137 PHE A CZ  1 
ATOM   1063 N N   . LEU A 1 138 ? 4.191   -3.021  -7.920  1.00 20.81 ? 138 LEU A N   1 
ATOM   1064 C CA  . LEU A 1 138 ? 4.549   -4.435  -7.987  1.00 25.76 ? 138 LEU A CA  1 
ATOM   1065 C C   . LEU A 1 138 ? 3.913   -5.081  -9.211  1.00 27.70 ? 138 LEU A C   1 
ATOM   1066 O O   . LEU A 1 138 ? 2.810   -4.715  -9.616  1.00 27.29 ? 138 LEU A O   1 
ATOM   1067 C CB  . LEU A 1 138 ? 4.069   -5.177  -6.736  1.00 27.78 ? 138 LEU A CB  1 
ATOM   1068 C CG  . LEU A 1 138 ? 4.310   -4.573  -5.353  1.00 29.76 ? 138 LEU A CG  1 
ATOM   1069 C CD1 . LEU A 1 138 ? 3.762   -5.516  -4.301  1.00 31.77 ? 138 LEU A CD1 1 
ATOM   1070 C CD2 . LEU A 1 138 ? 5.784   -4.320  -5.121  1.00 31.79 ? 138 LEU A CD2 1 
ATOM   1071 N N   . ALA A 1 139 ? 4.602   -6.066  -9.775  1.00 32.35 ? 139 ALA A N   1 
ATOM   1072 C CA  . ALA A 1 139 ? 4.104   -6.778  -10.948 1.00 37.21 ? 139 ALA A CA  1 
ATOM   1073 C C   . ALA A 1 139 ? 4.675   -8.189  -10.989 1.00 39.76 ? 139 ALA A C   1 
ATOM   1074 O O   . ALA A 1 139 ? 5.852   -8.397  -10.695 1.00 39.30 ? 139 ALA A O   1 
ATOM   1075 C CB  . ALA A 1 139 ? 4.479   -6.023  -12.216 1.00 37.12 ? 139 ALA A CB  1 
ATOM   1076 N N   . PRO A 1 140 ? 3.835   -9.188  -11.312 1.00 43.56 ? 140 PRO A N   1 
ATOM   1077 C CA  . PRO A 1 140 ? 4.285   -10.583 -11.386 1.00 46.34 ? 140 PRO A CA  1 
ATOM   1078 C C   . PRO A 1 140 ? 5.313   -10.748 -12.501 1.00 48.86 ? 140 PRO A C   1 
ATOM   1079 O O   . PRO A 1 140 ? 5.074   -10.335 -13.638 1.00 50.13 ? 140 PRO A O   1 
ATOM   1080 C CB  . PRO A 1 140 ? 2.995   -11.337 -11.714 1.00 46.32 ? 140 PRO A CB  1 
ATOM   1081 C CG  . PRO A 1 140 ? 1.936   -10.490 -11.087 1.00 45.73 ? 140 PRO A CG  1 
ATOM   1082 C CD  . PRO A 1 140 ? 2.375   -9.104  -11.484 1.00 44.38 ? 140 PRO A CD  1 
ATOM   1083 N N   . GLN A 1 141 ? 6.469   -11.314 -12.167 1.00 51.71 ? 141 GLN A N   1 
ATOM   1084 C CA  . GLN A 1 141 ? 7.526   -11.525 -13.154 1.00 53.86 ? 141 GLN A CA  1 
ATOM   1085 C C   . GLN A 1 141 ? 7.438   -12.904 -13.808 1.00 54.87 ? 141 GLN A C   1 
ATOM   1086 O O   . GLN A 1 141 ? 7.009   -13.864 -13.125 1.00 55.40 ? 141 GLN A O   1 
ATOM   1087 C CB  . GLN A 1 141 ? 8.908   -11.318 -12.521 1.00 54.63 ? 141 GLN A CB  1 
ATOM   1088 C CG  . GLN A 1 141 ? 9.241   -12.272 -11.379 1.00 55.35 ? 141 GLN A CG  1 
ATOM   1089 C CD  . GLN A 1 141 ? 10.611  -12.019 -10.768 1.00 56.55 ? 141 GLN A CD  1 
ATOM   1090 O OE1 . GLN A 1 141 ? 11.130  -12.853 -10.024 1.00 56.79 ? 141 GLN A OE1 1 
ATOM   1091 N NE2 . GLN A 1 141 ? 11.200  -10.865 -11.074 1.00 56.90 ? 141 GLN A NE2 1 
HETATM 1092 O O   . HOH B 2 .   ? -2.420  -7.960  11.977  1.00 12.93 ? 157 HOH A O   1 
HETATM 1093 O O   . HOH B 2 .   ? 1.775   14.601  -1.168  1.00 15.02 ? 158 HOH A O   1 
HETATM 1094 O O   . HOH B 2 .   ? 4.305   15.216  1.556   1.00 12.33 ? 159 HOH A O   1 
HETATM 1095 O O   . HOH B 2 .   ? 1.486   16.987  -5.078  1.00 13.83 ? 160 HOH A O   1 
HETATM 1096 O O   . HOH B 2 .   ? 5.313   -13.249 12.027  1.00 16.35 ? 161 HOH A O   1 
HETATM 1097 O O   . HOH B 2 .   ? 1.966   16.796  2.219   1.00 17.17 ? 162 HOH A O   1 
HETATM 1098 O O   . HOH B 2 .   ? -7.402  6.636   6.252   1.00 16.60 ? 163 HOH A O   1 
HETATM 1099 O O   . HOH B 2 .   ? 3.451   6.661   7.872   1.00 21.70 ? 164 HOH A O   1 
HETATM 1100 O O   . HOH B 2 .   ? 11.521  8.377   -8.178  1.00 20.61 ? 165 HOH A O   1 
HETATM 1101 O O   . HOH B 2 .   ? -3.498  19.052  -0.035  1.00 19.49 ? 166 HOH A O   1 
HETATM 1102 O O   . HOH B 2 .   ? -14.692 0.881   4.119   1.00 21.37 ? 167 HOH A O   1 
HETATM 1103 O O   . HOH B 2 .   ? 5.219   14.647  -3.848  1.00 23.15 ? 168 HOH A O   1 
HETATM 1104 O O   . HOH B 2 .   ? 1.624   -0.652  11.015  1.00 23.34 ? 169 HOH A O   1 
HETATM 1105 O O   . HOH B 2 .   ? -2.539  17.688  -11.546 1.00 24.63 ? 170 HOH A O   1 
HETATM 1106 O O   . HOH B 2 .   ? -0.071  13.700  7.457   1.00 22.11 ? 171 HOH A O   1 
HETATM 1107 O O   . HOH B 2 .   ? -3.378  -13.184 8.097   1.00 23.05 ? 172 HOH A O   1 
HETATM 1108 O O   . HOH B 2 .   ? -6.362  -9.553  8.202   1.00 21.65 ? 173 HOH A O   1 
HETATM 1109 O O   . HOH B 2 .   ? -10.532 3.928   14.678  1.00 21.50 ? 174 HOH A O   1 
HETATM 1110 O O   . HOH B 2 .   ? -5.883  4.883   9.565   1.00 21.75 ? 175 HOH A O   1 
HETATM 1111 O O   . HOH B 2 .   ? 7.108   14.452  -1.744  1.00 25.10 ? 176 HOH A O   1 
HETATM 1112 O O   . HOH B 2 .   ? 3.399   3.773   11.817  1.00 30.20 ? 177 HOH A O   1 
HETATM 1113 O O   . HOH B 2 .   ? 10.719  3.378   5.059   1.00 31.80 ? 178 HOH A O   1 
HETATM 1114 O O   . HOH B 2 .   ? -2.885  -10.370 14.937  1.00 24.71 ? 179 HOH A O   1 
HETATM 1115 O O   . HOH B 2 .   ? -4.906  -0.380  -13.837 1.00 25.53 ? 180 HOH A O   1 
HETATM 1116 O O   . HOH B 2 .   ? -3.093  10.751  -19.382 1.00 23.01 ? 181 HOH A O   1 
HETATM 1117 O O   . HOH B 2 .   ? -5.371  4.091   -15.313 1.00 41.32 ? 182 HOH A O   1 
HETATM 1118 O O   . HOH B 2 .   ? -13.927 4.297   5.709   1.00 29.95 ? 183 HOH A O   1 
HETATM 1119 O O   . HOH B 2 .   ? -12.626 -6.769  5.096   1.00 38.87 ? 184 HOH A O   1 
HETATM 1120 O O   . HOH B 2 .   ? -1.907  -12.152 -0.313  1.00 30.54 ? 185 HOH A O   1 
HETATM 1121 O O   . HOH B 2 .   ? -4.291  14.329  -8.677  1.00 28.27 ? 186 HOH A O   1 
HETATM 1122 O O   . HOH B 2 .   ? -11.611 12.681  2.119   1.00 28.05 ? 187 HOH A O   1 
HETATM 1123 O O   . HOH B 2 .   ? 12.778  3.716   -9.194  1.00 34.02 ? 188 HOH A O   1 
HETATM 1124 O O   . HOH B 2 .   ? 0.682   2.194   11.018  1.00 31.67 ? 189 HOH A O   1 
HETATM 1125 O O   . HOH B 2 .   ? -7.057  -1.430  -8.847  1.00 24.21 ? 190 HOH A O   1 
HETATM 1126 O O   . HOH B 2 .   ? 1.895   -4.465  16.967  1.00 31.45 ? 191 HOH A O   1 
HETATM 1127 O O   . HOH B 2 .   ? 10.804  -3.585  7.823   1.00 29.73 ? 192 HOH A O   1 
HETATM 1128 O O   . HOH B 2 .   ? -5.724  -5.511  -3.711  1.00 27.89 ? 193 HOH A O   1 
HETATM 1129 O O   . HOH B 2 .   ? -8.724  1.486   -11.246 1.00 34.27 ? 194 HOH A O   1 
HETATM 1130 O O   . HOH B 2 .   ? 13.074  1.139   -7.395  1.00 33.70 ? 195 HOH A O   1 
HETATM 1131 O O   . HOH B 2 .   ? -8.610  -6.731  10.716  1.00 26.43 ? 196 HOH A O   1 
HETATM 1132 O O   . HOH B 2 .   ? -4.119  12.071  -22.091 1.00 33.69 ? 197 HOH A O   1 
HETATM 1133 O O   . HOH B 2 .   ? -7.934  -5.535  -5.586  1.00 32.66 ? 198 HOH A O   1 
HETATM 1134 O O   . HOH B 2 .   ? -7.648  11.369  -11.626 1.00 40.51 ? 199 HOH A O   1 
HETATM 1135 O O   . HOH B 2 .   ? -5.667  18.079  -4.961  1.00 35.83 ? 200 HOH A O   1 
HETATM 1136 O O   . HOH B 2 .   ? -16.368 6.126   0.336   1.00 46.37 ? 201 HOH A O   1 
HETATM 1137 O O   . HOH B 2 .   ? -3.238  -10.548 12.048  1.00 18.46 ? 202 HOH A O   1 
HETATM 1138 O O   . HOH B 2 .   ? -4.439  16.607  -7.065  1.00 23.43 ? 203 HOH A O   1 
HETATM 1139 O O   . HOH B 2 .   ? -13.715 -2.368  2.476   1.00 25.97 ? 204 HOH A O   1 
HETATM 1140 O O   . HOH B 2 .   ? -8.864  -9.584  9.716   1.00 22.23 ? 205 HOH A O   1 
HETATM 1141 O O   . HOH B 2 .   ? 13.076  2.034   3.766   1.00 30.02 ? 206 HOH A O   1 
HETATM 1142 O O   . HOH B 2 .   ? -4.967  -11.497 10.007  1.00 25.00 ? 207 HOH A O   1 
HETATM 1143 O O   . HOH B 2 .   ? 6.018   17.150  -5.025  1.00 25.05 ? 208 HOH A O   1 
HETATM 1144 O O   . HOH B 2 .   ? 3.929   -2.098  9.090   1.00 32.10 ? 209 HOH A O   1 
HETATM 1145 O O   . HOH B 2 .   ? -7.102  -11.529 6.350   1.00 33.90 ? 210 HOH A O   1 
HETATM 1146 O O   . HOH B 2 .   ? 10.401  -0.491  11.528  1.00 49.40 ? 211 HOH A O   1 
HETATM 1147 O O   . HOH B 2 .   ? -9.938  7.933   6.240   1.00 37.41 ? 212 HOH A O   1 
HETATM 1148 O O   . HOH B 2 .   ? 1.436   -2.794  -7.957  1.00 37.18 ? 213 HOH A O   1 
HETATM 1149 O O   . HOH B 2 .   ? 8.103   -2.794  -11.505 1.00 36.43 ? 214 HOH A O   1 
HETATM 1150 O O   . HOH B 2 .   ? -15.287 -7.718  7.305   1.00 40.17 ? 215 HOH A O   1 
HETATM 1151 O O   . HOH B 2 .   ? -7.606  -3.920  -7.832  1.00 36.61 ? 216 HOH A O   1 
HETATM 1152 O O   . HOH B 2 .   ? -2.244  15.468  6.824   1.00 34.13 ? 217 HOH A O   1 
HETATM 1153 O O   . HOH B 2 .   ? -6.683  -2.559  -11.426 1.00 39.79 ? 218 HOH A O   1 
HETATM 1154 O O   . HOH B 2 .   ? 3.186   6.328   -21.815 1.00 40.91 ? 219 HOH A O   1 
HETATM 1155 O O   . HOH B 2 .   ? -6.347  14.869  -10.504 1.00 35.32 ? 220 HOH A O   1 
HETATM 1156 O O   . HOH B 2 .   ? -9.023  5.782   11.990  1.00 36.67 ? 221 HOH A O   1 
HETATM 1157 O O   . HOH B 2 .   ? 3.167   16.312  -2.753  1.00 35.00 ? 222 HOH A O   1 
HETATM 1158 O O   . HOH B 2 .   ? -11.266 -6.526  9.421   1.00 41.32 ? 223 HOH A O   1 
HETATM 1159 O O   . HOH B 2 .   ? -11.547 -7.086  0.316   1.00 45.03 ? 224 HOH A O   1 
HETATM 1160 O O   . HOH B 2 .   ? 8.002   -13.014 12.678  1.00 43.68 ? 225 HOH A O   1 
HETATM 1161 O O   . HOH B 2 .   ? -0.457  5.446   -24.586 1.00 40.25 ? 226 HOH A O   1 
HETATM 1162 O O   . HOH B 2 .   ? -9.262  4.464   -11.766 1.00 35.95 ? 227 HOH A O   1 
HETATM 1163 O O   . HOH B 2 .   ? 1.343   17.249  -8.141  1.00 31.03 ? 228 HOH A O   1 
HETATM 1164 O O   . HOH B 2 .   ? -4.813  -12.830 1.317   1.00 41.05 ? 229 HOH A O   1 
HETATM 1165 O O   . HOH B 2 .   ? -1.909  13.443  10.139  1.00 45.06 ? 230 HOH A O   1 
HETATM 1166 O O   . HOH B 2 .   ? 11.609  11.360  -8.514  1.00 44.16 ? 231 HOH A O   1 
HETATM 1167 O O   . HOH B 2 .   ? -11.510 -9.250  5.996   1.00 45.43 ? 232 HOH A O   1 
HETATM 1168 O O   . HOH B 2 .   ? 13.129  -12.288 6.780   1.00 46.74 ? 233 HOH A O   1 
HETATM 1169 O O   . HOH B 2 .   ? 7.157   -8.197  14.569  1.00 36.19 ? 234 HOH A O   1 
HETATM 1170 O O   . HOH B 2 .   ? -12.787 7.144   5.508   1.00 31.07 ? 235 HOH A O   1 
HETATM 1171 O O   . HOH B 2 .   ? 11.391  1.550   -1.136  1.00 47.88 ? 236 HOH A O   1 
HETATM 1172 O O   . HOH B 2 .   ? -1.417  18.283  -9.087  0.50 24.36 ? 237 HOH A O   1 
HETATM 1173 O O   . HOH B 2 .   ? -12.959 -4.709  10.664  1.00 32.08 ? 238 HOH A O   1 
HETATM 1174 O O   . HOH B 2 .   ? -9.565  17.418  -3.011  1.00 28.48 ? 239 HOH A O   1 
HETATM 1175 O O   . HOH B 2 .   ? -6.520  17.717  -8.916  0.50 31.21 ? 240 HOH A O   1 
HETATM 1176 O O   . HOH B 2 .   ? -4.544  14.162  -18.182 1.00 46.23 ? 241 HOH A O   1 
HETATM 1177 O O   . HOH B 2 .   ? 2.432   3.046   -18.541 1.00 49.29 ? 242 HOH A O   1 
HETATM 1178 O O   . HOH B 2 .   ? -11.706 9.336   3.351   1.00 48.47 ? 243 HOH A O   1 
HETATM 1179 O O   . HOH B 2 .   ? 9.492   -9.893  11.955  1.00 49.55 ? 244 HOH A O   1 
HETATM 1180 O O   . HOH B 2 .   ? -6.142  18.547  3.324   1.00 46.82 ? 245 HOH A O   1 
HETATM 1181 O O   . HOH B 2 .   ? -9.195  -10.464 4.333   1.00 47.53 ? 246 HOH A O   1 
HETATM 1182 O O   . HOH B 2 .   ? -7.559  10.402  7.005   1.00 48.37 ? 247 HOH A O   1 
HETATM 1183 O O   . HOH B 2 .   ? 15.250  1.502   5.897   1.00 47.43 ? 248 HOH A O   1 
HETATM 1184 O O   . HOH B 2 .   ? 8.545   -20.856 4.174   1.00 49.45 ? 249 HOH A O   1 
HETATM 1185 O O   . HOH B 2 .   ? -3.645  -16.202 3.533   1.00 45.67 ? 250 HOH A O   1 
HETATM 1186 O O   . HOH B 2 .   ? 6.849   7.551   15.702  1.00 49.95 ? 251 HOH A O   1 
# 
